data_3SX2
#
_entry.id   3SX2
#
_cell.length_a   64.460
_cell.length_b   70.760
_cell.length_c   125.680
_cell.angle_alpha   97.01
_cell.angle_beta   93.92
_cell.angle_gamma   86.91
#
_symmetry.space_group_name_H-M   'P 1'
#
loop_
_entity.id
_entity.type
_entity.pdbx_description
1 polymer 'Putative 3-ketoacyl-(acyl-carrier-protein) reductase'
2 non-polymer NICOTINAMIDE-ADENINE-DINUCLEOTIDE
3 non-polymer (4S)-2-METHYL-2,4-PENTANEDIOL
4 water water
#
_entity_poly.entity_id   1
_entity_poly.type   'polypeptide(L)'
_entity_poly.pdbx_seq_one_letter_code
;GSMPRSSEGPLTGKVAFITGAARGQGRAHAVRLAADGADIIAVDLCDQIASVPYPLATPEELAATVKLVEDIGSRIVARQ
ADVRDRESLSAALQAGLDELGRLDIVVANAGIAPMSAGDDGWHDVIDVNLTGVYHTIKVAIPTLVKQGTGGSIVLISSSA
GLAGVGSADPGSVGYVAAKHGVVGLMRVYANLLAGQMIRVNSIHPSGVETPMINNEFTREWLAKMAAATDTPGAMGNAMP
VEVLAPEDVANAVAWLVSDQARYITGVTLPVDAGFLNK
;
_entity_poly.pdbx_strand_id   A,B,C,D,E,F,G,H
#
# COMPACT_ATOMS: atom_id res chain seq x y z
N GLY A 9 -0.32 46.28 30.62
CA GLY A 9 -0.97 45.12 29.97
C GLY A 9 -2.35 44.77 30.52
N PRO A 10 -2.99 43.74 29.95
CA PRO A 10 -4.34 43.35 30.37
C PRO A 10 -4.44 42.88 31.83
N LEU A 11 -3.32 42.45 32.43
CA LEU A 11 -3.32 41.99 33.83
C LEU A 11 -2.75 43.02 34.81
N THR A 12 -2.56 44.27 34.39
CA THR A 12 -2.08 45.30 35.30
C THR A 12 -3.03 45.41 36.50
N GLY A 13 -2.44 45.45 37.69
CA GLY A 13 -3.19 45.54 38.94
C GLY A 13 -3.60 44.20 39.55
N LYS A 14 -3.35 43.10 38.84
CA LYS A 14 -3.70 41.76 39.34
C LYS A 14 -2.49 41.03 39.89
N VAL A 15 -2.77 40.03 40.72
CA VAL A 15 -1.69 39.25 41.36
C VAL A 15 -1.90 37.77 41.04
N ALA A 16 -0.82 37.10 40.62
CA ALA A 16 -0.82 35.67 40.29
C ALA A 16 0.07 34.90 41.27
N PHE A 17 -0.48 33.87 41.89
CA PHE A 17 0.23 32.93 42.80
C PHE A 17 0.57 31.72 41.98
N ILE A 18 1.85 31.37 41.88
CA ILE A 18 2.35 30.32 40.99
C ILE A 18 3.23 29.37 41.80
N THR A 19 2.85 28.10 41.86
CA THR A 19 3.68 27.10 42.51
C THR A 19 4.63 26.47 41.50
N GLY A 20 5.76 25.98 42.00
CA GLY A 20 6.82 25.47 41.14
C GLY A 20 7.41 26.51 40.22
N ALA A 21 7.58 27.74 40.72
CA ALA A 21 7.95 28.91 39.90
C ALA A 21 9.45 29.05 39.70
N ALA A 22 10.29 28.12 40.20
CA ALA A 22 11.73 28.32 40.11
C ALA A 22 12.31 28.11 38.73
N ARG A 23 11.64 27.34 37.90
CA ARG A 23 12.16 27.01 36.57
C ARG A 23 11.04 26.46 35.71
N GLY A 24 11.38 26.04 34.51
CA GLY A 24 10.45 25.29 33.71
C GLY A 24 9.17 26.04 33.39
N GLN A 25 8.06 25.32 33.40
CA GLN A 25 6.79 25.96 33.08
C GLN A 25 6.39 27.04 34.08
N GLY A 26 6.66 26.81 35.36
CA GLY A 26 6.30 27.74 36.41
C GLY A 26 7.01 29.08 36.23
N ARG A 27 8.29 29.04 35.86
CA ARG A 27 9.02 30.27 35.54
C ARG A 27 8.41 30.93 34.30
N ALA A 28 8.06 30.12 33.29
CA ALA A 28 7.41 30.64 32.09
C ALA A 28 6.10 31.35 32.41
N HIS A 29 5.30 30.81 33.35
CA HIS A 29 4.08 31.49 33.74
C HIS A 29 4.42 32.83 34.43
N ALA A 30 5.41 32.81 35.32
CA ALA A 30 5.77 34.04 36.03
C ALA A 30 6.15 35.14 35.05
N VAL A 31 6.98 34.81 34.07
CA VAL A 31 7.43 35.85 33.14
CA VAL A 31 7.48 35.74 33.04
C VAL A 31 6.33 36.24 32.17
N ARG A 32 5.48 35.31 31.74
CA ARG A 32 4.40 35.63 30.81
C ARG A 32 3.33 36.51 31.46
N LEU A 33 2.92 36.16 32.67
CA LEU A 33 1.88 36.94 33.32
C LEU A 33 2.45 38.29 33.77
N ALA A 34 3.70 38.31 34.18
CA ALA A 34 4.38 39.61 34.47
C ALA A 34 4.44 40.52 33.24
N ALA A 35 4.76 39.94 32.09
CA ALA A 35 4.76 40.71 30.80
C ALA A 35 3.41 41.34 30.51
N ASP A 36 2.31 40.70 30.92
CA ASP A 36 0.96 41.26 30.77
C ASP A 36 0.55 42.21 31.89
N GLY A 37 1.45 42.44 32.84
CA GLY A 37 1.24 43.42 33.92
C GLY A 37 0.97 42.91 35.32
N ALA A 38 0.91 41.59 35.51
CA ALA A 38 0.61 41.03 36.81
C ALA A 38 1.81 41.10 37.74
N ASP A 39 1.53 41.28 39.01
CA ASP A 39 2.52 41.01 40.05
C ASP A 39 2.42 39.55 40.45
N ILE A 40 3.50 39.03 41.03
CA ILE A 40 3.69 37.60 41.20
C ILE A 40 3.99 37.19 42.64
N ILE A 41 3.34 36.13 43.10
CA ILE A 41 3.71 35.41 44.31
C ILE A 41 4.23 34.05 43.85
N ALA A 42 5.53 33.81 44.00
CA ALA A 42 6.21 32.66 43.45
C ALA A 42 6.69 31.76 44.54
N VAL A 43 6.40 30.47 44.46
CA VAL A 43 6.89 29.51 45.45
C VAL A 43 7.50 28.30 44.77
N ASP A 44 8.49 27.71 45.43
CA ASP A 44 9.11 26.48 44.98
C ASP A 44 9.74 25.77 46.13
N LEU A 45 9.83 24.46 46.06
CA LEU A 45 10.51 23.66 47.08
C LEU A 45 11.99 23.95 47.16
N CYS A 46 12.65 24.13 46.02
CA CYS A 46 14.08 24.41 45.99
C CYS A 46 14.90 23.38 46.79
N ASP A 47 14.50 22.12 46.67
CA ASP A 47 15.16 21.03 47.36
C ASP A 47 14.76 19.75 46.68
N GLN A 48 15.48 18.68 46.97
CA GLN A 48 15.25 17.40 46.31
C GLN A 48 14.25 16.53 47.06
N ILE A 49 13.50 15.74 46.28
CA ILE A 49 12.70 14.62 46.79
C ILE A 49 13.38 13.36 46.30
N ALA A 50 13.63 12.43 47.23
CA ALA A 50 14.57 11.34 46.97
C ALA A 50 14.08 10.39 45.88
N SER A 51 12.76 10.26 45.74
CA SER A 51 12.20 9.39 44.70
C SER A 51 12.25 9.92 43.27
N VAL A 52 12.70 11.16 43.10
CA VAL A 52 12.70 11.80 41.79
C VAL A 52 14.10 11.69 41.20
N PRO A 53 14.21 11.10 39.98
CA PRO A 53 15.49 10.69 39.40
C PRO A 53 16.19 11.79 38.59
N TYR A 54 15.72 13.01 38.69
CA TYR A 54 16.34 14.19 38.04
C TYR A 54 16.34 15.27 39.13
N PRO A 55 17.20 16.28 39.01
CA PRO A 55 17.24 17.30 40.05
C PRO A 55 16.04 18.20 40.05
N LEU A 56 15.50 18.47 41.22
CA LEU A 56 14.51 19.53 41.40
C LEU A 56 15.22 20.90 41.43
N ALA A 57 14.46 21.99 41.51
CA ALA A 57 15.04 23.35 41.36
C ALA A 57 15.94 23.64 42.52
N THR A 58 16.85 24.57 42.30
CA THR A 58 17.72 25.06 43.36
C THR A 58 17.20 26.41 43.88
N PRO A 59 17.65 26.85 45.09
CA PRO A 59 17.39 28.20 45.55
C PRO A 59 17.81 29.30 44.54
N GLU A 60 18.94 29.10 43.88
CA GLU A 60 19.44 30.05 42.90
C GLU A 60 18.51 30.18 41.70
N GLU A 61 17.84 29.08 41.32
CA GLU A 61 16.90 29.17 40.22
C GLU A 61 15.70 30.03 40.59
N LEU A 62 15.16 29.88 41.80
CA LEU A 62 14.06 30.75 42.24
C LEU A 62 14.50 32.24 42.24
N ALA A 63 15.71 32.49 42.72
CA ALA A 63 16.24 33.83 42.68
C ALA A 63 16.34 34.36 41.24
N ALA A 64 16.71 33.49 40.32
CA ALA A 64 16.77 33.87 38.90
C ALA A 64 15.38 34.24 38.35
N THR A 65 14.34 33.49 38.73
CA THR A 65 12.99 33.86 38.34
C THR A 65 12.63 35.27 38.85
N VAL A 66 12.96 35.53 40.10
CA VAL A 66 12.71 36.84 40.72
C VAL A 66 13.38 37.94 39.87
N LYS A 67 14.61 37.73 39.45
CA LYS A 67 15.34 38.78 38.66
C LYS A 67 14.65 39.00 37.32
N LEU A 68 14.24 37.90 36.66
CA LEU A 68 13.56 38.01 35.36
C LEU A 68 12.27 38.81 35.47
N VAL A 69 11.51 38.55 36.52
CA VAL A 69 10.24 39.24 36.69
C VAL A 69 10.46 40.71 37.09
N GLU A 70 11.42 40.98 37.95
CA GLU A 70 11.80 42.37 38.28
C GLU A 70 12.30 43.11 37.03
N ASP A 71 13.07 42.45 36.17
CA ASP A 71 13.55 43.11 34.92
C ASP A 71 12.41 43.49 34.00
N ILE A 72 11.36 42.67 33.99
CA ILE A 72 10.12 42.96 33.26
C ILE A 72 9.39 44.17 33.83
N GLY A 73 9.57 44.43 35.13
CA GLY A 73 8.97 45.57 35.79
C GLY A 73 7.84 45.29 36.75
N SER A 74 7.56 44.01 37.01
CA SER A 74 6.55 43.68 37.98
C SER A 74 7.15 43.48 39.36
N ARG A 75 6.28 43.56 40.38
CA ARG A 75 6.63 43.22 41.76
CA ARG A 75 6.66 43.22 41.75
C ARG A 75 6.51 41.71 41.94
N ILE A 76 7.37 41.12 42.75
CA ILE A 76 7.35 39.68 43.01
C ILE A 76 7.76 39.40 44.43
N VAL A 77 7.03 38.52 45.10
CA VAL A 77 7.40 37.98 46.39
C VAL A 77 7.66 36.49 46.17
N ALA A 78 8.84 36.01 46.49
CA ALA A 78 9.19 34.63 46.30
C ALA A 78 9.55 34.00 47.64
N ARG A 79 9.14 32.75 47.84
CA ARG A 79 9.44 31.97 49.03
C ARG A 79 9.69 30.53 48.69
N GLN A 80 10.58 29.91 49.44
CA GLN A 80 10.72 28.45 49.45
C GLN A 80 9.55 27.88 50.22
N ALA A 81 8.79 26.96 49.61
CA ALA A 81 7.64 26.36 50.24
C ALA A 81 7.38 25.01 49.60
N ASP A 82 6.78 24.12 50.35
CA ASP A 82 6.46 22.75 49.90
C ASP A 82 4.95 22.64 49.79
N VAL A 83 4.43 22.38 48.59
CA VAL A 83 2.99 22.22 48.40
C VAL A 83 2.38 21.09 49.23
N ARG A 84 3.21 20.12 49.63
CA ARG A 84 2.74 19.02 50.46
C ARG A 84 2.35 19.44 51.86
N ASP A 85 2.88 20.58 52.28
CA ASP A 85 2.75 21.09 53.68
C ASP A 85 1.89 22.35 53.61
N ARG A 86 0.62 22.18 53.95
CA ARG A 86 -0.34 23.27 53.84
C ARG A 86 0.11 24.51 54.62
N GLU A 87 0.69 24.30 55.79
CA GLU A 87 1.15 25.42 56.61
C GLU A 87 2.29 26.19 55.97
N SER A 88 3.21 25.45 55.38
CA SER A 88 4.33 26.05 54.62
C SER A 88 3.77 26.90 53.46
N LEU A 89 2.85 26.29 52.73
CA LEU A 89 2.27 26.95 51.58
C LEU A 89 1.46 28.18 51.95
N SER A 90 0.69 28.09 53.04
CA SER A 90 -0.10 29.21 53.46
CA SER A 90 -0.11 29.21 53.54
C SER A 90 0.75 30.40 53.96
N ALA A 91 1.81 30.09 54.69
CA ALA A 91 2.75 31.10 55.14
C ALA A 91 3.36 31.84 53.95
N ALA A 92 3.72 31.08 52.94
CA ALA A 92 4.32 31.71 51.77
C ALA A 92 3.33 32.61 51.06
N LEU A 93 2.12 32.09 50.80
CA LEU A 93 1.08 32.91 50.21
C LEU A 93 0.84 34.19 51.02
N GLN A 94 0.73 34.05 52.34
CA GLN A 94 0.46 35.21 53.22
C GLN A 94 1.57 36.26 53.12
N ALA A 95 2.84 35.84 52.99
CA ALA A 95 3.93 36.81 52.77
C ALA A 95 3.69 37.61 51.50
N GLY A 96 3.19 36.93 50.47
CA GLY A 96 2.86 37.63 49.25
C GLY A 96 1.68 38.56 49.37
N LEU A 97 0.64 38.13 50.10
CA LEU A 97 -0.54 38.97 50.27
C LEU A 97 -0.24 40.21 51.11
N ASP A 98 0.61 40.06 52.11
CA ASP A 98 0.99 41.20 52.98
C ASP A 98 1.63 42.33 52.14
N GLU A 99 2.43 41.95 51.16
CA GLU A 99 3.09 42.88 50.28
C GLU A 99 2.23 43.44 49.13
N LEU A 100 1.46 42.56 48.47
CA LEU A 100 0.74 42.89 47.24
C LEU A 100 -0.76 43.20 47.45
N GLY A 101 -1.31 42.75 48.57
CA GLY A 101 -2.64 43.17 49.03
C GLY A 101 -3.85 42.56 48.36
N ARG A 102 -3.64 41.61 47.47
CA ARG A 102 -4.75 40.97 46.76
C ARG A 102 -4.29 39.75 46.02
N LEU A 103 -5.27 38.97 45.54
CA LEU A 103 -4.99 37.77 44.74
C LEU A 103 -6.04 37.65 43.66
N ASP A 104 -5.62 37.34 42.43
CA ASP A 104 -6.56 37.17 41.31
C ASP A 104 -6.47 35.86 40.56
N ILE A 105 -5.27 35.29 40.51
CA ILE A 105 -4.93 34.18 39.63
C ILE A 105 -4.08 33.19 40.44
N VAL A 106 -4.42 31.92 40.32
CA VAL A 106 -3.69 30.81 40.95
C VAL A 106 -3.27 29.85 39.83
N VAL A 107 -2.00 29.48 39.76
CA VAL A 107 -1.50 28.48 38.81
C VAL A 107 -0.87 27.35 39.61
N ALA A 108 -1.56 26.22 39.71
CA ALA A 108 -1.12 25.09 40.54
C ALA A 108 -0.25 24.22 39.66
N ASN A 109 1.01 24.59 39.55
CA ASN A 109 1.93 24.03 38.56
C ASN A 109 2.96 23.08 39.18
N ALA A 110 3.36 23.24 40.46
CA ALA A 110 4.37 22.32 41.01
C ALA A 110 3.99 20.89 40.75
N GLY A 111 4.95 20.08 40.35
CA GLY A 111 4.70 18.65 40.16
C GLY A 111 6.05 17.93 40.04
N ILE A 112 5.99 16.61 40.23
CA ILE A 112 7.14 15.74 40.12
C ILE A 112 6.76 14.50 39.32
N ALA A 113 7.80 13.82 38.82
CA ALA A 113 7.64 12.55 38.08
C ALA A 113 8.62 11.55 38.64
N PRO A 114 8.33 11.00 39.81
CA PRO A 114 9.22 9.99 40.38
C PRO A 114 9.21 8.68 39.60
N MET A 115 10.28 7.92 39.72
CA MET A 115 10.43 6.67 38.99
C MET A 115 11.54 5.85 39.66
N SER A 116 11.40 4.53 39.60
CA SER A 116 12.49 3.65 40.07
C SER A 116 12.84 3.87 41.52
N ALA A 117 11.82 4.12 42.34
CA ALA A 117 11.91 4.34 43.77
C ALA A 117 11.02 3.45 44.59
N GLY A 118 10.37 2.47 43.98
CA GLY A 118 9.41 1.65 44.71
C GLY A 118 8.16 2.42 45.04
N ASP A 119 7.44 1.97 46.07
CA ASP A 119 6.21 2.65 46.45
C ASP A 119 6.39 4.06 47.02
N ASP A 120 7.60 4.45 47.42
CA ASP A 120 7.86 5.85 47.75
C ASP A 120 7.44 6.74 46.55
N GLY A 121 7.62 6.25 45.32
CA GLY A 121 7.21 7.01 44.16
C GLY A 121 5.72 7.27 44.08
N TRP A 122 4.93 6.24 44.41
CA TRP A 122 3.47 6.38 44.50
C TRP A 122 3.14 7.46 45.51
N HIS A 123 3.65 7.32 46.72
CA HIS A 123 3.24 8.21 47.78
C HIS A 123 3.69 9.63 47.50
N ASP A 124 4.89 9.83 46.98
CA ASP A 124 5.39 11.16 46.72
C ASP A 124 4.61 11.83 45.58
N VAL A 125 4.29 11.08 44.51
CA VAL A 125 3.59 11.71 43.39
C VAL A 125 2.16 12.08 43.76
N ILE A 126 1.49 11.24 44.59
CA ILE A 126 0.15 11.61 45.08
C ILE A 126 0.25 12.84 45.97
N ASP A 127 1.25 12.87 46.82
CA ASP A 127 1.41 13.96 47.79
CA ASP A 127 1.43 13.95 47.78
C ASP A 127 1.66 15.30 47.11
N VAL A 128 2.58 15.36 46.14
CA VAL A 128 2.87 16.61 45.44
C VAL A 128 1.81 16.95 44.40
N ASN A 129 1.49 15.99 43.54
CA ASN A 129 0.72 16.26 42.32
C ASN A 129 -0.78 16.26 42.54
N LEU A 130 -1.25 15.69 43.64
CA LEU A 130 -2.68 15.71 43.93
C LEU A 130 -2.97 16.49 45.23
N THR A 131 -2.47 16.02 46.36
CA THR A 131 -2.65 16.75 47.63
C THR A 131 -2.05 18.15 47.54
N GLY A 132 -0.91 18.32 46.86
CA GLY A 132 -0.30 19.64 46.73
C GLY A 132 -1.17 20.59 45.92
N VAL A 133 -1.86 20.06 44.92
CA VAL A 133 -2.80 20.89 44.16
C VAL A 133 -3.99 21.27 45.02
N TYR A 134 -4.56 20.30 45.71
CA TYR A 134 -5.62 20.60 46.72
C TYR A 134 -5.20 21.72 47.67
N HIS A 135 -4.02 21.62 48.24
CA HIS A 135 -3.52 22.62 49.14
C HIS A 135 -3.44 23.99 48.48
N THR A 136 -2.99 24.02 47.23
CA THR A 136 -2.83 25.27 46.50
C THR A 136 -4.18 25.98 46.31
N ILE A 137 -5.21 25.21 45.97
CA ILE A 137 -6.57 25.72 45.87
C ILE A 137 -7.04 26.21 47.25
N LYS A 138 -6.88 25.36 48.26
CA LYS A 138 -7.49 25.63 49.57
C LYS A 138 -6.88 26.86 50.22
N VAL A 139 -5.58 27.11 50.09
CA VAL A 139 -4.96 28.31 50.72
C VAL A 139 -5.41 29.60 50.03
N ALA A 140 -5.86 29.53 48.78
CA ALA A 140 -6.20 30.73 47.97
C ALA A 140 -7.68 31.11 48.04
N ILE A 141 -8.57 30.12 48.19
CA ILE A 141 -10.02 30.39 48.13
C ILE A 141 -10.51 31.51 49.06
N PRO A 142 -10.11 31.53 50.35
CA PRO A 142 -10.69 32.57 51.21
C PRO A 142 -10.43 33.97 50.70
N THR A 143 -9.24 34.26 50.24
CA THR A 143 -8.95 35.58 49.69
C THR A 143 -9.81 35.93 48.47
N LEU A 144 -9.91 34.99 47.53
CA LEU A 144 -10.67 35.22 46.32
C LEU A 144 -12.14 35.45 46.68
N VAL A 145 -12.67 34.67 47.61
CA VAL A 145 -14.07 34.82 47.97
C VAL A 145 -14.35 36.13 48.73
N LYS A 146 -13.46 36.47 49.67
CA LYS A 146 -13.61 37.69 50.47
C LYS A 146 -13.58 38.95 49.58
N GLN A 147 -12.73 38.97 48.57
CA GLN A 147 -12.60 40.12 47.65
C GLN A 147 -13.86 40.36 46.83
N GLY A 148 -14.52 39.30 46.42
CA GLY A 148 -15.77 39.42 45.66
C GLY A 148 -15.63 39.99 44.25
N THR A 149 -14.46 39.84 43.64
CA THR A 149 -14.22 40.34 42.29
C THR A 149 -13.88 39.21 41.29
N GLY A 150 -14.19 38.00 41.66
CA GLY A 150 -13.90 36.82 40.82
C GLY A 150 -12.41 36.51 40.75
N GLY A 151 -12.04 35.71 39.77
CA GLY A 151 -10.65 35.28 39.67
C GLY A 151 -10.53 34.05 38.82
N SER A 152 -9.32 33.49 38.76
CA SER A 152 -8.97 32.33 37.94
C SER A 152 -8.11 31.40 38.72
N ILE A 153 -8.49 30.14 38.71
CA ILE A 153 -7.68 29.03 39.24
C ILE A 153 -7.37 28.11 38.07
N VAL A 154 -6.09 27.86 37.81
CA VAL A 154 -5.63 27.05 36.69
C VAL A 154 -4.84 25.90 37.26
N LEU A 155 -5.29 24.67 37.00
CA LEU A 155 -4.61 23.48 37.53
C LEU A 155 -3.84 22.84 36.41
N ILE A 156 -2.59 22.46 36.64
CA ILE A 156 -1.76 21.83 35.61
C ILE A 156 -1.84 20.34 35.74
N SER A 157 -2.56 19.72 34.80
CA SER A 157 -2.67 18.27 34.75
C SER A 157 -1.63 17.79 33.69
N SER A 158 -2.02 16.94 32.74
CA SER A 158 -1.14 16.29 31.77
C SER A 158 -2.02 15.53 30.79
N SER A 159 -1.48 15.09 29.67
CA SER A 159 -2.14 14.04 28.90
C SER A 159 -2.53 12.86 29.77
N ALA A 160 -1.66 12.52 30.72
CA ALA A 160 -1.91 11.41 31.65
C ALA A 160 -2.98 11.65 32.67
N GLY A 161 -3.61 12.82 32.64
CA GLY A 161 -4.82 13.11 33.39
C GLY A 161 -6.12 12.71 32.68
N LEU A 162 -5.99 12.38 31.40
CA LEU A 162 -7.15 12.00 30.55
C LEU A 162 -6.95 10.72 29.77
N ALA A 163 -5.75 10.14 29.84
CA ALA A 163 -5.42 8.94 29.10
C ALA A 163 -4.51 8.09 29.98
N GLY A 164 -4.59 6.78 29.77
CA GLY A 164 -3.75 5.86 30.55
C GLY A 164 -2.37 5.63 29.97
N VAL A 165 -1.59 6.70 29.95
CA VAL A 165 -0.24 6.62 29.41
CA VAL A 165 -0.23 6.74 29.42
C VAL A 165 0.76 6.64 30.57
N GLY A 166 1.46 5.52 30.70
CA GLY A 166 2.36 5.35 31.83
C GLY A 166 3.01 3.99 31.72
N SER A 167 3.93 3.74 32.64
CA SER A 167 4.74 2.54 32.68
C SER A 167 4.45 1.79 33.97
N ALA A 168 5.05 0.60 34.09
CA ALA A 168 4.78 -0.27 35.19
C ALA A 168 5.71 0.10 36.37
N ASP A 169 5.46 1.23 36.95
CA ASP A 169 6.21 1.78 38.07
C ASP A 169 5.24 2.50 39.00
N PRO A 170 5.39 2.35 40.33
CA PRO A 170 4.45 3.02 41.25
C PRO A 170 4.39 4.52 41.00
N GLY A 171 5.50 5.16 40.66
CA GLY A 171 5.51 6.58 40.42
C GLY A 171 4.77 6.98 39.16
N SER A 172 4.80 6.10 38.18
CA SER A 172 4.17 6.36 36.88
C SER A 172 2.64 6.12 36.93
N VAL A 173 2.20 4.97 37.43
CA VAL A 173 0.75 4.80 37.67
C VAL A 173 0.23 5.85 38.68
N GLY A 174 1.04 6.26 39.66
CA GLY A 174 0.67 7.37 40.55
C GLY A 174 0.55 8.71 39.84
N TYR A 175 1.41 8.95 38.86
CA TYR A 175 1.32 10.17 38.05
C TYR A 175 0.01 10.20 37.27
N VAL A 176 -0.36 9.09 36.66
CA VAL A 176 -1.65 8.98 35.97
C VAL A 176 -2.79 9.24 36.96
N ALA A 177 -2.76 8.55 38.10
CA ALA A 177 -3.81 8.71 39.12
C ALA A 177 -3.91 10.13 39.62
N ALA A 178 -2.78 10.73 39.93
CA ALA A 178 -2.76 12.08 40.43
C ALA A 178 -3.28 13.06 39.43
N LYS A 179 -2.83 12.94 38.18
CA LYS A 179 -3.22 13.91 37.15
C LYS A 179 -4.69 13.76 36.78
N HIS A 180 -5.25 12.54 36.89
CA HIS A 180 -6.70 12.32 36.76
C HIS A 180 -7.42 12.96 37.95
N GLY A 181 -6.87 12.80 39.14
CA GLY A 181 -7.46 13.43 40.33
C GLY A 181 -7.51 14.94 40.23
N VAL A 182 -6.54 15.55 39.56
CA VAL A 182 -6.51 17.00 39.33
C VAL A 182 -7.69 17.43 38.48
N VAL A 183 -8.07 16.63 37.47
CA VAL A 183 -9.31 16.91 36.73
C VAL A 183 -10.51 16.90 37.68
N GLY A 184 -10.56 15.95 38.60
CA GLY A 184 -11.66 15.93 39.57
C GLY A 184 -11.74 17.19 40.40
N LEU A 185 -10.60 17.62 40.92
CA LEU A 185 -10.52 18.88 41.65
C LEU A 185 -11.04 20.05 40.80
N MET A 186 -10.62 20.10 39.54
CA MET A 186 -11.10 21.14 38.64
C MET A 186 -12.60 21.12 38.54
N ARG A 187 -13.16 19.96 38.30
CA ARG A 187 -14.57 19.89 38.01
C ARG A 187 -15.42 20.27 39.22
N VAL A 188 -15.06 19.78 40.39
CA VAL A 188 -15.85 20.08 41.59
C VAL A 188 -15.64 21.55 41.99
N TYR A 189 -14.40 22.04 41.97
CA TYR A 189 -14.22 23.46 42.32
C TYR A 189 -14.81 24.43 41.29
N ALA A 190 -14.82 24.06 40.01
CA ALA A 190 -15.48 24.94 39.03
C ALA A 190 -16.96 25.09 39.43
N ASN A 191 -17.59 23.99 39.87
CA ASN A 191 -18.99 24.08 40.30
C ASN A 191 -19.18 24.81 41.62
N LEU A 192 -18.32 24.55 42.59
CA LEU A 192 -18.42 25.18 43.92
C LEU A 192 -18.19 26.70 43.86
N LEU A 193 -17.34 27.13 42.93
CA LEU A 193 -16.85 28.52 42.90
C LEU A 193 -17.50 29.37 41.79
N ALA A 194 -18.26 28.76 40.88
CA ALA A 194 -18.87 29.47 39.76
C ALA A 194 -19.70 30.65 40.20
N GLY A 195 -20.43 30.48 41.28
CA GLY A 195 -21.31 31.57 41.77
C GLY A 195 -20.54 32.80 42.22
N GLN A 196 -19.28 32.62 42.55
CA GLN A 196 -18.37 33.71 42.93
C GLN A 196 -17.61 34.28 41.72
N MET A 197 -17.94 33.83 40.52
CA MET A 197 -17.25 34.26 39.29
C MET A 197 -15.77 33.93 39.32
N ILE A 198 -15.42 32.80 39.98
CA ILE A 198 -14.06 32.29 40.00
C ILE A 198 -14.02 31.13 39.01
N ARG A 199 -13.27 31.28 37.92
CA ARG A 199 -13.12 30.25 36.90
C ARG A 199 -12.10 29.22 37.34
N VAL A 200 -12.37 27.95 37.06
CA VAL A 200 -11.45 26.85 37.37
C VAL A 200 -11.36 25.96 36.16
N ASN A 201 -10.15 25.70 35.66
CA ASN A 201 -9.91 24.90 34.46
C ASN A 201 -8.64 24.11 34.66
N SER A 202 -8.44 23.10 33.83
CA SER A 202 -7.24 22.31 33.87
C SER A 202 -6.55 22.32 32.51
N ILE A 203 -5.21 22.32 32.55
CA ILE A 203 -4.39 22.35 31.34
C ILE A 203 -3.72 21.01 31.18
N HIS A 204 -3.73 20.46 29.95
CA HIS A 204 -3.18 19.13 29.73
C HIS A 204 -2.09 19.12 28.66
N PRO A 205 -0.83 19.45 29.05
CA PRO A 205 0.25 19.36 28.05
C PRO A 205 0.66 17.92 27.79
N SER A 206 1.05 17.66 26.56
N SER A 206 1.24 17.67 26.62
CA SER A 206 1.93 16.55 26.29
CA SER A 206 1.85 16.34 26.31
C SER A 206 3.32 17.09 26.62
C SER A 206 3.30 16.15 26.81
N GLY A 207 4.32 16.52 26.03
CA GLY A 207 5.65 16.75 26.55
C GLY A 207 6.05 18.19 26.35
N VAL A 208 6.74 18.74 27.34
CA VAL A 208 7.16 20.13 27.37
C VAL A 208 8.63 20.13 27.70
N GLU A 209 9.41 20.98 27.01
CA GLU A 209 10.87 20.95 27.18
C GLU A 209 11.30 21.60 28.51
N THR A 210 11.43 20.77 29.54
CA THR A 210 11.89 21.18 30.87
C THR A 210 12.74 20.08 31.46
N PRO A 211 13.39 20.35 32.61
CA PRO A 211 14.23 19.32 33.17
C PRO A 211 13.49 18.06 33.63
N MET A 212 12.17 18.13 33.78
CA MET A 212 11.39 16.93 34.10
C MET A 212 11.56 15.84 33.05
N ILE A 213 11.67 16.21 31.77
CA ILE A 213 11.80 15.21 30.71
C ILE A 213 13.09 15.31 29.94
N ASN A 214 13.80 16.41 30.05
CA ASN A 214 15.04 16.59 29.28
C ASN A 214 16.22 15.99 30.03
N ASN A 215 16.23 14.66 30.07
CA ASN A 215 17.25 13.91 30.77
C ASN A 215 17.36 12.51 30.13
N GLU A 216 18.56 11.89 30.22
CA GLU A 216 18.79 10.51 29.67
C GLU A 216 17.76 9.53 30.12
N PHE A 217 17.48 9.62 31.39
CA PHE A 217 16.58 8.76 32.02
C PHE A 217 15.21 8.69 31.33
N THR A 218 14.61 9.86 31.07
CA THR A 218 13.27 9.89 30.49
C THR A 218 13.33 9.36 29.08
N ARG A 219 14.36 9.69 28.34
CA ARG A 219 14.51 9.19 26.97
C ARG A 219 14.68 7.64 26.95
N GLU A 220 15.39 7.07 27.94
CA GLU A 220 15.40 5.60 28.13
C GLU A 220 14.02 5.00 28.20
N TRP A 221 13.26 5.53 29.14
CA TRP A 221 11.93 5.08 29.39
C TRP A 221 11.01 5.32 28.21
N LEU A 222 11.13 6.46 27.54
CA LEU A 222 10.35 6.67 26.32
C LEU A 222 10.68 5.64 25.24
N ALA A 223 11.96 5.24 25.12
CA ALA A 223 12.38 4.27 24.14
C ALA A 223 11.79 2.89 24.47
N LYS A 224 11.74 2.55 25.76
CA LYS A 224 11.10 1.29 26.16
C LYS A 224 9.59 1.31 25.92
N MET A 225 8.94 2.42 26.26
CA MET A 225 7.50 2.59 25.99
C MET A 225 7.21 2.45 24.50
N ALA A 226 8.05 3.07 23.67
CA ALA A 226 7.95 2.95 22.22
C ALA A 226 8.15 1.54 21.73
N ALA A 227 9.17 0.84 22.26
CA ALA A 227 9.42 -0.52 21.82
C ALA A 227 8.34 -1.48 22.31
N ALA A 228 7.72 -1.18 23.45
CA ALA A 228 6.72 -2.05 24.06
C ALA A 228 5.36 -1.90 23.39
N THR A 229 5.17 -0.80 22.67
CA THR A 229 3.90 -0.51 21.97
C THR A 229 3.93 -1.00 20.51
N ASP A 230 2.78 -1.50 20.04
CA ASP A 230 2.62 -1.91 18.64
C ASP A 230 2.48 -0.68 17.72
N GLY A 233 4.99 5.45 16.19
CA GLY A 233 5.01 6.76 16.87
C GLY A 233 3.90 6.95 17.89
N ALA A 234 3.67 5.92 18.71
CA ALA A 234 2.57 5.94 19.69
C ALA A 234 2.74 7.04 20.73
N MET A 235 3.99 7.32 21.08
CA MET A 235 4.33 8.32 22.09
C MET A 235 4.42 9.76 21.52
N GLY A 236 4.22 9.88 20.21
CA GLY A 236 4.41 11.14 19.51
C GLY A 236 3.12 11.95 19.40
N ASN A 237 3.29 13.24 19.20
CA ASN A 237 2.13 14.14 18.93
C ASN A 237 1.59 13.92 17.52
N ALA A 238 0.41 14.47 17.21
CA ALA A 238 -0.19 14.32 15.89
C ALA A 238 0.49 15.26 14.89
N MET A 239 0.68 16.51 15.29
CA MET A 239 1.45 17.48 14.50
C MET A 239 2.93 17.10 14.61
N PRO A 240 3.73 17.39 13.56
CA PRO A 240 5.17 17.08 13.58
C PRO A 240 5.99 18.03 14.46
N VAL A 241 5.70 17.96 15.76
CA VAL A 241 6.27 18.81 16.79
C VAL A 241 6.83 17.83 17.82
N GLU A 242 8.15 17.83 18.01
CA GLU A 242 8.79 16.90 18.90
C GLU A 242 8.42 17.11 20.37
N VAL A 243 8.36 18.37 20.77
CA VAL A 243 8.13 18.74 22.15
C VAL A 243 7.57 20.16 22.12
N LEU A 244 6.74 20.52 23.10
CA LEU A 244 6.22 21.86 23.20
C LEU A 244 7.19 22.71 24.02
N ALA A 245 7.15 24.03 23.83
CA ALA A 245 7.92 24.95 24.64
C ALA A 245 7.14 25.25 25.93
N PRO A 246 7.85 25.56 27.03
CA PRO A 246 7.13 26.05 28.20
C PRO A 246 6.24 27.23 27.86
N GLU A 247 6.70 28.09 26.96
CA GLU A 247 5.92 29.25 26.54
C GLU A 247 4.57 28.89 25.89
N ASP A 248 4.43 27.73 25.26
CA ASP A 248 3.16 27.29 24.73
C ASP A 248 2.12 27.12 25.86
N VAL A 249 2.54 26.52 26.96
CA VAL A 249 1.65 26.35 28.10
C VAL A 249 1.35 27.70 28.75
N ALA A 250 2.37 28.55 28.90
CA ALA A 250 2.18 29.86 29.50
C ALA A 250 1.29 30.72 28.65
N ASN A 251 1.36 30.58 27.33
CA ASN A 251 0.50 31.39 26.46
C ASN A 251 -0.96 30.98 26.61
N ALA A 252 -1.25 29.69 26.72
CA ALA A 252 -2.62 29.23 26.94
C ALA A 252 -3.19 29.76 28.25
N VAL A 253 -2.41 29.69 29.32
CA VAL A 253 -2.82 30.18 30.62
C VAL A 253 -3.02 31.69 30.60
N ALA A 254 -2.15 32.45 29.93
CA ALA A 254 -2.30 33.89 29.85
C ALA A 254 -3.60 34.29 29.18
N TRP A 255 -4.03 33.52 28.19
CA TRP A 255 -5.36 33.72 27.55
CA TRP A 255 -5.28 33.83 27.60
C TRP A 255 -6.46 33.44 28.56
N LEU A 256 -6.42 32.27 29.18
CA LEU A 256 -7.49 31.80 30.05
C LEU A 256 -7.81 32.73 31.17
N VAL A 257 -6.76 33.39 31.72
CA VAL A 257 -6.93 34.22 32.90
C VAL A 257 -7.28 35.70 32.54
N SER A 258 -7.35 35.97 31.24
CA SER A 258 -7.69 37.29 30.74
C SER A 258 -9.19 37.47 30.56
N ASP A 259 -9.62 38.71 30.33
CA ASP A 259 -11.03 38.98 30.04
C ASP A 259 -11.51 38.37 28.73
N GLN A 260 -10.59 38.01 27.85
CA GLN A 260 -10.91 37.32 26.59
C GLN A 260 -11.44 35.88 26.82
N ALA A 261 -11.30 35.41 28.06
CA ALA A 261 -11.78 34.07 28.43
C ALA A 261 -12.61 34.16 29.72
N ARG A 262 -13.33 35.24 29.87
CA ARG A 262 -14.00 35.59 31.14
C ARG A 262 -15.03 34.55 31.55
N TYR A 263 -15.63 33.84 30.59
CA TYR A 263 -16.70 32.86 30.90
C TYR A 263 -16.30 31.42 30.59
N ILE A 264 -15.00 31.17 30.53
CA ILE A 264 -14.46 29.82 30.34
CA ILE A 264 -14.52 29.79 30.35
C ILE A 264 -14.24 29.17 31.72
N THR A 265 -15.05 28.16 32.05
CA THR A 265 -14.86 27.44 33.31
C THR A 265 -15.29 26.01 33.18
N GLY A 266 -14.66 25.13 33.95
CA GLY A 266 -14.98 23.70 33.93
C GLY A 266 -14.39 22.89 32.79
N VAL A 267 -13.38 23.45 32.13
CA VAL A 267 -12.78 22.86 30.93
C VAL A 267 -11.48 22.16 31.19
N THR A 268 -11.32 21.00 30.53
CA THR A 268 -10.01 20.33 30.37
C THR A 268 -9.42 20.77 29.05
N LEU A 269 -8.35 21.56 29.07
CA LEU A 269 -7.79 22.09 27.82
C LEU A 269 -6.45 21.41 27.46
N PRO A 270 -6.45 20.53 26.44
CA PRO A 270 -5.20 19.96 25.95
C PRO A 270 -4.37 21.02 25.21
N VAL A 271 -3.09 21.09 25.56
CA VAL A 271 -2.12 21.91 24.86
C VAL A 271 -1.04 20.95 24.43
N ASP A 272 -1.23 20.30 23.30
CA ASP A 272 -0.55 19.01 23.08
C ASP A 272 -0.29 18.58 21.66
N ALA A 273 -0.40 19.51 20.71
CA ALA A 273 -0.09 19.21 19.32
C ALA A 273 -0.86 17.98 18.83
N GLY A 274 -2.06 17.80 19.38
CA GLY A 274 -2.96 16.77 18.95
C GLY A 274 -2.78 15.40 19.59
N PHE A 275 -1.91 15.29 20.58
CA PHE A 275 -1.63 13.98 21.21
C PHE A 275 -2.89 13.25 21.68
N LEU A 276 -3.76 13.89 22.46
CA LEU A 276 -4.90 13.16 22.99
C LEU A 276 -5.88 12.74 21.94
N ASN A 277 -5.99 13.48 20.83
CA ASN A 277 -6.92 13.12 19.78
C ASN A 277 -6.35 12.12 18.78
N LYS A 278 -5.06 11.83 18.85
CA LYS A 278 -4.38 10.99 17.83
C LYS A 278 -5.00 9.58 17.85
N GLY B 9 -21.95 -23.01 37.50
CA GLY B 9 -22.25 -21.75 36.77
C GLY B 9 -21.06 -21.28 35.93
N PRO B 10 -21.18 -20.10 35.29
CA PRO B 10 -20.15 -19.60 34.37
C PRO B 10 -18.77 -19.38 35.04
N LEU B 11 -18.73 -19.22 36.35
CA LEU B 11 -17.46 -18.95 37.05
C LEU B 11 -16.95 -20.13 37.86
N THR B 12 -17.50 -21.32 37.66
CA THR B 12 -16.98 -22.48 38.39
C THR B 12 -15.49 -22.67 38.16
N GLY B 13 -14.73 -22.88 39.24
CA GLY B 13 -13.30 -23.06 39.16
C GLY B 13 -12.50 -21.77 39.26
N LYS B 14 -13.17 -20.63 39.25
CA LYS B 14 -12.48 -19.34 39.39
C LYS B 14 -12.54 -18.83 40.83
N VAL B 15 -11.61 -17.92 41.12
CA VAL B 15 -11.50 -17.28 42.41
C VAL B 15 -11.57 -15.77 42.27
N ALA B 16 -12.38 -15.15 43.12
CA ALA B 16 -12.55 -13.68 43.13
C ALA B 16 -12.11 -13.11 44.47
N PHE B 17 -11.24 -12.10 44.41
CA PHE B 17 -10.72 -11.32 45.55
C PHE B 17 -11.52 -10.02 45.59
N ILE B 18 -12.24 -9.82 46.69
CA ILE B 18 -13.16 -8.70 46.88
C ILE B 18 -12.80 -7.94 48.14
N THR B 19 -12.48 -6.65 48.01
CA THR B 19 -12.25 -5.82 49.18
C THR B 19 -13.53 -5.14 49.64
N GLY B 20 -13.63 -4.85 50.93
CA GLY B 20 -14.86 -4.29 51.49
C GLY B 20 -16.04 -5.27 51.41
N ALA B 21 -15.75 -6.54 51.63
CA ALA B 21 -16.71 -7.65 51.44
C ALA B 21 -17.65 -7.88 52.62
N ALA B 22 -17.51 -7.13 53.69
CA ALA B 22 -18.29 -7.44 54.92
C ALA B 22 -19.76 -7.10 54.80
N ARG B 23 -20.11 -6.18 53.90
CA ARG B 23 -21.50 -5.74 53.77
C ARG B 23 -21.70 -4.98 52.46
N GLY B 24 -22.89 -4.43 52.26
CA GLY B 24 -23.14 -3.49 51.16
C GLY B 24 -22.83 -4.11 49.82
N GLN B 25 -22.24 -3.31 48.92
CA GLN B 25 -21.95 -3.81 47.60
C GLN B 25 -20.91 -4.95 47.58
N GLY B 26 -19.92 -4.91 48.45
CA GLY B 26 -18.90 -5.92 48.55
C GLY B 26 -19.51 -7.29 48.86
N ARG B 27 -20.43 -7.30 49.82
CA ARG B 27 -21.17 -8.52 50.10
C ARG B 27 -21.97 -8.96 48.90
N ALA B 28 -22.64 -8.02 48.21
CA ALA B 28 -23.43 -8.35 47.03
C ALA B 28 -22.60 -8.98 45.95
N HIS B 29 -21.36 -8.50 45.78
CA HIS B 29 -20.42 -9.12 44.84
C HIS B 29 -20.07 -10.54 45.26
N ALA B 30 -19.78 -10.74 46.54
CA ALA B 30 -19.39 -12.05 47.02
C ALA B 30 -20.51 -13.06 46.78
N VAL B 31 -21.73 -12.67 47.07
CA VAL B 31 -22.89 -13.56 46.92
CA VAL B 31 -22.82 -13.64 46.92
C VAL B 31 -23.17 -13.85 45.45
N ARG B 32 -23.11 -12.79 44.60
CA ARG B 32 -23.45 -12.94 43.16
C ARG B 32 -22.37 -13.79 42.45
N LEU B 33 -21.10 -13.54 42.73
CA LEU B 33 -20.05 -14.27 42.05
C LEU B 33 -20.03 -15.73 42.54
N ALA B 34 -20.29 -15.94 43.83
CA ALA B 34 -20.40 -17.31 44.38
C ALA B 34 -21.60 -18.05 43.77
N ALA B 35 -22.70 -17.34 43.55
CA ALA B 35 -23.87 -17.96 42.87
C ALA B 35 -23.53 -18.41 41.47
N ASP B 36 -22.59 -17.73 40.81
CA ASP B 36 -22.16 -18.11 39.48
C ASP B 36 -21.04 -19.14 39.52
N GLY B 37 -20.64 -19.56 40.71
CA GLY B 37 -19.70 -20.69 40.87
C GLY B 37 -18.32 -20.36 41.39
N ALA B 38 -18.01 -19.06 41.57
CA ALA B 38 -16.70 -18.68 42.02
C ALA B 38 -16.46 -18.94 43.50
N ASP B 39 -15.22 -19.26 43.84
CA ASP B 39 -14.78 -19.21 45.23
C ASP B 39 -14.28 -17.80 45.53
N ILE B 40 -14.24 -17.43 46.82
CA ILE B 40 -14.07 -16.04 47.23
C ILE B 40 -12.94 -15.84 48.23
N ILE B 41 -12.12 -14.80 48.00
CA ILE B 41 -11.20 -14.29 49.00
C ILE B 41 -11.79 -12.92 49.40
N ALA B 42 -12.31 -12.81 50.61
CA ALA B 42 -13.07 -11.64 51.09
C ALA B 42 -12.26 -10.93 52.16
N VAL B 43 -12.02 -9.63 52.02
CA VAL B 43 -11.38 -8.84 53.07
C VAL B 43 -12.18 -7.61 53.41
N ASP B 44 -12.04 -7.18 54.66
CA ASP B 44 -12.66 -5.95 55.14
C ASP B 44 -11.90 -5.46 56.36
N LEU B 45 -11.94 -4.15 56.58
CA LEU B 45 -11.25 -3.54 57.70
C LEU B 45 -11.90 -3.96 59.01
N CYS B 46 -13.23 -4.09 58.98
CA CYS B 46 -14.01 -4.47 60.18
C CYS B 46 -13.66 -3.62 61.40
N ASP B 47 -13.44 -2.33 61.19
CA ASP B 47 -13.07 -1.40 62.26
C ASP B 47 -13.41 0.01 61.78
N GLN B 48 -13.42 0.99 62.67
CA GLN B 48 -13.80 2.36 62.34
C GLN B 48 -12.62 3.23 61.93
N ILE B 49 -12.88 4.18 61.04
CA ILE B 49 -11.98 5.28 60.75
C ILE B 49 -12.63 6.55 61.27
N ALA B 50 -11.86 7.35 62.04
CA ALA B 50 -12.45 8.41 62.83
C ALA B 50 -13.10 9.53 62.02
N SER B 51 -12.57 9.79 60.82
CA SER B 51 -13.12 10.82 59.95
C SER B 51 -14.43 10.44 59.28
N VAL B 52 -14.86 9.17 59.38
CA VAL B 52 -16.06 8.68 58.74
C VAL B 52 -17.23 8.76 59.71
N PRO B 53 -18.25 9.58 59.39
CA PRO B 53 -19.28 9.84 60.42
C PRO B 53 -20.45 8.87 60.47
N TYR B 54 -20.24 7.69 59.92
CA TYR B 54 -21.19 6.59 59.97
C TYR B 54 -20.38 5.33 60.29
N PRO B 55 -21.04 4.30 60.84
CA PRO B 55 -20.30 3.11 61.17
C PRO B 55 -19.79 2.30 59.97
N LEU B 56 -18.53 1.86 60.07
CA LEU B 56 -17.99 0.93 59.10
C LEU B 56 -18.38 -0.51 59.54
N ALA B 57 -17.95 -1.52 58.80
CA ALA B 57 -18.38 -2.89 59.04
C ALA B 57 -17.78 -3.43 60.34
N THR B 58 -18.49 -4.40 60.89
CA THR B 58 -18.01 -5.14 62.08
C THR B 58 -17.47 -6.51 61.67
N PRO B 59 -16.66 -7.15 62.55
CA PRO B 59 -16.21 -8.53 62.28
C PRO B 59 -17.39 -9.48 62.05
N GLU B 60 -18.48 -9.28 62.79
CA GLU B 60 -19.68 -10.11 62.66
C GLU B 60 -20.28 -10.02 61.27
N GLU B 61 -20.25 -8.83 60.67
CA GLU B 61 -20.74 -8.70 59.29
C GLU B 61 -19.90 -9.49 58.28
N LEU B 62 -18.58 -9.47 58.41
CA LEU B 62 -17.72 -10.31 57.57
C LEU B 62 -18.03 -11.80 57.79
N ALA B 63 -18.18 -12.21 59.05
CA ALA B 63 -18.64 -13.59 59.31
C ALA B 63 -19.97 -13.92 58.67
N ALA B 64 -20.92 -12.96 58.63
CA ALA B 64 -22.21 -13.18 57.95
C ALA B 64 -22.06 -13.35 56.42
N THR B 65 -21.14 -12.61 55.80
CA THR B 65 -20.88 -12.82 54.40
C THR B 65 -20.36 -14.20 54.15
N VAL B 66 -19.44 -14.64 55.01
CA VAL B 66 -18.91 -16.01 54.91
C VAL B 66 -20.04 -17.05 54.93
N LYS B 67 -20.96 -16.89 55.87
CA LYS B 67 -22.10 -17.84 55.97
C LYS B 67 -22.95 -17.84 54.72
N LEU B 68 -23.24 -16.66 54.17
CA LEU B 68 -24.02 -16.58 52.93
C LEU B 68 -23.35 -17.31 51.78
N VAL B 69 -22.04 -17.07 51.61
CA VAL B 69 -21.30 -17.70 50.52
C VAL B 69 -21.17 -19.21 50.72
N GLU B 70 -20.89 -19.65 51.94
CA GLU B 70 -20.82 -21.09 52.23
C GLU B 70 -22.17 -21.78 51.99
N ASP B 71 -23.27 -21.12 52.36
CA ASP B 71 -24.64 -21.65 52.12
C ASP B 71 -25.00 -21.77 50.64
N ILE B 72 -24.48 -20.85 49.84
CA ILE B 72 -24.59 -20.94 48.40
C ILE B 72 -23.78 -22.11 47.84
N GLY B 73 -22.71 -22.48 48.53
CA GLY B 73 -21.92 -23.66 48.19
C GLY B 73 -20.51 -23.45 47.68
N SER B 74 -20.00 -22.22 47.79
CA SER B 74 -18.65 -21.94 47.38
C SER B 74 -17.76 -21.92 48.59
N ARG B 75 -16.47 -22.10 48.34
CA ARG B 75 -15.47 -21.91 49.36
C ARG B 75 -15.14 -20.42 49.52
N ILE B 76 -14.80 -20.01 50.73
CA ILE B 76 -14.46 -18.63 51.03
C ILE B 76 -13.37 -18.58 52.09
N VAL B 77 -12.38 -17.73 51.84
CA VAL B 77 -11.38 -17.36 52.84
C VAL B 77 -11.60 -15.90 53.14
N ALA B 78 -11.95 -15.56 54.37
CA ALA B 78 -12.16 -14.21 54.81
C ALA B 78 -11.11 -13.77 55.82
N ARG B 79 -10.53 -12.58 55.64
CA ARG B 79 -9.59 -11.99 56.59
C ARG B 79 -9.89 -10.53 56.84
N GLN B 80 -9.61 -10.06 58.05
CA GLN B 80 -9.60 -8.65 58.31
CA GLN B 80 -9.56 -8.63 58.36
C GLN B 80 -8.31 -8.08 57.71
N ALA B 81 -8.45 -7.00 56.94
CA ALA B 81 -7.28 -6.34 56.36
C ALA B 81 -7.67 -4.92 55.99
N ASP B 82 -6.66 -4.05 56.00
CA ASP B 82 -6.80 -2.62 55.69
C ASP B 82 -6.17 -2.37 54.33
N VAL B 83 -6.95 -1.92 53.37
CA VAL B 83 -6.40 -1.62 52.01
C VAL B 83 -5.30 -0.57 52.03
N ARG B 84 -5.26 0.26 53.06
CA ARG B 84 -4.23 1.29 53.19
C ARG B 84 -2.84 0.71 53.48
N ASP B 85 -2.80 -0.52 53.98
CA ASP B 85 -1.56 -1.18 54.49
C ASP B 85 -1.23 -2.30 53.51
N ARG B 86 -0.29 -2.06 52.59
CA ARG B 86 0.02 -3.01 51.55
C ARG B 86 0.39 -4.41 52.12
N GLU B 87 1.19 -4.44 53.19
CA GLU B 87 1.61 -5.72 53.80
C GLU B 87 0.42 -6.48 54.36
N SER B 88 -0.50 -5.77 55.03
CA SER B 88 -1.73 -6.36 55.58
C SER B 88 -2.56 -6.98 54.46
N LEU B 89 -2.73 -6.19 53.39
CA LEU B 89 -3.55 -6.64 52.30
C LEU B 89 -2.92 -7.85 51.59
N SER B 90 -1.61 -7.82 51.40
CA SER B 90 -0.89 -8.90 50.75
C SER B 90 -0.99 -10.20 51.55
N ALA B 91 -0.82 -10.10 52.85
CA ALA B 91 -0.92 -11.26 53.75
C ALA B 91 -2.31 -11.88 53.68
N ALA B 92 -3.33 -11.03 53.63
CA ALA B 92 -4.70 -11.51 53.55
C ALA B 92 -4.95 -12.24 52.25
N LEU B 93 -4.56 -11.62 51.13
CA LEU B 93 -4.69 -12.29 49.84
C LEU B 93 -3.93 -13.63 49.84
N GLN B 94 -2.73 -13.65 50.43
CA GLN B 94 -1.93 -14.87 50.43
C GLN B 94 -2.60 -16.00 51.23
N ALA B 95 -3.27 -15.66 52.33
CA ALA B 95 -4.08 -16.66 53.06
C ALA B 95 -5.09 -17.30 52.13
N GLY B 96 -5.70 -16.48 51.27
CA GLY B 96 -6.67 -17.00 50.33
C GLY B 96 -6.05 -17.84 49.24
N LEU B 97 -4.91 -17.40 48.70
CA LEU B 97 -4.20 -18.15 47.67
C LEU B 97 -3.69 -19.51 48.19
N ASP B 98 -3.24 -19.52 49.44
CA ASP B 98 -2.74 -20.75 50.08
C ASP B 98 -3.82 -21.82 50.15
N GLU B 99 -5.05 -21.42 50.39
CA GLU B 99 -6.15 -22.35 50.47
C GLU B 99 -6.82 -22.67 49.12
N LEU B 100 -6.94 -21.66 48.24
CA LEU B 100 -7.69 -21.82 46.98
C LEU B 100 -6.81 -22.02 45.72
N GLY B 101 -5.56 -21.61 45.79
CA GLY B 101 -4.61 -21.97 44.76
C GLY B 101 -4.54 -21.18 43.48
N ARG B 102 -5.40 -20.16 43.34
CA ARG B 102 -5.43 -19.36 42.12
C ARG B 102 -6.23 -18.07 42.35
N LEU B 103 -6.14 -17.19 41.36
CA LEU B 103 -6.87 -15.92 41.38
C LEU B 103 -7.28 -15.59 39.94
N ASP B 104 -8.54 -15.18 39.76
CA ASP B 104 -9.07 -14.83 38.44
C ASP B 104 -9.65 -13.43 38.35
N ILE B 105 -10.25 -12.98 39.42
CA ILE B 105 -11.10 -11.79 39.43
C ILE B 105 -10.73 -10.97 40.66
N VAL B 106 -10.61 -9.66 40.47
CA VAL B 106 -10.36 -8.70 41.55
C VAL B 106 -11.44 -7.64 41.50
N VAL B 107 -12.10 -7.37 42.63
CA VAL B 107 -13.11 -6.29 42.75
C VAL B 107 -12.63 -5.34 43.85
N ALA B 108 -12.12 -4.18 43.43
CA ALA B 108 -11.56 -3.17 44.34
C ALA B 108 -12.66 -2.28 44.77
N ASN B 109 -13.37 -2.75 45.80
CA ASN B 109 -14.65 -2.16 46.22
C ASN B 109 -14.58 -1.36 47.51
N ALA B 110 -13.65 -1.68 48.42
CA ALA B 110 -13.61 -0.95 49.71
C ALA B 110 -13.52 0.55 49.45
N GLY B 111 -14.27 1.31 50.24
CA GLY B 111 -14.30 2.74 50.13
C GLY B 111 -14.98 3.37 51.31
N ILE B 112 -14.67 4.64 51.53
CA ILE B 112 -15.27 5.47 52.57
C ILE B 112 -15.71 6.84 52.02
N ALA B 113 -16.60 7.51 52.73
CA ALA B 113 -17.07 8.85 52.41
C ALA B 113 -16.98 9.72 53.65
N PRO B 114 -15.75 10.11 54.05
CA PRO B 114 -15.61 10.95 55.25
C PRO B 114 -16.21 12.34 55.03
N MET B 115 -16.63 12.97 56.13
CA MET B 115 -17.19 14.31 56.14
C MET B 115 -17.00 14.87 57.54
N SER B 116 -16.91 16.18 57.63
CA SER B 116 -16.93 16.91 58.91
C SER B 116 -15.69 16.61 59.75
N ALA B 117 -14.60 16.24 59.10
CA ALA B 117 -13.33 15.96 59.76
C ALA B 117 -12.18 16.83 59.20
N GLY B 118 -12.52 17.91 58.52
CA GLY B 118 -11.53 18.78 57.92
C GLY B 118 -10.62 18.00 57.01
N ASP B 119 -9.35 18.35 57.01
CA ASP B 119 -8.38 17.70 56.14
C ASP B 119 -8.12 16.25 56.48
N ASP B 120 -8.48 15.77 57.67
CA ASP B 120 -8.36 14.34 57.91
C ASP B 120 -9.25 13.58 56.91
N GLY B 121 -10.37 14.18 56.54
CA GLY B 121 -11.23 13.55 55.51
C GLY B 121 -10.56 13.45 54.17
N TRP B 122 -9.87 14.53 53.77
CA TRP B 122 -9.08 14.52 52.53
C TRP B 122 -8.09 13.35 52.59
N HIS B 123 -7.27 13.33 53.62
CA HIS B 123 -6.22 12.33 53.70
C HIS B 123 -6.77 10.92 53.72
N ASP B 124 -7.78 10.68 54.51
CA ASP B 124 -8.31 9.35 54.66
C ASP B 124 -8.99 8.88 53.37
N VAL B 125 -9.72 9.76 52.67
CA VAL B 125 -10.38 9.30 51.44
C VAL B 125 -9.40 9.03 50.34
N ILE B 126 -8.33 9.81 50.23
CA ILE B 126 -7.28 9.51 49.24
C ILE B 126 -6.66 8.17 49.63
N ASP B 127 -6.40 7.97 50.91
CA ASP B 127 -5.65 6.79 51.34
CA ASP B 127 -5.67 6.80 51.37
C ASP B 127 -6.49 5.52 51.09
N VAL B 128 -7.77 5.52 51.42
CA VAL B 128 -8.60 4.32 51.23
C VAL B 128 -9.03 4.17 49.75
N ASN B 129 -9.58 5.25 49.18
CA ASN B 129 -10.27 5.15 47.91
C ASN B 129 -9.37 5.23 46.70
N LEU B 130 -8.13 5.73 46.87
CA LEU B 130 -7.17 5.80 45.75
C LEU B 130 -5.98 4.90 46.06
N THR B 131 -5.21 5.21 47.10
CA THR B 131 -4.09 4.35 47.46
C THR B 131 -4.54 2.91 47.73
N GLY B 132 -5.69 2.73 48.38
CA GLY B 132 -6.16 1.40 48.70
C GLY B 132 -6.49 0.59 47.46
N VAL B 133 -6.99 1.28 46.42
CA VAL B 133 -7.31 0.63 45.13
C VAL B 133 -6.01 0.25 44.41
N TYR B 134 -5.01 1.16 44.41
CA TYR B 134 -3.69 0.83 43.87
C TYR B 134 -3.12 -0.41 44.56
N HIS B 135 -3.17 -0.45 45.91
CA HIS B 135 -2.63 -1.62 46.62
C HIS B 135 -3.39 -2.91 46.22
N THR B 136 -4.70 -2.83 46.05
CA THR B 136 -5.51 -4.00 45.68
C THR B 136 -5.08 -4.56 44.32
N ILE B 137 -4.85 -3.66 43.36
CA ILE B 137 -4.32 -4.05 42.06
C ILE B 137 -2.92 -4.66 42.21
N LYS B 138 -2.05 -3.93 42.90
CA LYS B 138 -0.65 -4.30 42.94
C LYS B 138 -0.42 -5.68 43.54
N VAL B 139 -1.17 -6.01 44.59
CA VAL B 139 -0.93 -7.30 45.26
C VAL B 139 -1.49 -8.46 44.45
N ALA B 140 -2.42 -8.21 43.52
CA ALA B 140 -3.06 -9.26 42.69
C ALA B 140 -2.25 -9.59 41.42
N ILE B 141 -1.56 -8.61 40.84
CA ILE B 141 -0.92 -8.76 39.54
C ILE B 141 0.06 -9.93 39.45
N PRO B 142 0.90 -10.15 40.47
CA PRO B 142 1.88 -11.23 40.29
C PRO B 142 1.23 -12.59 40.06
N THR B 143 0.18 -12.90 40.80
CA THR B 143 -0.52 -14.17 40.56
C THR B 143 -1.16 -14.25 39.19
N LEU B 144 -1.83 -13.19 38.79
CA LEU B 144 -2.51 -13.19 37.52
C LEU B 144 -1.52 -13.35 36.39
N VAL B 145 -0.39 -12.65 36.48
CA VAL B 145 0.61 -12.74 35.42
C VAL B 145 1.29 -14.10 35.36
N LYS B 146 1.63 -14.67 36.52
CA LYS B 146 2.35 -15.97 36.53
C LYS B 146 1.44 -17.09 36.02
N GLN B 147 0.15 -17.03 36.32
CA GLN B 147 -0.79 -18.04 35.82
C GLN B 147 -0.89 -18.05 34.30
N GLY B 148 -0.87 -16.87 33.69
CA GLY B 148 -0.96 -16.79 32.24
C GLY B 148 -2.30 -17.17 31.62
N THR B 149 -3.40 -17.09 32.39
CA THR B 149 -4.71 -17.43 31.87
C THR B 149 -5.67 -16.23 31.79
N GLY B 150 -5.12 -15.03 31.88
CA GLY B 150 -5.92 -13.82 31.87
C GLY B 150 -6.69 -13.63 33.17
N GLY B 151 -7.67 -12.75 33.12
CA GLY B 151 -8.49 -12.46 34.29
C GLY B 151 -9.15 -11.09 34.17
N SER B 152 -9.74 -10.66 35.27
CA SER B 152 -10.53 -9.43 35.31
C SER B 152 -10.22 -8.66 36.57
N ILE B 153 -9.98 -7.37 36.39
CA ILE B 153 -9.84 -6.41 37.50
C ILE B 153 -10.93 -5.36 37.33
N VAL B 154 -11.76 -5.21 38.34
CA VAL B 154 -12.90 -4.30 38.34
C VAL B 154 -12.67 -3.28 39.45
N LEU B 155 -12.61 -1.99 39.10
CA LEU B 155 -12.40 -0.93 40.06
C LEU B 155 -13.72 -0.18 40.28
N ILE B 156 -14.11 -0.01 41.54
CA ILE B 156 -15.36 0.68 41.86
C ILE B 156 -15.08 2.15 42.05
N SER B 157 -15.54 2.94 41.10
CA SER B 157 -15.42 4.40 41.13
C SER B 157 -16.80 4.92 41.58
N SER B 158 -17.37 5.90 40.89
CA SER B 158 -18.58 6.61 41.31
C SER B 158 -18.94 7.58 40.21
N SER B 159 -20.16 8.11 40.21
CA SER B 159 -20.44 9.31 39.36
C SER B 159 -19.40 10.41 39.59
N ALA B 160 -18.95 10.54 40.84
CA ALA B 160 -17.93 11.52 41.22
C ALA B 160 -16.54 11.25 40.68
N GLY B 161 -16.35 10.13 40.00
CA GLY B 161 -15.14 9.89 39.25
C GLY B 161 -15.11 10.45 37.86
N LEU B 162 -16.28 10.92 37.37
CA LEU B 162 -16.43 11.47 36.03
C LEU B 162 -17.11 12.83 35.97
N ALA B 163 -17.59 13.30 37.12
CA ALA B 163 -18.28 14.55 37.22
C ALA B 163 -17.93 15.25 38.52
N GLY B 164 -18.02 16.59 38.51
CA GLY B 164 -17.69 17.41 39.70
C GLY B 164 -18.86 17.57 40.63
N VAL B 165 -19.22 16.46 41.25
CA VAL B 165 -20.35 16.42 42.16
CA VAL B 165 -20.36 16.35 42.16
C VAL B 165 -19.84 16.20 43.58
N GLY B 166 -20.09 17.19 44.42
CA GLY B 166 -19.58 17.16 45.80
C GLY B 166 -19.86 18.48 46.46
N SER B 167 -19.58 18.55 47.74
CA SER B 167 -19.61 19.77 48.50
C SER B 167 -18.18 20.24 48.74
N ALA B 168 -18.04 21.36 49.44
CA ALA B 168 -16.73 21.93 49.74
C ALA B 168 -15.98 21.22 50.88
N ASP B 169 -16.63 20.28 51.56
CA ASP B 169 -15.93 19.55 52.61
C ASP B 169 -14.68 18.89 52.05
N PRO B 170 -13.55 18.92 52.75
CA PRO B 170 -12.34 18.26 52.19
C PRO B 170 -12.52 16.75 51.91
N GLY B 171 -13.35 16.05 52.69
CA GLY B 171 -13.68 14.67 52.44
C GLY B 171 -14.49 14.43 51.16
N SER B 172 -15.31 15.42 50.81
CA SER B 172 -16.11 15.36 49.60
C SER B 172 -15.28 15.70 48.34
N VAL B 173 -14.53 16.80 48.34
CA VAL B 173 -13.58 17.14 47.29
CA VAL B 173 -13.65 17.07 47.19
C VAL B 173 -12.61 15.96 47.08
N GLY B 174 -12.15 15.40 48.19
CA GLY B 174 -11.25 14.26 48.13
C GLY B 174 -11.89 13.01 47.56
N TYR B 175 -13.16 12.80 47.78
CA TYR B 175 -13.90 11.69 47.17
C TYR B 175 -13.93 11.86 45.66
N VAL B 176 -14.24 13.09 45.18
CA VAL B 176 -14.19 13.38 43.75
C VAL B 176 -12.79 13.09 43.22
N ALA B 177 -11.75 13.62 43.89
CA ALA B 177 -10.36 13.47 43.39
C ALA B 177 -9.98 11.99 43.39
N ALA B 178 -10.30 11.25 44.46
CA ALA B 178 -9.92 9.83 44.54
C ALA B 178 -10.65 9.03 43.46
N LYS B 179 -11.94 9.25 43.30
CA LYS B 179 -12.74 8.47 42.35
C LYS B 179 -12.33 8.79 40.87
N HIS B 180 -11.91 10.03 40.60
CA HIS B 180 -11.25 10.36 39.34
C HIS B 180 -9.93 9.61 39.18
N GLY B 181 -9.13 9.64 40.24
CA GLY B 181 -7.88 8.86 40.21
C GLY B 181 -8.07 7.39 39.93
N VAL B 182 -9.15 6.78 40.41
CA VAL B 182 -9.50 5.39 40.12
C VAL B 182 -9.67 5.16 38.61
N VAL B 183 -10.29 6.12 37.91
CA VAL B 183 -10.38 6.04 36.46
C VAL B 183 -8.99 6.02 35.87
N GLY B 184 -8.10 6.87 36.35
CA GLY B 184 -6.74 6.83 35.84
C GLY B 184 -6.04 5.51 36.06
N LEU B 185 -6.19 4.92 37.23
CA LEU B 185 -5.65 3.56 37.48
C LEU B 185 -6.21 2.56 36.47
N MET B 186 -7.51 2.64 36.24
CA MET B 186 -8.13 1.73 35.28
C MET B 186 -7.51 1.87 33.90
N ARG B 187 -7.33 3.12 33.46
CA ARG B 187 -6.91 3.34 32.09
C ARG B 187 -5.48 2.86 31.89
N VAL B 188 -4.59 3.20 32.83
CA VAL B 188 -3.19 2.77 32.67
C VAL B 188 -3.02 1.27 32.87
N TYR B 189 -3.70 0.67 33.85
CA TYR B 189 -3.61 -0.77 34.02
C TYR B 189 -4.27 -1.56 32.88
N ALA B 190 -5.35 -1.06 32.29
CA ALA B 190 -5.91 -1.72 31.14
C ALA B 190 -4.87 -1.80 30.03
N ASN B 191 -4.10 -0.73 29.85
CA ASN B 191 -3.02 -0.76 28.82
C ASN B 191 -1.83 -1.63 29.21
N LEU B 192 -1.42 -1.56 30.49
CA LEU B 192 -0.29 -2.37 30.97
C LEU B 192 -0.52 -3.86 30.95
N LEU B 193 -1.78 -4.28 31.14
CA LEU B 193 -2.14 -5.68 31.34
C LEU B 193 -2.84 -6.31 30.14
N ALA B 194 -3.14 -5.51 29.11
CA ALA B 194 -3.87 -6.03 27.93
C ALA B 194 -3.16 -7.22 27.28
N GLY B 195 -1.84 -7.16 27.21
CA GLY B 195 -1.04 -8.22 26.61
C GLY B 195 -1.18 -9.54 27.33
N GLN B 196 -1.50 -9.50 28.63
CA GLN B 196 -1.72 -10.69 29.45
C GLN B 196 -3.18 -11.14 29.44
N MET B 197 -4.02 -10.52 28.59
CA MET B 197 -5.46 -10.82 28.53
C MET B 197 -6.15 -10.59 29.89
N ILE B 198 -5.66 -9.61 30.65
CA ILE B 198 -6.30 -9.19 31.89
C ILE B 198 -7.11 -7.92 31.58
N ARG B 199 -8.42 -8.02 31.69
CA ARG B 199 -9.31 -6.88 31.44
C ARG B 199 -9.35 -6.01 32.70
N VAL B 200 -9.38 -4.70 32.49
CA VAL B 200 -9.47 -3.73 33.60
C VAL B 200 -10.53 -2.69 33.21
N ASN B 201 -11.52 -2.50 34.08
CA ASN B 201 -12.63 -1.57 33.82
C ASN B 201 -13.02 -0.91 35.15
N SER B 202 -13.75 0.20 35.05
CA SER B 202 -14.28 0.83 36.25
C SER B 202 -15.79 0.90 36.18
N ILE B 203 -16.42 0.82 37.36
CA ILE B 203 -17.88 0.90 37.48
C ILE B 203 -18.24 2.18 38.20
N HIS B 204 -19.27 2.88 37.71
CA HIS B 204 -19.63 4.20 38.23
C HIS B 204 -21.09 4.24 38.68
N PRO B 205 -21.35 3.75 39.91
CA PRO B 205 -22.70 3.91 40.47
C PRO B 205 -22.97 5.32 40.87
N SER B 206 -24.25 5.71 40.95
N SER B 206 -24.21 5.72 40.64
CA SER B 206 -24.63 7.04 41.46
CA SER B 206 -24.81 6.79 41.37
C SER B 206 -25.01 7.05 42.95
C SER B 206 -25.20 6.11 42.68
N GLY B 207 -26.20 6.58 43.31
CA GLY B 207 -26.45 6.19 44.68
C GLY B 207 -26.87 4.75 44.76
N VAL B 208 -26.44 4.06 45.83
CA VAL B 208 -26.72 2.65 46.02
C VAL B 208 -27.16 2.48 47.48
N GLU B 209 -28.21 1.69 47.70
CA GLU B 209 -28.77 1.51 49.06
C GLU B 209 -27.85 0.62 49.91
N THR B 210 -26.93 1.28 50.63
CA THR B 210 -26.00 0.64 51.53
C THR B 210 -25.79 1.53 52.74
N PRO B 211 -25.08 0.99 53.75
CA PRO B 211 -24.84 1.80 54.94
C PRO B 211 -23.88 2.99 54.74
N MET B 212 -23.29 3.15 53.55
CA MET B 212 -22.58 4.38 53.25
C MET B 212 -23.49 5.60 53.17
N ILE B 213 -24.72 5.40 52.71
CA ILE B 213 -25.67 6.50 52.59
C ILE B 213 -26.88 6.32 53.49
N ASN B 214 -27.18 5.09 53.91
CA ASN B 214 -28.31 4.84 54.82
C ASN B 214 -27.80 4.86 56.25
N ASN B 215 -27.68 6.05 56.80
CA ASN B 215 -27.17 6.22 58.14
C ASN B 215 -27.66 7.55 58.72
N GLU B 216 -27.48 7.73 60.04
CA GLU B 216 -28.05 8.90 60.75
C GLU B 216 -27.44 10.22 60.27
N PHE B 217 -26.12 10.23 60.03
CA PHE B 217 -25.46 11.43 59.52
C PHE B 217 -26.05 11.90 58.21
N THR B 218 -26.30 10.98 57.29
CA THR B 218 -26.73 11.36 55.95
C THR B 218 -28.16 11.87 55.95
N ARG B 219 -29.01 11.24 56.72
CA ARG B 219 -30.37 11.76 56.95
C ARG B 219 -30.35 13.21 57.42
N GLU B 220 -29.53 13.52 58.42
CA GLU B 220 -29.44 14.89 58.94
C GLU B 220 -28.92 15.87 57.85
N TRP B 221 -27.83 15.50 57.18
CA TRP B 221 -27.23 16.33 56.12
C TRP B 221 -28.26 16.65 55.02
N LEU B 222 -29.17 15.71 54.80
CA LEU B 222 -30.34 15.85 53.90
C LEU B 222 -29.98 15.44 52.48
N GLY B 236 -31.05 13.80 41.50
CA GLY B 236 -31.67 12.55 41.09
C GLY B 236 -31.17 11.96 39.76
N ASN B 237 -31.54 10.71 39.54
CA ASN B 237 -31.20 9.99 38.32
C ASN B 237 -32.16 10.43 37.19
N ALA B 238 -31.86 10.02 35.97
CA ALA B 238 -32.78 10.33 34.84
C ALA B 238 -34.06 9.46 34.93
N MET B 239 -33.90 8.14 35.08
CA MET B 239 -35.06 7.23 35.26
C MET B 239 -35.63 7.47 36.65
N PRO B 240 -36.96 7.30 36.84
CA PRO B 240 -37.64 7.52 38.14
C PRO B 240 -37.31 6.40 39.16
N VAL B 241 -36.02 6.33 39.50
CA VAL B 241 -35.45 5.31 40.38
C VAL B 241 -34.78 6.12 41.48
N GLU B 242 -35.21 5.94 42.73
CA GLU B 242 -34.66 6.75 43.84
C GLU B 242 -33.21 6.41 44.18
N VAL B 243 -32.87 5.14 44.15
CA VAL B 243 -31.53 4.67 44.54
C VAL B 243 -31.41 3.30 43.93
N LEU B 244 -30.20 2.88 43.54
CA LEU B 244 -30.02 1.55 42.97
C LEU B 244 -29.84 0.54 44.09
N ALA B 245 -30.07 -0.73 43.78
CA ALA B 245 -29.82 -1.80 44.72
C ALA B 245 -28.36 -2.22 44.59
N PRO B 246 -27.74 -2.69 45.69
CA PRO B 246 -26.43 -3.30 45.52
C PRO B 246 -26.37 -4.37 44.45
N GLU B 247 -27.45 -5.13 44.30
CA GLU B 247 -27.53 -6.14 43.25
C GLU B 247 -27.40 -5.58 41.84
N ASP B 248 -27.83 -4.35 41.59
CA ASP B 248 -27.63 -3.78 40.27
C ASP B 248 -26.15 -3.65 39.95
N VAL B 249 -25.33 -3.27 40.92
CA VAL B 249 -23.90 -3.11 40.69
C VAL B 249 -23.27 -4.49 40.58
N ALA B 250 -23.68 -5.44 41.44
CA ALA B 250 -23.15 -6.77 41.36
C ALA B 250 -23.51 -7.45 40.04
N ASN B 251 -24.68 -7.17 39.51
CA ASN B 251 -25.09 -7.76 38.23
C ASN B 251 -24.21 -7.29 37.08
N ALA B 252 -23.86 -6.01 37.07
CA ALA B 252 -22.94 -5.48 36.07
C ALA B 252 -21.58 -6.13 36.14
N VAL B 253 -21.04 -6.25 37.35
CA VAL B 253 -19.74 -6.85 37.53
C VAL B 253 -19.74 -8.33 37.17
N ALA B 254 -20.81 -9.05 37.52
CA ALA B 254 -20.89 -10.46 37.15
C ALA B 254 -20.85 -10.67 35.64
N TRP B 255 -21.47 -9.76 34.90
CA TRP B 255 -21.42 -9.84 33.47
C TRP B 255 -19.99 -9.56 32.96
N LEU B 256 -19.40 -8.47 33.44
CA LEU B 256 -18.08 -8.05 32.98
C LEU B 256 -17.01 -9.13 33.11
N VAL B 257 -17.05 -9.87 34.22
CA VAL B 257 -16.02 -10.87 34.51
C VAL B 257 -16.32 -12.24 33.82
N SER B 258 -17.45 -12.33 33.14
CA SER B 258 -17.84 -13.54 32.41
C SER B 258 -17.29 -13.54 30.99
N ASP B 259 -17.36 -14.70 30.32
CA ASP B 259 -16.85 -14.85 28.96
C ASP B 259 -17.70 -14.06 27.97
N GLN B 260 -18.92 -13.68 28.38
CA GLN B 260 -19.80 -12.83 27.60
C GLN B 260 -19.24 -11.42 27.40
N ALA B 261 -18.26 -11.07 28.22
CA ALA B 261 -17.61 -9.75 28.14
C ALA B 261 -16.11 -9.90 28.04
N ARG B 262 -15.69 -10.96 27.36
CA ARG B 262 -14.29 -11.34 27.26
C ARG B 262 -13.37 -10.28 26.68
N TYR B 263 -13.88 -9.43 25.80
CA TYR B 263 -13.06 -8.43 25.11
C TYR B 263 -13.40 -7.00 25.54
N ILE B 264 -14.04 -6.85 26.70
CA ILE B 264 -14.36 -5.54 27.25
CA ILE B 264 -14.33 -5.51 27.22
C ILE B 264 -13.25 -5.08 28.20
N THR B 265 -12.50 -4.07 27.82
CA THR B 265 -11.44 -3.53 28.69
C THR B 265 -11.24 -2.05 28.40
N GLY B 266 -10.79 -1.33 29.41
CA GLY B 266 -10.56 0.10 29.30
C GLY B 266 -11.79 0.97 29.36
N VAL B 267 -12.87 0.41 29.91
CA VAL B 267 -14.16 1.10 29.90
C VAL B 267 -14.53 1.66 31.25
N THR B 268 -15.13 2.86 31.21
CA THR B 268 -15.83 3.43 32.38
C THR B 268 -17.31 3.12 32.19
N LEU B 269 -17.89 2.27 33.04
CA LEU B 269 -19.27 1.84 32.88
C LEU B 269 -20.17 2.48 33.96
N PRO B 270 -21.01 3.44 33.56
CA PRO B 270 -21.97 4.00 34.52
C PRO B 270 -23.07 2.98 34.79
N VAL B 271 -23.44 2.83 36.05
CA VAL B 271 -24.59 2.01 36.48
C VAL B 271 -25.41 2.93 37.36
N ASP B 272 -26.25 3.75 36.71
CA ASP B 272 -26.67 5.01 37.30
C ASP B 272 -28.01 5.57 36.89
N ALA B 273 -28.85 4.77 36.23
CA ALA B 273 -30.18 5.22 35.86
C ALA B 273 -30.13 6.55 35.08
N GLY B 274 -29.03 6.80 34.37
CA GLY B 274 -28.89 7.96 33.51
C GLY B 274 -28.24 9.17 34.15
N PHE B 275 -27.76 9.05 35.38
CA PHE B 275 -27.24 10.22 36.09
C PHE B 275 -26.18 10.99 35.32
N LEU B 276 -25.16 10.29 34.80
CA LEU B 276 -24.06 10.96 34.13
C LEU B 276 -24.49 11.59 32.81
N ASN B 277 -25.54 11.09 32.17
CA ASN B 277 -26.05 11.71 30.95
C ASN B 277 -27.12 12.82 31.11
N LYS B 278 -27.72 12.93 32.27
CA LYS B 278 -28.81 13.89 32.58
C LYS B 278 -28.31 15.31 32.24
N GLY C 9 -36.15 -18.40 28.48
CA GLY C 9 -34.98 -17.46 28.57
C GLY C 9 -35.30 -16.12 29.23
N PRO C 10 -34.26 -15.29 29.51
CA PRO C 10 -34.53 -14.02 30.18
C PRO C 10 -35.41 -13.07 29.33
N LEU C 11 -35.55 -13.31 28.03
CA LEU C 11 -36.35 -12.46 27.13
C LEU C 11 -37.64 -13.10 26.61
N THR C 12 -38.08 -14.20 27.23
CA THR C 12 -39.31 -14.82 26.81
C THR C 12 -40.52 -13.87 26.89
N GLY C 13 -41.33 -13.85 25.85
CA GLY C 13 -42.47 -12.95 25.76
C GLY C 13 -42.14 -11.54 25.26
N LYS C 14 -40.87 -11.25 25.01
CA LYS C 14 -40.49 -9.94 24.45
C LYS C 14 -40.32 -9.98 22.95
N VAL C 15 -40.36 -8.81 22.32
CA VAL C 15 -40.19 -8.64 20.88
C VAL C 15 -39.08 -7.65 20.59
N ALA C 16 -38.13 -8.04 19.74
CA ALA C 16 -36.98 -7.21 19.36
C ALA C 16 -37.03 -6.88 17.87
N PHE C 17 -37.00 -5.59 17.56
CA PHE C 17 -36.92 -5.03 16.20
C PHE C 17 -35.48 -4.78 15.87
N ILE C 18 -34.94 -5.40 14.82
CA ILE C 18 -33.53 -5.37 14.47
C ILE C 18 -33.41 -4.94 13.01
N THR C 19 -32.72 -3.84 12.75
CA THR C 19 -32.40 -3.43 11.39
C THR C 19 -31.04 -4.02 10.95
N GLY C 20 -30.90 -4.22 9.65
CA GLY C 20 -29.76 -4.92 9.08
C GLY C 20 -29.63 -6.34 9.55
N ALA C 21 -30.78 -7.04 9.65
CA ALA C 21 -30.82 -8.38 10.24
C ALA C 21 -30.47 -9.54 9.29
N ALA C 22 -30.17 -9.26 8.03
CA ALA C 22 -29.93 -10.32 7.05
C ALA C 22 -28.64 -11.07 7.22
N ARG C 23 -27.65 -10.50 7.87
CA ARG C 23 -26.32 -11.13 7.98
C ARG C 23 -25.50 -10.38 9.03
N GLY C 24 -24.27 -10.79 9.23
CA GLY C 24 -23.35 -10.00 10.05
C GLY C 24 -23.82 -9.85 11.48
N GLN C 25 -23.61 -8.68 12.06
CA GLN C 25 -23.99 -8.47 13.45
C GLN C 25 -25.50 -8.52 13.66
N GLY C 26 -26.26 -8.03 12.69
CA GLY C 26 -27.71 -8.02 12.79
C GLY C 26 -28.28 -9.42 12.88
N ARG C 27 -27.75 -10.34 12.07
CA ARG C 27 -28.14 -11.75 12.22
C ARG C 27 -27.73 -12.30 13.61
N ALA C 28 -26.53 -11.95 14.06
CA ALA C 28 -26.05 -12.40 15.37
C ALA C 28 -26.98 -11.92 16.50
N HIS C 29 -27.49 -10.70 16.40
CA HIS C 29 -28.45 -10.20 17.39
C HIS C 29 -29.76 -10.99 17.30
N ALA C 30 -30.22 -11.22 16.07
CA ALA C 30 -31.46 -11.98 15.91
C ALA C 30 -31.35 -13.36 16.55
N VAL C 31 -30.26 -14.07 16.29
CA VAL C 31 -30.00 -15.41 16.84
CA VAL C 31 -30.12 -15.41 16.86
C VAL C 31 -29.85 -15.38 18.36
N ARG C 32 -29.08 -14.42 18.88
CA ARG C 32 -28.81 -14.35 20.29
C ARG C 32 -30.07 -13.98 21.10
N LEU C 33 -30.83 -13.00 20.62
CA LEU C 33 -32.00 -12.58 21.37
C LEU C 33 -33.08 -13.63 21.26
N ALA C 34 -33.19 -14.30 20.11
CA ALA C 34 -34.12 -15.43 19.97
C ALA C 34 -33.72 -16.59 20.91
N ALA C 35 -32.42 -16.86 21.02
CA ALA C 35 -31.93 -17.88 21.97
C ALA C 35 -32.36 -17.59 23.41
N ASP C 36 -32.46 -16.31 23.75
CA ASP C 36 -32.90 -15.88 25.07
C ASP C 36 -34.43 -15.79 25.22
N GLY C 37 -35.15 -16.17 24.18
CA GLY C 37 -36.60 -16.25 24.18
C GLY C 37 -37.38 -15.22 23.41
N ALA C 38 -36.70 -14.19 22.88
CA ALA C 38 -37.42 -13.13 22.18
C ALA C 38 -37.95 -13.57 20.83
N ASP C 39 -39.06 -12.97 20.45
CA ASP C 39 -39.53 -13.01 19.06
C ASP C 39 -38.96 -11.77 18.35
N ILE C 40 -38.87 -11.86 17.03
CA ILE C 40 -38.05 -10.94 16.24
C ILE C 40 -38.82 -10.28 15.11
N ILE C 41 -38.63 -8.97 14.94
CA ILE C 41 -39.03 -8.23 13.74
C ILE C 41 -37.74 -7.83 13.05
N ALA C 42 -37.43 -8.46 11.93
CA ALA C 42 -36.18 -8.32 11.23
C ALA C 42 -36.37 -7.57 9.94
N VAL C 43 -35.57 -6.54 9.69
CA VAL C 43 -35.61 -5.82 8.43
C VAL C 43 -34.22 -5.68 7.83
N ASP C 44 -34.15 -5.74 6.52
CA ASP C 44 -32.93 -5.48 5.78
C ASP C 44 -33.28 -4.94 4.41
N LEU C 45 -32.37 -4.15 3.84
CA LEU C 45 -32.51 -3.62 2.50
C LEU C 45 -32.48 -4.74 1.45
N CYS C 46 -31.61 -5.72 1.65
CA CYS C 46 -31.48 -6.84 0.69
C CYS C 46 -31.26 -6.35 -0.74
N ASP C 47 -30.50 -5.27 -0.89
CA ASP C 47 -30.21 -4.67 -2.21
C ASP C 47 -28.94 -3.84 -2.07
N GLN C 48 -28.37 -3.45 -3.19
CA GLN C 48 -27.11 -2.73 -3.23
C GLN C 48 -27.31 -1.22 -3.20
N ILE C 49 -26.36 -0.52 -2.59
CA ILE C 49 -26.24 0.92 -2.69
C ILE C 49 -24.95 1.17 -3.51
N ALA C 50 -25.04 2.02 -4.53
CA ALA C 50 -23.98 2.14 -5.55
C ALA C 50 -22.64 2.64 -4.99
N SER C 51 -22.67 3.48 -3.95
CA SER C 51 -21.44 4.04 -3.36
C SER C 51 -20.69 3.04 -2.46
N VAL C 52 -21.31 1.89 -2.19
CA VAL C 52 -20.73 0.87 -1.30
C VAL C 52 -19.98 -0.17 -2.15
N PRO C 53 -18.66 -0.26 -1.97
CA PRO C 53 -17.81 -1.08 -2.88
C PRO C 53 -17.69 -2.54 -2.50
N TYR C 54 -18.64 -3.04 -1.73
CA TYR C 54 -18.71 -4.44 -1.32
C TYR C 54 -20.19 -4.79 -1.34
N PRO C 55 -20.52 -6.07 -1.50
CA PRO C 55 -21.92 -6.43 -1.63
C PRO C 55 -22.68 -6.26 -0.32
N LEU C 56 -23.86 -5.66 -0.41
CA LEU C 56 -24.80 -5.69 0.70
C LEU C 56 -25.55 -7.03 0.71
N ALA C 57 -26.47 -7.20 1.66
CA ALA C 57 -27.17 -8.48 1.86
C ALA C 57 -28.07 -8.82 0.70
N THR C 58 -28.35 -10.09 0.56
CA THR C 58 -29.28 -10.60 -0.43
C THR C 58 -30.58 -11.04 0.24
N PRO C 59 -31.67 -11.16 -0.54
CA PRO C 59 -32.89 -11.75 0.02
C PRO C 59 -32.68 -13.14 0.58
N GLU C 60 -31.80 -13.92 -0.05
CA GLU C 60 -31.48 -15.24 0.44
C GLU C 60 -30.91 -15.21 1.84
N GLU C 61 -30.07 -14.22 2.12
CA GLU C 61 -29.48 -14.10 3.45
C GLU C 61 -30.52 -13.77 4.52
N LEU C 62 -31.46 -12.89 4.20
CA LEU C 62 -32.53 -12.59 5.13
C LEU C 62 -33.37 -13.87 5.40
N ALA C 63 -33.68 -14.63 4.36
CA ALA C 63 -34.38 -15.90 4.57
C ALA C 63 -33.58 -16.89 5.43
N ALA C 64 -32.25 -16.89 5.30
CA ALA C 64 -31.40 -17.70 6.16
C ALA C 64 -31.49 -17.29 7.61
N THR C 65 -31.49 -15.98 7.88
CA THR C 65 -31.71 -15.53 9.26
C THR C 65 -33.06 -16.04 9.82
N VAL C 66 -34.10 -15.93 9.00
CA VAL C 66 -35.41 -16.42 9.38
C VAL C 66 -35.34 -17.91 9.76
N LYS C 67 -34.68 -18.72 8.94
CA LYS C 67 -34.54 -20.18 9.25
C LYS C 67 -33.80 -20.40 10.57
N LEU C 68 -32.71 -19.66 10.79
CA LEU C 68 -31.98 -19.83 12.04
C LEU C 68 -32.85 -19.52 13.24
N VAL C 69 -33.62 -18.43 13.15
CA VAL C 69 -34.44 -18.04 14.29
C VAL C 69 -35.62 -19.01 14.51
N GLU C 70 -36.26 -19.43 13.42
CA GLU C 70 -37.34 -20.41 13.54
C GLU C 70 -36.85 -21.73 14.13
N ASP C 71 -35.65 -22.15 13.74
CA ASP C 71 -35.06 -23.39 14.29
C ASP C 71 -34.77 -23.28 15.80
N ILE C 72 -34.39 -22.09 16.25
CA ILE C 72 -34.25 -21.82 17.68
C ILE C 72 -35.57 -21.92 18.43
N GLY C 73 -36.66 -21.62 17.75
CA GLY C 73 -37.99 -21.75 18.34
C GLY C 73 -38.76 -20.46 18.51
N SER C 74 -38.22 -19.35 18.02
CA SER C 74 -38.94 -18.09 18.13
C SER C 74 -39.76 -17.80 16.90
N ARG C 75 -40.75 -16.91 17.07
CA ARG C 75 -41.47 -16.33 15.93
CA ARG C 75 -41.48 -16.32 15.94
C ARG C 75 -40.66 -15.18 15.34
N ILE C 76 -40.72 -15.02 14.03
CA ILE C 76 -40.01 -13.95 13.32
C ILE C 76 -40.83 -13.43 12.14
N VAL C 77 -40.96 -12.12 12.09
CA VAL C 77 -41.49 -11.39 10.96
C VAL C 77 -40.31 -10.75 10.26
N ALA C 78 -40.09 -10.98 8.98
CA ALA C 78 -38.97 -10.42 8.23
C ALA C 78 -39.47 -9.67 7.03
N ARG C 79 -39.03 -8.42 6.89
CA ARG C 79 -39.41 -7.57 5.77
C ARG C 79 -38.20 -6.97 5.13
N GLN C 80 -38.24 -6.80 3.81
CA GLN C 80 -37.29 -5.95 3.10
C GLN C 80 -37.71 -4.55 3.35
N ALA C 81 -36.81 -3.73 3.88
CA ALA C 81 -37.11 -2.32 4.02
C ALA C 81 -35.81 -1.54 4.08
N ASP C 82 -35.89 -0.26 3.72
CA ASP C 82 -34.77 0.66 3.67
C ASP C 82 -34.94 1.63 4.84
N VAL C 83 -33.98 1.67 5.75
CA VAL C 83 -34.01 2.59 6.90
C VAL C 83 -34.02 4.06 6.46
N ARG C 84 -33.58 4.35 5.24
CA ARG C 84 -33.62 5.71 4.74
C ARG C 84 -35.02 6.22 4.45
N ASP C 85 -35.96 5.29 4.30
CA ASP C 85 -37.32 5.60 3.84
C ASP C 85 -38.24 5.38 5.05
N ARG C 86 -38.62 6.47 5.71
CA ARG C 86 -39.42 6.35 6.92
C ARG C 86 -40.74 5.59 6.71
N GLU C 87 -41.44 5.86 5.60
CA GLU C 87 -42.71 5.18 5.32
C GLU C 87 -42.51 3.66 5.16
N SER C 88 -41.48 3.27 4.41
CA SER C 88 -41.05 1.86 4.23
C SER C 88 -40.77 1.18 5.56
N LEU C 89 -39.98 1.85 6.37
CA LEU C 89 -39.59 1.29 7.65
C LEU C 89 -40.75 1.18 8.61
N SER C 90 -41.61 2.21 8.64
CA SER C 90 -42.78 2.17 9.46
C SER C 90 -43.75 1.05 9.10
N ALA C 91 -43.96 0.90 7.80
CA ALA C 91 -44.81 -0.19 7.26
C ALA C 91 -44.26 -1.56 7.66
N ALA C 92 -42.94 -1.75 7.59
CA ALA C 92 -42.34 -3.02 8.01
C ALA C 92 -42.53 -3.27 9.48
N LEU C 93 -42.24 -2.27 10.33
CA LEU C 93 -42.50 -2.43 11.75
C LEU C 93 -43.97 -2.76 12.05
N GLN C 94 -44.89 -2.06 11.40
CA GLN C 94 -46.31 -2.27 11.62
C GLN C 94 -46.70 -3.72 11.25
N ALA C 95 -46.08 -4.28 10.20
CA ALA C 95 -46.34 -5.69 9.87
C ALA C 95 -45.93 -6.61 11.02
N GLY C 96 -44.80 -6.30 11.66
CA GLY C 96 -44.38 -7.04 12.84
C GLY C 96 -45.32 -6.90 14.01
N LEU C 97 -45.82 -5.69 14.21
CA LEU C 97 -46.76 -5.42 15.31
C LEU C 97 -48.10 -6.13 15.12
N ASP C 98 -48.58 -6.14 13.88
CA ASP C 98 -49.83 -6.82 13.51
C ASP C 98 -49.74 -8.32 13.82
N GLU C 99 -48.55 -8.89 13.66
CA GLU C 99 -48.38 -10.33 13.89
C GLU C 99 -48.08 -10.64 15.35
N LEU C 100 -47.18 -9.86 15.95
CA LEU C 100 -46.65 -10.19 17.28
C LEU C 100 -47.25 -9.40 18.45
N GLY C 101 -47.82 -8.24 18.15
CA GLY C 101 -48.65 -7.50 19.08
C GLY C 101 -47.98 -6.65 20.14
N ARG C 102 -46.65 -6.55 20.10
CA ARG C 102 -45.92 -5.75 21.09
C ARG C 102 -44.51 -5.45 20.58
N LEU C 103 -43.80 -4.56 21.27
CA LEU C 103 -42.40 -4.21 20.96
C LEU C 103 -41.70 -3.88 22.27
N ASP C 104 -40.51 -4.43 22.48
CA ASP C 104 -39.76 -4.22 23.72
C ASP C 104 -38.35 -3.72 23.52
N ILE C 105 -37.72 -4.15 22.43
CA ILE C 105 -36.29 -3.94 22.18
C ILE C 105 -36.13 -3.45 20.74
N VAL C 106 -35.29 -2.44 20.57
CA VAL C 106 -34.90 -1.91 19.26
C VAL C 106 -33.39 -2.00 19.15
N VAL C 107 -32.87 -2.57 18.05
CA VAL C 107 -31.44 -2.62 17.77
C VAL C 107 -31.21 -1.96 16.41
N ALA C 108 -30.74 -0.72 16.43
CA ALA C 108 -30.52 0.06 15.22
C ALA C 108 -29.12 -0.22 14.69
N ASN C 109 -29.03 -1.30 13.93
CA ASN C 109 -27.78 -1.94 13.52
C ASN C 109 -27.43 -1.71 12.04
N ALA C 110 -28.42 -1.49 11.17
CA ALA C 110 -28.15 -1.31 9.73
C ALA C 110 -27.12 -0.22 9.51
N GLY C 111 -26.14 -0.48 8.66
CA GLY C 111 -25.12 0.53 8.38
C GLY C 111 -24.36 0.17 7.15
N ILE C 112 -23.69 1.15 6.60
CA ILE C 112 -22.81 0.98 5.43
C ILE C 112 -21.51 1.75 5.60
N ALA C 113 -20.49 1.34 4.82
CA ALA C 113 -19.19 2.01 4.80
C ALA C 113 -18.78 2.29 3.35
N PRO C 114 -19.42 3.27 2.72
CA PRO C 114 -19.06 3.62 1.34
C PRO C 114 -17.66 4.21 1.22
N MET C 115 -17.02 3.98 0.08
CA MET C 115 -15.70 4.53 -0.21
C MET C 115 -15.56 4.65 -1.73
N SER C 116 -14.71 5.57 -2.18
CA SER C 116 -14.32 5.70 -3.60
C SER C 116 -15.47 6.07 -4.51
N ALA C 117 -16.44 6.78 -3.95
CA ALA C 117 -17.62 7.25 -4.65
C ALA C 117 -17.74 8.76 -4.64
N GLY C 118 -16.71 9.49 -4.24
CA GLY C 118 -16.81 10.95 -4.09
C GLY C 118 -17.85 11.33 -3.04
N ASP C 119 -18.50 12.45 -3.21
CA ASP C 119 -19.46 12.92 -2.20
C ASP C 119 -20.73 12.07 -2.13
N ASP C 120 -21.02 11.23 -3.11
CA ASP C 120 -22.11 10.27 -2.96
C ASP C 120 -21.89 9.43 -1.69
N GLY C 121 -20.63 9.15 -1.37
CA GLY C 121 -20.31 8.37 -0.17
C GLY C 121 -20.69 9.13 1.09
N TRP C 122 -20.40 10.43 1.13
CA TRP C 122 -20.84 11.27 2.24
C TRP C 122 -22.38 11.19 2.38
N HIS C 123 -23.11 11.47 1.32
CA HIS C 123 -24.56 11.54 1.43
C HIS C 123 -25.15 10.21 1.83
N ASP C 124 -24.68 9.13 1.23
CA ASP C 124 -25.25 7.83 1.52
C ASP C 124 -24.94 7.39 2.95
N VAL C 125 -23.73 7.68 3.44
CA VAL C 125 -23.38 7.23 4.82
C VAL C 125 -24.17 8.04 5.86
N ILE C 126 -24.38 9.33 5.62
CA ILE C 126 -25.21 10.14 6.54
C ILE C 126 -26.64 9.59 6.50
N ASP C 127 -27.14 9.31 5.28
CA ASP C 127 -28.52 8.88 5.11
CA ASP C 127 -28.51 8.88 5.09
C ASP C 127 -28.79 7.54 5.80
N VAL C 128 -27.89 6.55 5.64
CA VAL C 128 -28.16 5.24 6.23
C VAL C 128 -27.78 5.24 7.74
N ASN C 129 -26.59 5.75 8.05
CA ASN C 129 -25.98 5.53 9.35
C ASN C 129 -26.42 6.57 10.41
N LEU C 130 -26.99 7.70 9.98
CA LEU C 130 -27.48 8.71 10.91
C LEU C 130 -29.00 8.85 10.76
N THR C 131 -29.46 9.31 9.60
CA THR C 131 -30.90 9.43 9.36
C THR C 131 -31.61 8.09 9.54
N GLY C 132 -31.02 7.00 9.06
CA GLY C 132 -31.68 5.72 9.22
C GLY C 132 -31.81 5.27 10.65
N VAL C 133 -30.82 5.65 11.49
CA VAL C 133 -30.94 5.36 12.91
C VAL C 133 -32.03 6.22 13.53
N TYR C 134 -32.08 7.51 13.19
CA TYR C 134 -33.18 8.39 13.63
C TYR C 134 -34.55 7.78 13.28
N HIS C 135 -34.71 7.34 12.03
CA HIS C 135 -35.94 6.74 11.61
C HIS C 135 -36.29 5.50 12.43
N THR C 136 -35.27 4.69 12.74
CA THR C 136 -35.48 3.44 13.48
C THR C 136 -36.01 3.74 14.87
N ILE C 137 -35.46 4.76 15.51
CA ILE C 137 -35.98 5.21 16.81
C ILE C 137 -37.42 5.75 16.67
N LYS C 138 -37.61 6.64 15.70
CA LYS C 138 -38.86 7.39 15.56
C LYS C 138 -40.03 6.46 15.32
N VAL C 139 -39.85 5.42 14.51
CA VAL C 139 -40.98 4.53 14.17
C VAL C 139 -41.38 3.66 15.38
N ALA C 140 -40.44 3.45 16.32
CA ALA C 140 -40.66 2.59 17.48
C ALA C 140 -41.25 3.28 18.70
N ILE C 141 -40.93 4.57 18.90
CA ILE C 141 -41.33 5.26 20.14
C ILE C 141 -42.84 5.21 20.46
N PRO C 142 -43.72 5.44 19.47
CA PRO C 142 -45.12 5.49 19.88
C PRO C 142 -45.64 4.20 20.49
N THR C 143 -45.23 3.06 19.94
CA THR C 143 -45.58 1.77 20.54
C THR C 143 -45.00 1.62 21.93
N LEU C 144 -43.73 1.95 22.11
CA LEU C 144 -43.10 1.77 23.40
C LEU C 144 -43.77 2.63 24.46
N VAL C 145 -44.10 3.86 24.08
CA VAL C 145 -44.72 4.77 25.04
C VAL C 145 -46.14 4.30 25.39
N LYS C 146 -46.94 3.93 24.39
CA LYS C 146 -48.32 3.51 24.60
C LYS C 146 -48.44 2.26 25.47
N GLN C 147 -47.50 1.34 25.29
CA GLN C 147 -47.49 0.08 26.00
C GLN C 147 -47.23 0.28 27.48
N GLY C 148 -46.40 1.26 27.81
CA GLY C 148 -46.16 1.65 29.20
C GLY C 148 -45.41 0.62 30.05
N THR C 149 -44.61 -0.22 29.41
CA THR C 149 -43.85 -1.24 30.15
C THR C 149 -42.33 -1.08 30.03
N GLY C 150 -41.89 0.11 29.59
CA GLY C 150 -40.49 0.37 29.39
C GLY C 150 -39.98 -0.35 28.17
N GLY C 151 -38.66 -0.49 28.11
CA GLY C 151 -38.05 -1.11 26.94
C GLY C 151 -36.61 -0.69 26.82
N SER C 152 -35.99 -1.12 25.71
CA SER C 152 -34.59 -0.87 25.45
C SER C 152 -34.41 -0.48 24.01
N ILE C 153 -33.65 0.58 23.80
CA ILE C 153 -33.23 1.03 22.45
C ILE C 153 -31.71 0.97 22.46
N VAL C 154 -31.13 0.22 21.54
CA VAL C 154 -29.68 0.03 21.42
C VAL C 154 -29.27 0.55 20.06
N LEU C 155 -28.39 1.55 20.04
CA LEU C 155 -27.88 2.14 18.80
C LEU C 155 -26.47 1.63 18.53
N ILE C 156 -26.21 1.17 17.31
CA ILE C 156 -24.88 0.66 16.99
C ILE C 156 -24.04 1.76 16.38
N SER C 157 -23.07 2.25 17.14
CA SER C 157 -22.13 3.26 16.68
C SER C 157 -20.85 2.49 16.29
N SER C 158 -19.69 2.99 16.72
CA SER C 158 -18.37 2.45 16.30
C SER C 158 -17.34 3.15 17.14
N SER C 159 -16.10 2.64 17.14
CA SER C 159 -14.98 3.45 17.64
C SER C 159 -14.97 4.84 17.01
N ALA C 160 -15.33 4.92 15.73
CA ALA C 160 -15.41 6.17 14.97
C ALA C 160 -16.50 7.10 15.40
N GLY C 161 -17.36 6.66 16.33
CA GLY C 161 -18.30 7.58 16.96
C GLY C 161 -17.77 8.35 18.16
N LEU C 162 -16.57 7.97 18.62
CA LEU C 162 -15.90 8.57 19.78
C LEU C 162 -14.48 9.01 19.54
N ALA C 163 -13.94 8.69 18.36
CA ALA C 163 -12.56 9.01 18.01
C ALA C 163 -12.50 9.35 16.55
N GLY C 164 -11.50 10.15 16.20
CA GLY C 164 -11.27 10.56 14.82
C GLY C 164 -10.45 9.58 14.00
N VAL C 165 -11.07 8.44 13.73
CA VAL C 165 -10.48 7.32 13.01
CA VAL C 165 -10.40 7.40 12.98
C VAL C 165 -11.12 7.25 11.65
N GLY C 166 -10.34 7.49 10.61
CA GLY C 166 -10.86 7.41 9.26
C GLY C 166 -9.81 7.95 8.31
N SER C 167 -10.16 7.88 7.04
CA SER C 167 -9.34 8.39 5.96
C SER C 167 -10.02 9.61 5.34
N ALA C 168 -9.35 10.23 4.36
CA ALA C 168 -9.89 11.46 3.75
C ALA C 168 -11.11 11.27 2.82
N ASP C 169 -11.46 10.04 2.53
CA ASP C 169 -12.55 9.77 1.62
C ASP C 169 -13.83 10.35 2.18
N PRO C 170 -14.67 10.99 1.36
CA PRO C 170 -15.94 11.53 1.90
C PRO C 170 -16.79 10.52 2.64
N GLY C 171 -16.80 9.27 2.19
CA GLY C 171 -17.53 8.21 2.85
C GLY C 171 -16.95 7.88 4.21
N SER C 172 -15.65 8.06 4.38
CA SER C 172 -14.99 7.75 5.66
C SER C 172 -15.18 8.87 6.67
N VAL C 173 -14.96 10.11 6.26
CA VAL C 173 -15.26 11.24 7.16
C VAL C 173 -16.75 11.30 7.47
N GLY C 174 -17.60 10.90 6.52
CA GLY C 174 -19.03 10.74 6.77
C GLY C 174 -19.38 9.66 7.74
N TYR C 175 -18.62 8.58 7.72
CA TYR C 175 -18.81 7.49 8.69
C TYR C 175 -18.50 7.99 10.12
N VAL C 176 -17.40 8.70 10.28
CA VAL C 176 -17.05 9.31 11.56
C VAL C 176 -18.16 10.26 12.00
N ALA C 177 -18.61 11.14 11.09
CA ALA C 177 -19.64 12.13 11.45
C ALA C 177 -20.92 11.44 11.84
N ALA C 178 -21.36 10.47 11.05
CA ALA C 178 -22.57 9.72 11.34
C ALA C 178 -22.53 8.99 12.65
N LYS C 179 -21.43 8.28 12.90
CA LYS C 179 -21.32 7.50 14.10
C LYS C 179 -21.20 8.36 15.35
N HIS C 180 -20.63 9.57 15.21
CA HIS C 180 -20.68 10.58 16.28
C HIS C 180 -22.12 11.09 16.46
N GLY C 181 -22.84 11.35 15.38
CA GLY C 181 -24.25 11.76 15.43
C GLY C 181 -25.11 10.74 16.16
N VAL C 182 -24.81 9.45 16.01
CA VAL C 182 -25.52 8.38 16.68
C VAL C 182 -25.38 8.48 18.20
N VAL C 183 -24.20 8.87 18.69
CA VAL C 183 -24.02 9.14 20.13
C VAL C 183 -24.97 10.27 20.55
N GLY C 184 -25.08 11.32 19.74
CA GLY C 184 -26.03 12.42 20.04
C GLY C 184 -27.45 11.92 20.13
N LEU C 185 -27.89 11.10 19.17
CA LEU C 185 -29.21 10.49 19.23
C LEU C 185 -29.39 9.74 20.56
N MET C 186 -28.37 8.95 20.90
CA MET C 186 -28.45 8.19 22.16
C MET C 186 -28.68 9.09 23.35
N ARG C 187 -27.88 10.15 23.44
CA ARG C 187 -27.92 10.96 24.63
C ARG C 187 -29.22 11.71 24.75
N VAL C 188 -29.73 12.27 23.65
CA VAL C 188 -30.99 13.00 23.72
C VAL C 188 -32.16 12.05 23.99
N TYR C 189 -32.22 10.91 23.32
CA TYR C 189 -33.32 9.99 23.58
C TYR C 189 -33.24 9.33 24.96
N ALA C 190 -32.03 9.10 25.49
CA ALA C 190 -31.96 8.59 26.85
C ALA C 190 -32.61 9.57 27.81
N ASN C 191 -32.39 10.87 27.57
CA ASN C 191 -33.03 11.89 28.42
C ASN C 191 -34.55 11.95 28.21
N LEU C 192 -34.97 11.90 26.96
CA LEU C 192 -36.41 12.09 26.63
C LEU C 192 -37.24 10.91 27.09
N LEU C 193 -36.67 9.71 27.09
CA LEU C 193 -37.45 8.48 27.33
C LEU C 193 -37.24 7.87 28.72
N ALA C 194 -36.37 8.49 29.53
CA ALA C 194 -36.06 7.93 30.85
C ALA C 194 -37.31 7.84 31.70
N GLY C 195 -38.18 8.85 31.60
CA GLY C 195 -39.40 8.88 32.41
C GLY C 195 -40.37 7.77 32.05
N GLN C 196 -40.20 7.20 30.87
CA GLN C 196 -41.00 6.06 30.37
C GLN C 196 -40.32 4.71 30.66
N MET C 197 -39.24 4.73 31.42
CA MET C 197 -38.43 3.52 31.72
C MET C 197 -37.92 2.84 30.46
N ILE C 198 -37.64 3.64 29.43
CA ILE C 198 -37.03 3.12 28.20
C ILE C 198 -35.55 3.50 28.24
N ARG C 199 -34.69 2.48 28.29
CA ARG C 199 -33.24 2.67 28.32
C ARG C 199 -32.73 2.91 26.91
N VAL C 200 -31.79 3.81 26.74
CA VAL C 200 -31.18 4.08 25.45
C VAL C 200 -29.68 4.13 25.62
N ASN C 201 -28.91 3.33 24.88
CA ASN C 201 -27.46 3.24 24.99
C ASN C 201 -26.88 3.05 23.58
N SER C 202 -25.58 3.32 23.42
CA SER C 202 -24.85 3.06 22.20
C SER C 202 -23.74 2.07 22.42
N ILE C 203 -23.50 1.26 21.39
CA ILE C 203 -22.45 0.25 21.40
C ILE C 203 -21.39 0.65 20.40
N HIS C 204 -20.13 0.52 20.80
CA HIS C 204 -19.02 0.97 19.99
C HIS C 204 -18.00 -0.16 19.71
N PRO C 205 -18.27 -0.98 18.69
CA PRO C 205 -17.27 -2.00 18.34
C PRO C 205 -16.11 -1.37 17.60
N SER C 206 -14.93 -1.92 17.82
N SER C 206 -14.95 -2.03 17.60
CA SER C 206 -13.87 -1.80 16.87
CA SER C 206 -13.79 -1.60 16.79
C SER C 206 -14.22 -2.88 15.83
C SER C 206 -13.75 -2.21 15.36
N GLY C 207 -13.24 -3.42 15.19
CA GLY C 207 -13.50 -4.23 14.02
C GLY C 207 -14.18 -5.52 14.39
N VAL C 208 -15.11 -5.94 13.55
CA VAL C 208 -15.92 -7.13 13.77
C VAL C 208 -15.89 -7.95 12.45
N GLU C 209 -15.74 -9.26 12.59
CA GLU C 209 -15.63 -10.13 11.41
CA GLU C 209 -15.62 -10.15 11.42
C GLU C 209 -16.99 -10.33 10.73
N THR C 210 -17.25 -9.45 9.77
CA THR C 210 -18.50 -9.45 8.98
C THR C 210 -18.14 -9.06 7.55
N PRO C 211 -19.10 -9.17 6.63
CA PRO C 211 -18.84 -8.77 5.26
C PRO C 211 -18.67 -7.29 5.01
N MET C 212 -18.84 -6.44 6.04
CA MET C 212 -18.50 -5.05 5.89
C MET C 212 -17.00 -4.87 5.74
N ILE C 213 -16.22 -5.75 6.38
CA ILE C 213 -14.76 -5.66 6.25
C ILE C 213 -14.08 -6.85 5.59
N ASN C 214 -14.77 -7.97 5.56
CA ASN C 214 -14.24 -9.18 4.90
C ASN C 214 -14.69 -9.14 3.44
N ASN C 215 -13.96 -8.39 2.61
CA ASN C 215 -14.29 -8.24 1.19
C ASN C 215 -13.04 -7.78 0.42
N GLU C 216 -13.09 -7.85 -0.92
CA GLU C 216 -11.93 -7.57 -1.80
C GLU C 216 -11.49 -6.13 -1.71
N PHE C 217 -12.47 -5.21 -1.63
CA PHE C 217 -12.14 -3.80 -1.53
C PHE C 217 -11.30 -3.51 -0.31
N THR C 218 -11.70 -4.05 0.85
CA THR C 218 -11.04 -3.75 2.11
C THR C 218 -9.62 -4.31 2.14
N ARG C 219 -9.47 -5.55 1.71
CA ARG C 219 -8.13 -6.17 1.53
C ARG C 219 -7.17 -5.33 0.67
N GLU C 220 -7.65 -4.87 -0.49
CA GLU C 220 -6.86 -4.04 -1.40
C GLU C 220 -6.61 -2.64 -0.80
N TRP C 221 -7.62 -2.06 -0.14
CA TRP C 221 -7.47 -0.77 0.53
C TRP C 221 -6.42 -0.87 1.65
N LEU C 222 -6.49 -1.97 2.40
CA LEU C 222 -5.58 -2.26 3.51
C LEU C 222 -4.18 -2.52 2.97
N GLY C 236 -5.32 -1.32 15.42
CA GLY C 236 -4.91 -2.37 16.37
C GLY C 236 -5.55 -2.21 17.76
N ASN C 237 -6.13 -3.30 18.26
CA ASN C 237 -6.76 -3.32 19.59
C ASN C 237 -5.67 -3.41 20.69
N ALA C 238 -6.01 -3.16 21.95
CA ALA C 238 -4.98 -3.25 23.02
C ALA C 238 -4.69 -4.71 23.38
N MET C 239 -5.76 -5.49 23.58
CA MET C 239 -5.64 -6.94 23.78
C MET C 239 -5.22 -7.58 22.45
N PRO C 240 -4.42 -8.68 22.50
CA PRO C 240 -3.96 -9.35 21.26
C PRO C 240 -5.09 -10.14 20.57
N VAL C 241 -6.08 -9.40 20.12
CA VAL C 241 -7.29 -9.91 19.47
C VAL C 241 -7.35 -9.20 18.11
N GLU C 242 -7.26 -9.96 17.01
CA GLU C 242 -7.25 -9.37 15.65
C GLU C 242 -8.54 -8.64 15.30
N VAL C 243 -9.66 -9.27 15.57
CA VAL C 243 -10.97 -8.74 15.16
C VAL C 243 -11.94 -9.40 16.11
N LEU C 244 -13.05 -8.76 16.42
CA LEU C 244 -14.04 -9.36 17.31
C LEU C 244 -15.00 -10.20 16.48
N ALA C 245 -15.68 -11.13 17.15
CA ALA C 245 -16.74 -11.91 16.57
C ALA C 245 -18.04 -11.14 16.63
N PRO C 246 -18.95 -11.35 15.67
CA PRO C 246 -20.25 -10.69 15.78
C PRO C 246 -20.91 -11.06 17.10
N GLU C 247 -20.66 -12.28 17.57
CA GLU C 247 -21.22 -12.72 18.85
C GLU C 247 -20.78 -11.90 20.05
N ASP C 248 -19.58 -11.33 20.01
CA ASP C 248 -19.12 -10.46 21.11
C ASP C 248 -20.06 -9.24 21.25
N VAL C 249 -20.45 -8.65 20.12
CA VAL C 249 -21.36 -7.51 20.10
C VAL C 249 -22.78 -7.96 20.52
N ALA C 250 -23.25 -9.10 19.98
CA ALA C 250 -24.54 -9.61 20.36
C ALA C 250 -24.64 -9.93 21.84
N ASN C 251 -23.54 -10.42 22.41
CA ASN C 251 -23.53 -10.77 23.82
C ASN C 251 -23.66 -9.52 24.69
N ALA C 252 -23.01 -8.43 24.30
CA ALA C 252 -23.13 -7.19 25.05
C ALA C 252 -24.57 -6.68 25.00
N VAL C 253 -25.16 -6.68 23.82
CA VAL C 253 -26.51 -6.18 23.63
C VAL C 253 -27.54 -7.05 24.39
N ALA C 254 -27.34 -8.37 24.38
CA ALA C 254 -28.27 -9.27 25.09
C ALA C 254 -28.23 -8.99 26.58
N TRP C 255 -27.07 -8.64 27.14
CA TRP C 255 -26.96 -8.26 28.56
CA TRP C 255 -27.05 -8.34 28.54
C TRP C 255 -27.74 -6.98 28.79
N LEU C 256 -27.45 -5.98 27.98
CA LEU C 256 -28.00 -4.64 28.19
C LEU C 256 -29.51 -4.63 28.21
N VAL C 257 -30.14 -5.46 27.35
CA VAL C 257 -31.60 -5.46 27.23
C VAL C 257 -32.26 -6.37 28.27
N SER C 258 -31.47 -7.08 29.06
CA SER C 258 -32.01 -7.93 30.11
C SER C 258 -32.24 -7.18 31.42
N ASP C 259 -32.94 -7.82 32.36
CA ASP C 259 -33.23 -7.18 33.64
C ASP C 259 -31.95 -7.00 34.49
N GLN C 260 -30.87 -7.70 34.12
CA GLN C 260 -29.57 -7.57 34.78
C GLN C 260 -28.97 -6.17 34.57
N ALA C 261 -29.45 -5.44 33.56
CA ALA C 261 -28.98 -4.09 33.17
C ALA C 261 -30.16 -3.11 33.15
N ARG C 262 -31.13 -3.32 34.03
CA ARG C 262 -32.39 -2.58 34.06
C ARG C 262 -32.22 -1.06 34.21
N TYR C 263 -31.14 -0.63 34.89
CA TYR C 263 -30.92 0.78 35.20
C TYR C 263 -29.74 1.36 34.44
N ILE C 264 -29.30 0.69 33.39
CA ILE C 264 -28.22 1.18 32.53
CA ILE C 264 -28.23 1.22 32.56
C ILE C 264 -28.80 1.99 31.38
N THR C 265 -28.56 3.29 31.39
CA THR C 265 -29.05 4.17 30.33
C THR C 265 -28.14 5.36 30.15
N GLY C 266 -28.08 5.89 28.92
CA GLY C 266 -27.23 7.01 28.60
C GLY C 266 -25.77 6.72 28.41
N VAL C 267 -25.44 5.45 28.20
CA VAL C 267 -24.05 4.99 28.19
C VAL C 267 -23.53 4.74 26.78
N THR C 268 -22.31 5.18 26.53
CA THR C 268 -21.55 4.73 25.35
C THR C 268 -20.70 3.53 25.77
N LEU C 269 -21.00 2.34 25.28
CA LEU C 269 -20.27 1.11 25.68
C LEU C 269 -19.32 0.62 24.57
N PRO C 270 -18.00 0.76 24.78
CA PRO C 270 -17.01 0.16 23.83
C PRO C 270 -16.99 -1.33 24.03
N VAL C 271 -17.04 -2.03 22.90
CA VAL C 271 -16.86 -3.48 22.84
C VAL C 271 -15.73 -3.67 21.84
N ASP C 272 -14.49 -3.59 22.35
CA ASP C 272 -13.40 -3.23 21.47
C ASP C 272 -12.00 -3.67 21.83
N ALA C 273 -11.88 -4.59 22.79
CA ALA C 273 -10.57 -5.13 23.19
C ALA C 273 -9.57 -4.01 23.56
N GLY C 274 -10.11 -2.91 24.08
CA GLY C 274 -9.32 -1.82 24.53
C GLY C 274 -8.98 -0.76 23.51
N PHE C 275 -9.50 -0.85 22.28
CA PHE C 275 -9.14 0.10 21.22
C PHE C 275 -9.25 1.58 21.66
N LEU C 276 -10.40 1.98 22.21
CA LEU C 276 -10.58 3.40 22.52
C LEU C 276 -9.70 3.88 23.65
N ASN C 277 -9.30 2.98 24.55
CA ASN C 277 -8.37 3.33 25.63
C ASN C 277 -6.86 3.22 25.29
N LYS C 278 -6.49 2.65 24.17
CA LYS C 278 -5.07 2.39 23.86
C LYS C 278 -4.31 3.69 23.71
N GLY D 9 -1.49 43.82 13.61
CA GLY D 9 -2.09 42.89 14.62
C GLY D 9 -1.54 41.49 14.46
N PRO D 10 -1.90 40.59 15.37
CA PRO D 10 -1.40 39.20 15.29
C PRO D 10 -1.80 38.43 14.01
N LEU D 11 -2.81 38.89 13.27
CA LEU D 11 -3.26 38.19 12.06
C LEU D 11 -3.01 39.01 10.79
N THR D 12 -2.15 40.03 10.89
CA THR D 12 -1.81 40.81 9.73
C THR D 12 -1.24 39.89 8.64
N GLY D 13 -1.71 40.08 7.41
CA GLY D 13 -1.35 39.24 6.27
C GLY D 13 -2.07 37.92 6.11
N LYS D 14 -3.01 37.62 7.02
CA LYS D 14 -3.78 36.37 6.97
C LYS D 14 -5.18 36.61 6.42
N VAL D 15 -5.79 35.53 5.90
CA VAL D 15 -7.14 35.58 5.34
C VAL D 15 -8.02 34.54 6.05
N ALA D 16 -9.17 35.01 6.52
CA ALA D 16 -10.17 34.16 7.23
C ALA D 16 -11.45 34.05 6.42
N PHE D 17 -11.86 32.82 6.15
CA PHE D 17 -13.10 32.43 5.47
C PHE D 17 -14.12 32.09 6.56
N ILE D 18 -15.22 32.84 6.60
CA ILE D 18 -16.23 32.74 7.65
C ILE D 18 -17.58 32.48 7.02
N THR D 19 -18.25 31.39 7.37
CA THR D 19 -19.59 31.16 6.90
C THR D 19 -20.61 31.71 7.91
N GLY D 20 -21.77 32.10 7.42
CA GLY D 20 -22.78 32.73 8.26
C GLY D 20 -22.35 34.08 8.81
N ALA D 21 -21.63 34.85 7.97
CA ALA D 21 -20.98 36.08 8.41
C ALA D 21 -21.88 37.33 8.42
N ALA D 22 -23.13 37.19 7.98
CA ALA D 22 -24.00 38.35 7.83
C ALA D 22 -24.37 39.01 9.15
N ARG D 23 -24.48 38.23 10.21
CA ARG D 23 -24.94 38.78 11.49
C ARG D 23 -24.48 37.87 12.64
N GLY D 24 -24.86 38.18 13.87
CA GLY D 24 -24.66 37.21 14.95
C GLY D 24 -23.23 36.89 15.22
N GLN D 25 -22.95 35.64 15.51
CA GLN D 25 -21.58 35.26 15.80
C GLN D 25 -20.64 35.42 14.61
N GLY D 26 -21.11 35.11 13.42
CA GLY D 26 -20.34 35.23 12.19
C GLY D 26 -19.87 36.64 11.95
N ARG D 27 -20.77 37.62 12.11
CA ARG D 27 -20.34 39.02 12.06
C ARG D 27 -19.32 39.34 13.13
N ALA D 28 -19.55 38.86 14.35
CA ALA D 28 -18.57 39.04 15.43
C ALA D 28 -17.19 38.48 15.12
N HIS D 29 -17.14 37.32 14.46
CA HIS D 29 -15.84 36.75 14.03
C HIS D 29 -15.21 37.63 12.97
N ALA D 30 -16.01 38.12 12.03
CA ALA D 30 -15.45 38.97 10.95
C ALA D 30 -14.82 40.23 11.55
N VAL D 31 -15.53 40.88 12.47
CA VAL D 31 -15.06 42.13 13.12
CA VAL D 31 -14.97 42.13 13.02
C VAL D 31 -13.83 41.89 13.99
N ARG D 32 -13.85 40.80 14.78
CA ARG D 32 -12.77 40.51 15.69
C ARG D 32 -11.49 40.10 15.00
N LEU D 33 -11.59 39.26 13.98
CA LEU D 33 -10.40 38.85 13.24
C LEU D 33 -9.85 40.01 12.40
N ALA D 34 -10.76 40.81 11.82
CA ALA D 34 -10.33 42.04 11.13
C ALA D 34 -9.61 42.97 12.09
N ALA D 35 -10.10 43.11 13.32
CA ALA D 35 -9.40 43.97 14.30
C ALA D 35 -7.97 43.52 14.57
N ASP D 36 -7.73 42.22 14.44
CA ASP D 36 -6.40 41.68 14.62
C ASP D 36 -5.56 41.70 13.33
N GLY D 37 -6.10 42.24 12.25
CA GLY D 37 -5.36 42.39 11.00
C GLY D 37 -5.73 41.52 9.84
N ALA D 38 -6.62 40.55 10.05
CA ALA D 38 -6.95 39.64 8.97
C ALA D 38 -7.83 40.31 7.89
N ASP D 39 -7.69 39.85 6.65
CA ASP D 39 -8.67 40.09 5.61
C ASP D 39 -9.68 38.94 5.61
N ILE D 40 -10.86 39.22 5.09
CA ILE D 40 -12.02 38.33 5.31
C ILE D 40 -12.67 37.90 3.99
N ILE D 41 -13.05 36.62 3.89
CA ILE D 41 -13.94 36.10 2.87
C ILE D 41 -15.22 35.70 3.61
N ALA D 42 -16.28 36.48 3.42
CA ALA D 42 -17.52 36.33 4.23
C ALA D 42 -18.65 35.81 3.37
N VAL D 43 -19.31 34.72 3.76
CA VAL D 43 -20.44 34.22 3.00
C VAL D 43 -21.64 34.03 3.91
N ASP D 44 -22.82 34.19 3.33
CA ASP D 44 -24.07 33.95 4.04
C ASP D 44 -25.14 33.61 3.02
N LEU D 45 -26.12 32.82 3.45
CA LEU D 45 -27.26 32.47 2.63
C LEU D 45 -28.07 33.71 2.24
N CYS D 46 -28.23 34.65 3.18
CA CYS D 46 -29.02 35.87 2.93
C CYS D 46 -30.41 35.52 2.40
N ASP D 47 -31.01 34.46 2.94
CA ASP D 47 -32.33 34.02 2.51
C ASP D 47 -32.95 33.16 3.59
N GLN D 48 -34.20 32.79 3.42
CA GLN D 48 -34.95 32.07 4.45
C GLN D 48 -34.98 30.58 4.14
N ILE D 49 -35.25 29.79 5.20
CA ILE D 49 -35.47 28.35 5.09
C ILE D 49 -36.79 28.06 5.77
N ALA D 50 -37.68 27.35 5.08
CA ALA D 50 -39.07 27.23 5.54
C ALA D 50 -39.22 26.53 6.88
N SER D 51 -38.32 25.59 7.20
CA SER D 51 -38.41 24.88 8.48
C SER D 51 -37.92 25.72 9.67
N VAL D 52 -37.30 26.87 9.40
CA VAL D 52 -36.72 27.70 10.44
C VAL D 52 -37.73 28.79 10.74
N PRO D 53 -38.29 28.79 11.96
CA PRO D 53 -39.43 29.72 12.16
C PRO D 53 -39.07 31.16 12.43
N TYR D 54 -37.81 31.46 12.63
CA TYR D 54 -37.30 32.82 12.84
C TYR D 54 -36.54 33.26 11.58
N PRO D 55 -36.34 34.58 11.40
CA PRO D 55 -35.71 35.03 10.18
C PRO D 55 -34.23 34.69 10.16
N LEU D 56 -33.74 34.29 9.00
CA LEU D 56 -32.32 34.24 8.73
C LEU D 56 -31.85 35.62 8.21
N ALA D 57 -30.59 35.74 7.85
CA ALA D 57 -30.02 37.03 7.53
C ALA D 57 -30.51 37.55 6.18
N THR D 58 -30.34 38.85 6.00
CA THR D 58 -30.67 39.56 4.78
C THR D 58 -29.41 39.98 4.01
N PRO D 59 -29.53 40.23 2.69
CA PRO D 59 -28.40 40.81 1.96
C PRO D 59 -27.88 42.11 2.61
N GLU D 60 -28.81 42.92 3.13
CA GLU D 60 -28.43 44.14 3.83
CA GLU D 60 -28.45 44.16 3.83
C GLU D 60 -27.47 43.87 4.98
N GLU D 61 -27.76 42.83 5.76
CA GLU D 61 -26.91 42.52 6.91
C GLU D 61 -25.50 42.16 6.44
N LEU D 62 -25.40 41.37 5.38
CA LEU D 62 -24.07 41.01 4.88
C LEU D 62 -23.35 42.28 4.43
N ALA D 63 -24.07 43.17 3.75
CA ALA D 63 -23.40 44.41 3.35
C ALA D 63 -22.98 45.27 4.57
N ALA D 64 -23.71 45.18 5.67
CA ALA D 64 -23.35 45.89 6.91
C ALA D 64 -22.09 45.30 7.55
N THR D 65 -21.92 43.98 7.51
CA THR D 65 -20.69 43.36 7.95
C THR D 65 -19.51 43.85 7.11
N VAL D 66 -19.69 43.92 5.79
CA VAL D 66 -18.67 44.47 4.87
C VAL D 66 -18.26 45.87 5.33
N LYS D 67 -19.24 46.75 5.61
CA LYS D 67 -18.95 48.13 6.06
C LYS D 67 -18.16 48.15 7.37
N LEU D 68 -18.58 47.33 8.33
CA LEU D 68 -17.89 47.25 9.61
C LEU D 68 -16.43 46.85 9.43
N VAL D 69 -16.18 45.85 8.57
CA VAL D 69 -14.83 45.33 8.38
C VAL D 69 -13.95 46.35 7.61
N GLU D 70 -14.51 46.98 6.59
CA GLU D 70 -13.75 48.00 5.86
C GLU D 70 -13.42 49.19 6.75
N ASP D 71 -14.35 49.58 7.61
CA ASP D 71 -14.12 50.67 8.57
C ASP D 71 -12.99 50.37 9.56
N ILE D 72 -12.86 49.11 9.95
CA ILE D 72 -11.74 48.66 10.77
C ILE D 72 -10.41 48.74 10.01
N GLY D 73 -10.48 48.59 8.69
CA GLY D 73 -9.33 48.78 7.81
C GLY D 73 -8.85 47.55 7.07
N SER D 74 -9.63 46.47 7.11
CA SER D 74 -9.28 45.26 6.39
C SER D 74 -10.00 45.20 5.05
N ARG D 75 -9.50 44.36 4.15
CA ARG D 75 -10.19 44.00 2.93
C ARG D 75 -11.15 42.88 3.20
N ILE D 76 -12.27 42.88 2.48
CA ILE D 76 -13.28 41.84 2.58
C ILE D 76 -13.95 41.58 1.23
N VAL D 77 -14.12 40.30 0.90
CA VAL D 77 -14.92 39.83 -0.22
C VAL D 77 -16.13 39.09 0.36
N ALA D 78 -17.32 39.60 0.10
CA ALA D 78 -18.53 39.00 0.58
C ALA D 78 -19.38 38.47 -0.58
N ARG D 79 -19.94 37.29 -0.40
CA ARG D 79 -20.81 36.68 -1.38
C ARG D 79 -21.95 35.94 -0.73
N GLN D 80 -23.09 35.98 -1.38
CA GLN D 80 -24.20 35.12 -1.02
CA GLN D 80 -24.21 35.11 -1.05
C GLN D 80 -23.86 33.68 -1.46
N ALA D 81 -24.03 32.72 -0.55
CA ALA D 81 -23.74 31.32 -0.84
C ALA D 81 -24.43 30.47 0.22
N ASP D 82 -24.86 29.30 -0.20
CA ASP D 82 -25.57 28.32 0.66
C ASP D 82 -24.57 27.20 0.95
N VAL D 83 -24.24 26.98 2.22
CA VAL D 83 -23.30 25.91 2.59
C VAL D 83 -23.79 24.51 2.20
N ARG D 84 -25.10 24.36 1.96
CA ARG D 84 -25.66 23.08 1.51
C ARG D 84 -25.26 22.70 0.07
N ASP D 85 -24.83 23.69 -0.70
CA ASP D 85 -24.52 23.55 -2.14
C ASP D 85 -23.01 23.70 -2.31
N ARG D 86 -22.30 22.58 -2.46
CA ARG D 86 -20.85 22.62 -2.49
C ARG D 86 -20.32 23.50 -3.63
N GLU D 87 -20.91 23.39 -4.81
CA GLU D 87 -20.47 24.21 -5.97
C GLU D 87 -20.63 25.71 -5.69
N SER D 88 -21.77 26.10 -5.14
CA SER D 88 -22.06 27.50 -4.74
C SER D 88 -21.03 27.99 -3.73
N LEU D 89 -20.78 27.16 -2.72
CA LEU D 89 -19.81 27.53 -1.71
C LEU D 89 -18.38 27.63 -2.25
N SER D 90 -18.01 26.69 -3.12
CA SER D 90 -16.70 26.71 -3.77
C SER D 90 -16.52 27.96 -4.61
N ALA D 91 -17.57 28.35 -5.35
CA ALA D 91 -17.50 29.53 -6.23
C ALA D 91 -17.32 30.78 -5.36
N ALA D 92 -18.02 30.84 -4.22
CA ALA D 92 -17.90 32.00 -3.34
C ALA D 92 -16.49 32.11 -2.76
N LEU D 93 -15.95 31.00 -2.24
CA LEU D 93 -14.59 31.01 -1.73
C LEU D 93 -13.62 31.46 -2.82
N GLN D 94 -13.80 30.93 -4.04
CA GLN D 94 -12.90 31.22 -5.15
C GLN D 94 -12.93 32.72 -5.47
N ALA D 95 -14.10 33.34 -5.40
CA ALA D 95 -14.16 34.81 -5.61
C ALA D 95 -13.27 35.51 -4.60
N GLY D 96 -13.28 35.06 -3.34
CA GLY D 96 -12.37 35.65 -2.38
C GLY D 96 -10.90 35.34 -2.61
N LEU D 97 -10.59 34.10 -2.97
CA LEU D 97 -9.23 33.73 -3.33
C LEU D 97 -8.71 34.53 -4.53
N ASP D 98 -9.56 34.73 -5.53
CA ASP D 98 -9.17 35.48 -6.73
C ASP D 98 -8.70 36.88 -6.35
N GLU D 99 -9.35 37.49 -5.36
CA GLU D 99 -8.99 38.83 -4.90
C GLU D 99 -7.90 38.91 -3.85
N LEU D 100 -7.91 37.99 -2.88
CA LEU D 100 -7.04 38.13 -1.72
C LEU D 100 -5.81 37.23 -1.80
N GLY D 101 -5.86 36.18 -2.63
CA GLY D 101 -4.64 35.43 -2.93
C GLY D 101 -4.16 34.33 -1.98
N ARG D 102 -4.87 34.11 -0.88
CA ARG D 102 -4.46 33.08 0.09
C ARG D 102 -5.60 32.80 1.06
N LEU D 103 -5.38 31.77 1.86
CA LEU D 103 -6.34 31.40 2.92
C LEU D 103 -5.55 30.86 4.10
N ASP D 104 -5.91 31.27 5.30
CA ASP D 104 -5.23 30.79 6.51
C ASP D 104 -6.17 30.21 7.56
N ILE D 105 -7.38 30.76 7.63
CA ILE D 105 -8.31 30.51 8.72
C ILE D 105 -9.67 30.21 8.13
N VAL D 106 -10.36 29.20 8.66
CA VAL D 106 -11.71 28.81 8.26
C VAL D 106 -12.55 28.79 9.54
N VAL D 107 -13.68 29.50 9.55
CA VAL D 107 -14.65 29.45 10.68
C VAL D 107 -16.01 28.97 10.14
N ALA D 108 -16.34 27.71 10.45
CA ALA D 108 -17.50 27.05 9.91
C ALA D 108 -18.63 27.31 10.91
N ASN D 109 -19.22 28.49 10.74
CA ASN D 109 -20.15 29.09 11.70
C ASN D 109 -21.63 29.04 11.27
N ALA D 110 -21.93 29.03 9.97
CA ALA D 110 -23.34 29.00 9.54
C ALA D 110 -24.08 27.86 10.19
N GLY D 111 -25.28 28.13 10.67
CA GLY D 111 -26.11 27.14 11.33
C GLY D 111 -27.53 27.60 11.50
N ILE D 112 -28.45 26.64 11.63
CA ILE D 112 -29.87 26.90 11.86
C ILE D 112 -30.38 26.03 13.01
N ALA D 113 -31.53 26.45 13.55
CA ALA D 113 -32.24 25.73 14.61
C ALA D 113 -33.71 25.60 14.27
N PRO D 114 -34.04 24.72 13.32
CA PRO D 114 -35.45 24.52 12.95
C PRO D 114 -36.28 23.92 14.05
N MET D 115 -37.57 24.23 14.07
CA MET D 115 -38.50 23.59 14.99
C MET D 115 -39.91 23.72 14.49
N SER D 116 -40.76 22.82 14.96
CA SER D 116 -42.18 22.78 14.60
CA SER D 116 -42.17 22.83 14.60
C SER D 116 -42.40 22.66 13.09
N ALA D 117 -41.51 21.93 12.42
CA ALA D 117 -41.59 21.68 10.97
C ALA D 117 -41.66 20.18 10.63
N GLY D 118 -41.90 19.33 11.63
CA GLY D 118 -41.80 17.91 11.43
C GLY D 118 -40.43 17.47 10.94
N ASP D 119 -40.41 16.41 10.14
CA ASP D 119 -39.14 15.84 9.69
C ASP D 119 -38.39 16.75 8.75
N ASP D 120 -39.04 17.75 8.18
CA ASP D 120 -38.27 18.70 7.38
C ASP D 120 -37.18 19.37 8.26
N GLY D 121 -37.50 19.56 9.54
CA GLY D 121 -36.51 20.13 10.46
C GLY D 121 -35.29 19.24 10.62
N TRP D 122 -35.52 17.92 10.73
CA TRP D 122 -34.41 16.96 10.80
C TRP D 122 -33.53 17.13 9.54
N HIS D 123 -34.15 17.04 8.36
CA HIS D 123 -33.38 17.07 7.14
C HIS D 123 -32.63 18.38 6.98
N ASP D 124 -33.29 19.51 7.24
CA ASP D 124 -32.63 20.81 7.06
C ASP D 124 -31.50 21.02 8.06
N VAL D 125 -31.69 20.63 9.32
CA VAL D 125 -30.61 20.85 10.28
C VAL D 125 -29.38 19.97 10.01
N ILE D 126 -29.57 18.73 9.58
CA ILE D 126 -28.43 17.89 9.15
C ILE D 126 -27.75 18.52 7.93
N ASP D 127 -28.55 18.99 6.99
CA ASP D 127 -28.02 19.52 5.74
CA ASP D 127 -28.04 19.54 5.74
C ASP D 127 -27.15 20.76 6.00
N VAL D 128 -27.65 21.72 6.79
CA VAL D 128 -26.88 22.94 7.06
C VAL D 128 -25.78 22.71 8.09
N ASN D 129 -26.14 22.11 9.22
CA ASN D 129 -25.26 22.13 10.39
C ASN D 129 -24.23 20.98 10.36
N LEU D 130 -24.43 19.95 9.52
CA LEU D 130 -23.46 18.87 9.42
C LEU D 130 -22.87 18.84 8.00
N THR D 131 -23.70 18.55 6.99
CA THR D 131 -23.23 18.56 5.62
C THR D 131 -22.61 19.92 5.27
N GLY D 132 -23.23 21.01 5.71
CA GLY D 132 -22.69 22.35 5.41
C GLY D 132 -21.30 22.60 5.98
N VAL D 133 -21.06 22.03 7.17
CA VAL D 133 -19.76 22.14 7.81
C VAL D 133 -18.74 21.28 7.04
N TYR D 134 -19.13 20.08 6.65
CA TYR D 134 -18.28 19.24 5.79
C TYR D 134 -17.89 20.00 4.50
N HIS D 135 -18.87 20.60 3.83
CA HIS D 135 -18.58 21.33 2.61
C HIS D 135 -17.60 22.46 2.87
N THR D 136 -17.77 23.15 3.99
CA THR D 136 -16.90 24.30 4.33
C THR D 136 -15.45 23.83 4.50
N ILE D 137 -15.23 22.72 5.19
CA ILE D 137 -13.90 22.13 5.28
C ILE D 137 -13.37 21.74 3.91
N LYS D 138 -14.21 21.03 3.17
CA LYS D 138 -13.76 20.42 1.91
C LYS D 138 -13.32 21.47 0.91
N VAL D 139 -14.04 22.58 0.80
CA VAL D 139 -13.70 23.59 -0.22
C VAL D 139 -12.41 24.35 0.14
N ALA D 140 -12.03 24.36 1.40
CA ALA D 140 -10.83 25.08 1.90
C ALA D 140 -9.56 24.25 1.87
N ILE D 141 -9.67 22.93 2.04
CA ILE D 141 -8.46 22.08 2.20
C ILE D 141 -7.45 22.19 1.05
N PRO D 142 -7.90 22.17 -0.22
CA PRO D 142 -6.85 22.16 -1.26
C PRO D 142 -5.95 23.39 -1.20
N THR D 143 -6.52 24.56 -0.97
CA THR D 143 -5.74 25.79 -0.85
C THR D 143 -4.78 25.73 0.34
N LEU D 144 -5.29 25.34 1.50
CA LEU D 144 -4.45 25.20 2.66
C LEU D 144 -3.28 24.23 2.46
N VAL D 145 -3.55 23.09 1.87
CA VAL D 145 -2.53 22.08 1.66
C VAL D 145 -1.51 22.56 0.62
N LYS D 146 -1.98 23.11 -0.50
CA LYS D 146 -1.06 23.58 -1.56
C LYS D 146 -0.12 24.69 -1.07
N GLN D 147 -0.61 25.56 -0.20
CA GLN D 147 0.22 26.65 0.36
C GLN D 147 1.38 26.17 1.20
N GLY D 148 1.15 25.15 2.00
CA GLY D 148 2.19 24.59 2.82
C GLY D 148 2.63 25.45 3.99
N THR D 149 1.76 26.34 4.48
CA THR D 149 2.14 27.22 5.58
C THR D 149 1.24 27.01 6.83
N GLY D 150 0.53 25.89 6.85
CA GLY D 150 -0.35 25.61 7.98
C GLY D 150 -1.59 26.43 7.92
N GLY D 151 -2.32 26.44 9.03
CA GLY D 151 -3.56 27.19 9.09
C GLY D 151 -4.42 26.67 10.25
N SER D 152 -5.63 27.19 10.31
CA SER D 152 -6.57 26.88 11.39
C SER D 152 -7.95 26.66 10.80
N ILE D 153 -8.61 25.59 11.24
CA ILE D 153 -10.00 25.32 10.87
C ILE D 153 -10.76 25.23 12.19
N VAL D 154 -11.78 26.08 12.35
CA VAL D 154 -12.56 26.14 13.59
C VAL D 154 -14.01 25.79 13.23
N LEU D 155 -14.54 24.76 13.87
CA LEU D 155 -15.90 24.31 13.66
C LEU D 155 -16.75 24.75 14.83
N ILE D 156 -17.90 25.39 14.56
CA ILE D 156 -18.80 25.82 15.61
C ILE D 156 -19.81 24.75 15.88
N SER D 157 -19.67 24.10 17.05
CA SER D 157 -20.60 23.09 17.51
C SER D 157 -21.52 23.77 18.52
N SER D 158 -21.72 23.19 19.69
CA SER D 158 -22.70 23.64 20.70
C SER D 158 -22.52 22.77 21.92
N SER D 159 -23.08 23.18 23.05
CA SER D 159 -23.28 22.24 24.17
C SER D 159 -23.95 20.95 23.72
N ALA D 160 -24.86 21.09 22.78
CA ALA D 160 -25.62 19.96 22.24
C ALA D 160 -24.78 19.05 21.34
N GLY D 161 -23.54 19.42 21.06
CA GLY D 161 -22.57 18.50 20.46
C GLY D 161 -21.85 17.53 21.39
N LEU D 162 -21.99 17.74 22.70
CA LEU D 162 -21.37 16.91 23.73
C LEU D 162 -22.33 16.39 24.78
N ALA D 163 -23.57 16.87 24.75
CA ALA D 163 -24.60 16.49 25.70
C ALA D 163 -25.92 16.41 24.96
N GLY D 164 -26.82 15.55 25.47
CA GLY D 164 -28.13 15.34 24.85
C GLY D 164 -29.16 16.38 25.22
N VAL D 165 -28.83 17.64 24.90
N VAL D 165 -28.88 17.65 24.98
CA VAL D 165 -29.68 18.81 25.18
CA VAL D 165 -29.79 18.68 25.45
C VAL D 165 -30.62 19.02 24.02
C VAL D 165 -30.69 19.11 24.27
N GLY D 166 -31.74 18.32 24.06
CA GLY D 166 -32.73 18.49 22.97
C GLY D 166 -34.09 18.09 23.47
N SER D 167 -35.10 18.54 22.72
CA SER D 167 -36.47 18.06 22.89
C SER D 167 -36.81 17.00 21.85
N ALA D 168 -38.04 16.50 21.88
CA ALA D 168 -38.45 15.49 20.90
C ALA D 168 -38.69 16.01 19.47
N ASP D 169 -38.71 17.30 19.27
CA ASP D 169 -38.95 17.86 17.94
C ASP D 169 -37.83 17.36 16.99
N PRO D 170 -38.18 16.86 15.81
CA PRO D 170 -37.15 16.39 14.84
C PRO D 170 -36.01 17.41 14.59
N GLY D 171 -36.32 18.71 14.59
CA GLY D 171 -35.31 19.72 14.38
C GLY D 171 -34.33 19.81 15.55
N SER D 172 -34.84 19.50 16.74
CA SER D 172 -34.05 19.56 17.99
C SER D 172 -33.19 18.32 18.12
N VAL D 173 -33.77 17.12 17.98
CA VAL D 173 -33.04 15.88 17.91
CA VAL D 173 -32.95 15.91 17.98
C VAL D 173 -31.93 16.00 16.84
N GLY D 174 -32.31 16.57 15.70
CA GLY D 174 -31.39 16.80 14.61
C GLY D 174 -30.25 17.77 14.90
N TYR D 175 -30.57 18.80 15.67
CA TYR D 175 -29.56 19.75 16.15
C TYR D 175 -28.50 19.03 17.02
N VAL D 176 -28.96 18.21 17.98
CA VAL D 176 -28.06 17.42 18.80
C VAL D 176 -27.23 16.51 17.89
N ALA D 177 -27.88 15.79 16.97
CA ALA D 177 -27.14 14.83 16.12
C ALA D 177 -26.11 15.53 15.24
N ALA D 178 -26.52 16.64 14.65
CA ALA D 178 -25.61 17.40 13.77
C ALA D 178 -24.43 17.96 14.54
N LYS D 179 -24.70 18.55 15.69
CA LYS D 179 -23.63 19.18 16.47
C LYS D 179 -22.64 18.13 17.00
N HIS D 180 -23.15 16.93 17.34
CA HIS D 180 -22.28 15.80 17.65
C HIS D 180 -21.45 15.42 16.43
N GLY D 181 -22.10 15.34 15.27
CA GLY D 181 -21.38 15.03 14.03
C GLY D 181 -20.26 16.01 13.71
N VAL D 182 -20.45 17.28 14.08
CA VAL D 182 -19.40 18.28 13.92
C VAL D 182 -18.15 17.90 14.75
N VAL D 183 -18.34 17.42 15.98
CA VAL D 183 -17.19 16.92 16.74
C VAL D 183 -16.45 15.84 15.97
N GLY D 184 -17.21 14.90 15.37
CA GLY D 184 -16.57 13.84 14.60
C GLY D 184 -15.72 14.43 13.45
N LEU D 185 -16.29 15.37 12.71
CA LEU D 185 -15.54 16.06 11.66
C LEU D 185 -14.26 16.67 12.21
N MET D 186 -14.36 17.34 13.36
CA MET D 186 -13.18 17.94 13.97
C MET D 186 -12.13 16.89 14.24
N ARG D 187 -12.53 15.79 14.85
CA ARG D 187 -11.55 14.83 15.33
C ARG D 187 -10.81 14.17 14.17
N VAL D 188 -11.59 13.78 13.15
CA VAL D 188 -10.93 13.10 12.03
C VAL D 188 -10.10 14.07 11.18
N TYR D 189 -10.58 15.28 10.93
CA TYR D 189 -9.77 16.23 10.19
C TYR D 189 -8.56 16.72 10.98
N ALA D 190 -8.65 16.83 12.30
CA ALA D 190 -7.46 17.17 13.07
C ALA D 190 -6.39 16.14 12.82
N ASN D 191 -6.76 14.87 12.83
CA ASN D 191 -5.77 13.81 12.52
C ASN D 191 -5.30 13.83 11.06
N LEU D 192 -6.21 14.01 10.13
CA LEU D 192 -5.83 13.99 8.71
C LEU D 192 -4.88 15.15 8.34
N LEU D 193 -5.06 16.30 8.96
CA LEU D 193 -4.38 17.54 8.58
C LEU D 193 -3.21 17.93 9.50
N ALA D 194 -3.00 17.18 10.58
CA ALA D 194 -1.96 17.53 11.56
C ALA D 194 -0.58 17.58 10.92
N GLY D 195 -0.33 16.64 10.00
CA GLY D 195 0.95 16.58 9.33
C GLY D 195 1.23 17.80 8.49
N GLN D 196 0.19 18.52 8.08
CA GLN D 196 0.31 19.78 7.34
C GLN D 196 0.35 21.01 8.23
N MET D 197 0.39 20.80 9.55
CA MET D 197 0.36 21.89 10.53
C MET D 197 -0.93 22.72 10.43
N ILE D 198 -2.02 22.07 10.08
CA ILE D 198 -3.34 22.72 10.02
C ILE D 198 -4.08 22.22 11.26
N ARG D 199 -4.36 23.16 12.15
CA ARG D 199 -5.06 22.86 13.40
C ARG D 199 -6.55 22.81 13.11
N VAL D 200 -7.25 21.86 13.78
CA VAL D 200 -8.70 21.73 13.66
C VAL D 200 -9.24 21.54 15.07
N ASN D 201 -10.20 22.37 15.45
CA ASN D 201 -10.81 22.33 16.80
C ASN D 201 -12.27 22.70 16.69
N SER D 202 -13.05 22.37 17.74
CA SER D 202 -14.45 22.77 17.75
C SER D 202 -14.74 23.60 18.97
N ILE D 203 -15.70 24.52 18.78
CA ILE D 203 -16.15 25.44 19.82
C ILE D 203 -17.54 25.12 20.24
N HIS D 204 -17.80 25.09 21.55
CA HIS D 204 -19.08 24.64 22.12
C HIS D 204 -19.70 25.70 23.01
N PRO D 205 -20.38 26.69 22.42
CA PRO D 205 -21.07 27.66 23.26
C PRO D 205 -22.34 27.07 23.85
N SER D 206 -22.82 27.65 24.96
N SER D 206 -22.68 27.52 25.05
CA SER D 206 -24.15 27.31 25.54
CA SER D 206 -24.05 27.48 25.48
C SER D 206 -25.32 28.13 24.94
C SER D 206 -24.66 28.75 24.87
N GLY D 207 -25.64 29.31 25.49
CA GLY D 207 -26.45 30.28 24.82
C GLY D 207 -25.70 31.55 24.52
N VAL D 208 -25.90 32.11 23.32
CA VAL D 208 -25.22 33.28 22.85
C VAL D 208 -26.31 34.25 22.35
N GLU D 209 -26.14 35.54 22.63
CA GLU D 209 -27.20 36.51 22.33
CA GLU D 209 -27.18 36.52 22.33
C GLU D 209 -27.24 36.86 20.84
N THR D 210 -28.05 36.10 20.10
CA THR D 210 -28.28 36.27 18.67
C THR D 210 -29.74 35.89 18.41
N PRO D 211 -30.23 36.16 17.19
CA PRO D 211 -31.57 35.77 16.86
C PRO D 211 -31.91 34.30 17.03
N MET D 212 -30.90 33.41 16.99
CA MET D 212 -31.16 31.98 17.21
C MET D 212 -31.70 31.70 18.62
N ILE D 213 -31.24 32.46 19.60
CA ILE D 213 -31.63 32.23 21.00
C ILE D 213 -32.81 33.06 21.45
N ASN D 214 -33.03 34.24 20.85
CA ASN D 214 -34.01 35.17 21.43
C ASN D 214 -35.33 35.26 20.73
N ASN D 215 -35.50 34.53 19.64
CA ASN D 215 -36.80 34.45 19.00
C ASN D 215 -37.81 33.70 19.86
N GLU D 216 -39.09 33.89 19.58
CA GLU D 216 -40.12 33.32 20.43
C GLU D 216 -40.13 31.79 20.44
N PHE D 217 -39.82 31.17 19.29
CA PHE D 217 -39.79 29.69 19.24
C PHE D 217 -38.73 29.10 20.13
N THR D 218 -37.53 29.65 20.06
CA THR D 218 -36.48 29.17 20.95
C THR D 218 -36.82 29.47 22.40
N ARG D 219 -37.40 30.64 22.66
CA ARG D 219 -37.78 30.95 24.01
C ARG D 219 -38.76 29.96 24.59
N GLU D 220 -39.76 29.56 23.80
CA GLU D 220 -40.75 28.58 24.26
C GLU D 220 -40.09 27.21 24.42
N TRP D 221 -39.16 26.90 23.54
CA TRP D 221 -38.41 25.65 23.68
C TRP D 221 -37.65 25.62 24.98
N LEU D 222 -36.96 26.71 25.30
CA LEU D 222 -36.18 26.79 26.55
C LEU D 222 -37.08 26.65 27.77
N ALA D 223 -38.25 27.28 27.73
CA ALA D 223 -39.17 27.17 28.83
C ALA D 223 -39.68 25.74 29.00
N LYS D 224 -39.97 25.06 27.90
CA LYS D 224 -40.44 23.66 27.93
C LYS D 224 -39.35 22.75 28.47
N MET D 225 -38.11 22.98 28.06
CA MET D 225 -36.97 22.17 28.55
C MET D 225 -36.77 22.39 30.04
N ALA D 226 -36.85 23.63 30.50
CA ALA D 226 -36.73 23.92 31.94
C ALA D 226 -37.82 23.22 32.75
N ALA D 227 -39.04 23.19 32.24
CA ALA D 227 -40.17 22.58 32.97
C ALA D 227 -40.11 21.06 33.00
N ALA D 228 -39.39 20.47 32.05
CA ALA D 228 -39.31 19.03 31.90
C ALA D 228 -38.35 18.43 32.92
N THR D 229 -37.40 19.24 33.39
CA THR D 229 -36.40 18.78 34.33
C THR D 229 -36.90 19.06 35.75
N ASP D 230 -36.53 18.21 36.69
CA ASP D 230 -36.80 18.48 38.11
C ASP D 230 -35.62 19.24 38.75
N THR D 231 -34.44 19.17 38.12
CA THR D 231 -33.21 19.72 38.70
C THR D 231 -33.18 21.26 38.72
N GLY D 233 -32.31 24.69 38.31
CA GLY D 233 -32.00 25.47 37.10
C GLY D 233 -31.09 24.74 36.13
N ALA D 234 -31.49 23.53 35.73
CA ALA D 234 -30.61 22.64 34.96
C ALA D 234 -30.28 23.16 33.56
N MET D 235 -31.06 24.10 33.05
CA MET D 235 -30.79 24.72 31.73
C MET D 235 -29.94 25.99 31.79
N GLY D 236 -29.56 26.40 33.00
CA GLY D 236 -28.69 27.58 33.17
C GLY D 236 -27.21 27.22 33.18
N ASN D 237 -26.42 28.26 33.03
CA ASN D 237 -24.96 28.13 33.16
C ASN D 237 -24.59 27.98 34.64
N ALA D 238 -23.34 27.55 34.91
CA ALA D 238 -22.88 27.47 36.29
C ALA D 238 -22.58 28.84 36.90
N MET D 239 -21.85 29.68 36.17
CA MET D 239 -21.63 31.06 36.55
C MET D 239 -22.93 31.82 36.33
N PRO D 240 -23.17 32.85 37.16
CA PRO D 240 -24.41 33.62 37.04
C PRO D 240 -24.41 34.61 35.86
N VAL D 241 -24.38 34.01 34.67
CA VAL D 241 -24.34 34.66 33.36
C VAL D 241 -25.55 34.14 32.59
N GLU D 242 -26.49 35.03 32.27
CA GLU D 242 -27.74 34.64 31.60
C GLU D 242 -27.46 34.08 30.21
N VAL D 243 -26.59 34.77 29.48
CA VAL D 243 -26.31 34.46 28.09
C VAL D 243 -24.94 35.04 27.76
N LEU D 244 -24.19 34.37 26.88
CA LEU D 244 -22.89 34.89 26.46
C LEU D 244 -23.06 35.90 25.31
N ALA D 245 -22.11 36.80 25.18
CA ALA D 245 -22.06 37.75 24.05
C ALA D 245 -21.46 37.04 22.83
N PRO D 246 -21.87 37.42 21.61
CA PRO D 246 -21.17 36.89 20.43
C PRO D 246 -19.65 37.13 20.54
N GLU D 247 -19.24 38.23 21.15
CA GLU D 247 -17.81 38.54 21.31
C GLU D 247 -17.06 37.53 22.18
N ASP D 248 -17.74 36.89 23.12
CA ASP D 248 -17.07 35.84 23.91
C ASP D 248 -16.61 34.71 23.00
N VAL D 249 -17.47 34.29 22.07
CA VAL D 249 -17.09 33.24 21.13
C VAL D 249 -16.03 33.73 20.16
N ALA D 250 -16.18 34.94 19.65
CA ALA D 250 -15.18 35.50 18.73
C ALA D 250 -13.82 35.63 19.42
N ASN D 251 -13.82 35.99 20.70
CA ASN D 251 -12.56 36.16 21.43
C ASN D 251 -11.86 34.83 21.56
N ALA D 252 -12.61 33.76 21.85
CA ALA D 252 -11.98 32.42 21.94
C ALA D 252 -11.37 32.04 20.59
N VAL D 253 -12.11 32.24 19.52
CA VAL D 253 -11.62 31.88 18.18
C VAL D 253 -10.38 32.70 17.79
N ALA D 254 -10.36 33.99 18.09
CA ALA D 254 -9.22 34.86 17.80
C ALA D 254 -7.98 34.33 18.47
N TRP D 255 -8.11 33.85 19.69
CA TRP D 255 -6.97 33.24 20.43
CA TRP D 255 -6.95 33.35 20.34
C TRP D 255 -6.48 32.02 19.70
N LEU D 256 -7.41 31.11 19.43
CA LEU D 256 -7.11 29.80 18.85
C LEU D 256 -6.40 29.86 17.52
N VAL D 257 -6.73 30.85 16.69
CA VAL D 257 -6.14 30.95 15.37
C VAL D 257 -4.82 31.74 15.39
N SER D 258 -4.41 32.24 16.55
CA SER D 258 -3.21 33.05 16.70
C SER D 258 -2.00 32.15 16.98
N ASP D 259 -0.80 32.71 16.89
CA ASP D 259 0.42 31.94 17.25
C ASP D 259 0.52 31.59 18.74
N GLN D 260 -0.25 32.25 19.58
CA GLN D 260 -0.37 31.90 21.00
C GLN D 260 -1.04 30.52 21.23
N ALA D 261 -1.66 29.98 20.17
CA ALA D 261 -2.29 28.67 20.25
C ALA D 261 -1.82 27.79 19.08
N ARG D 262 -0.56 27.98 18.70
CA ARG D 262 0.00 27.33 17.52
C ARG D 262 -0.04 25.80 17.53
N TYR D 263 -0.04 25.20 18.73
CA TYR D 263 -0.02 23.73 18.83
C TYR D 263 -1.29 23.15 19.47
N ILE D 264 -2.38 23.89 19.39
CA ILE D 264 -3.66 23.43 19.92
CA ILE D 264 -3.64 23.37 19.92
C ILE D 264 -4.46 22.81 18.76
N THR D 265 -4.69 21.50 18.82
CA THR D 265 -5.49 20.83 17.79
C THR D 265 -6.18 19.61 18.36
N GLY D 266 -7.30 19.26 17.76
CA GLY D 266 -8.10 18.11 18.23
C GLY D 266 -8.92 18.32 19.50
N VAL D 267 -9.19 19.58 19.83
CA VAL D 267 -9.84 19.96 21.09
C VAL D 267 -11.29 20.39 20.88
N THR D 268 -12.14 19.90 21.79
CA THR D 268 -13.49 20.45 21.95
C THR D 268 -13.42 21.48 23.06
N LEU D 269 -13.64 22.75 22.69
CA LEU D 269 -13.51 23.85 23.65
C LEU D 269 -14.90 24.44 24.03
N PRO D 270 -15.38 24.11 25.25
CA PRO D 270 -16.59 24.81 25.72
C PRO D 270 -16.33 26.28 26.02
N VAL D 271 -17.27 27.12 25.57
CA VAL D 271 -17.26 28.55 25.85
C VAL D 271 -18.67 28.80 26.39
N ASP D 272 -18.86 28.58 27.69
CA ASP D 272 -20.20 28.23 28.18
C ASP D 272 -20.51 28.54 29.62
N ALA D 273 -19.65 29.32 30.28
CA ALA D 273 -19.90 29.74 31.66
C ALA D 273 -20.16 28.54 32.58
N GLY D 274 -19.52 27.42 32.25
CA GLY D 274 -19.59 26.20 33.03
C GLY D 274 -20.74 25.25 32.75
N PHE D 275 -21.56 25.58 31.74
CA PHE D 275 -22.72 24.73 31.44
C PHE D 275 -22.46 23.22 31.35
N LEU D 276 -21.49 22.82 30.54
CA LEU D 276 -21.25 21.38 30.36
C LEU D 276 -20.76 20.69 31.60
N ASN D 277 -20.04 21.40 32.46
CA ASN D 277 -19.53 20.79 33.69
C ASN D 277 -20.52 20.82 34.84
N LYS D 278 -21.63 21.54 34.68
CA LYS D 278 -22.57 21.74 35.80
C LYS D 278 -23.25 20.41 36.13
N GLY E 9 -6.45 -27.96 -1.64
CA GLY E 9 -6.20 -27.18 -2.89
C GLY E 9 -5.28 -27.90 -3.86
N PRO E 10 -4.93 -27.24 -4.98
CA PRO E 10 -4.10 -27.93 -5.97
C PRO E 10 -2.68 -28.30 -5.50
N LEU E 11 -2.24 -27.75 -4.36
CA LEU E 11 -0.91 -28.05 -3.81
C LEU E 11 -0.89 -28.78 -2.45
N THR E 12 -2.02 -29.35 -2.03
CA THR E 12 -2.05 -30.07 -0.76
C THR E 12 -1.03 -31.19 -0.83
N GLY E 13 -0.29 -31.33 0.25
CA GLY E 13 0.79 -32.30 0.33
C GLY E 13 2.13 -31.80 -0.20
N LYS E 14 2.15 -30.68 -0.90
CA LYS E 14 3.42 -30.16 -1.44
C LYS E 14 4.10 -29.25 -0.41
N VAL E 15 5.43 -29.18 -0.50
CA VAL E 15 6.21 -28.29 0.35
C VAL E 15 6.96 -27.28 -0.52
N ALA E 16 6.88 -26.00 -0.14
CA ALA E 16 7.50 -24.90 -0.88
C ALA E 16 8.52 -24.16 -0.02
N PHE E 17 9.75 -24.06 -0.53
CA PHE E 17 10.88 -23.36 0.11
C PHE E 17 10.95 -21.99 -0.53
N ILE E 18 10.79 -20.95 0.28
CA ILE E 18 10.73 -19.56 -0.17
C ILE E 18 11.78 -18.71 0.52
N THR E 19 12.64 -18.07 -0.26
CA THR E 19 13.62 -17.17 0.33
C THR E 19 13.08 -15.73 0.29
N GLY E 20 13.51 -14.90 1.25
CA GLY E 20 13.01 -13.56 1.38
C GLY E 20 11.54 -13.53 1.81
N ALA E 21 11.14 -14.46 2.69
CA ALA E 21 9.72 -14.69 3.00
C ALA E 21 9.11 -13.77 4.07
N ALA E 22 9.90 -12.89 4.67
CA ALA E 22 9.43 -12.10 5.81
C ALA E 22 8.37 -11.08 5.41
N ARG E 23 8.39 -10.62 4.17
CA ARG E 23 7.49 -9.56 3.73
C ARG E 23 7.40 -9.50 2.22
N GLY E 24 6.68 -8.51 1.71
CA GLY E 24 6.68 -8.24 0.26
C GLY E 24 6.24 -9.42 -0.56
N GLN E 25 6.92 -9.64 -1.70
CA GLN E 25 6.52 -10.72 -2.58
C GLN E 25 6.71 -12.08 -1.93
N GLY E 26 7.77 -12.24 -1.16
CA GLY E 26 8.05 -13.50 -0.50
C GLY E 26 6.93 -13.92 0.46
N ARG E 27 6.45 -12.98 1.24
CA ARG E 27 5.25 -13.22 2.05
C ARG E 27 4.02 -13.57 1.20
N ALA E 28 3.82 -12.86 0.08
CA ALA E 28 2.70 -13.15 -0.82
C ALA E 28 2.77 -14.56 -1.40
N HIS E 29 3.96 -15.03 -1.76
CA HIS E 29 4.10 -16.42 -2.21
C HIS E 29 3.71 -17.40 -1.09
N ALA E 30 4.19 -17.15 0.13
CA ALA E 30 3.93 -18.03 1.25
C ALA E 30 2.42 -18.16 1.52
N VAL E 31 1.73 -17.03 1.49
CA VAL E 31 0.28 -17.03 1.72
C VAL E 31 -0.53 -17.62 0.56
N ARG E 32 -0.10 -17.37 -0.69
CA ARG E 32 -0.81 -17.89 -1.86
C ARG E 32 -0.64 -19.40 -2.00
N LEU E 33 0.59 -19.88 -1.82
CA LEU E 33 0.86 -21.29 -1.95
C LEU E 33 0.21 -22.06 -0.79
N ALA E 34 0.25 -21.45 0.39
CA ALA E 34 -0.41 -22.01 1.57
C ALA E 34 -1.94 -22.13 1.36
N ALA E 35 -2.51 -21.10 0.77
CA ALA E 35 -3.94 -21.10 0.46
C ALA E 35 -4.30 -22.21 -0.50
N ASP E 36 -3.37 -22.59 -1.39
CA ASP E 36 -3.58 -23.71 -2.29
C ASP E 36 -3.21 -25.06 -1.69
N GLY E 37 -2.81 -25.09 -0.43
CA GLY E 37 -2.60 -26.36 0.30
C GLY E 37 -1.16 -26.70 0.68
N ALA E 38 -0.20 -25.89 0.22
CA ALA E 38 1.20 -26.19 0.47
C ALA E 38 1.63 -25.88 1.90
N ASP E 39 2.54 -26.70 2.42
CA ASP E 39 3.29 -26.37 3.61
C ASP E 39 4.54 -25.58 3.17
N ILE E 40 5.09 -24.77 4.07
CA ILE E 40 6.09 -23.74 3.75
C ILE E 40 7.37 -23.86 4.56
N ILE E 41 8.52 -23.78 3.90
CA ILE E 41 9.80 -23.58 4.56
C ILE E 41 10.22 -22.16 4.21
N ALA E 42 10.27 -21.26 5.18
CA ALA E 42 10.38 -19.81 4.92
C ALA E 42 11.66 -19.29 5.53
N VAL E 43 12.49 -18.62 4.72
CA VAL E 43 13.71 -18.03 5.25
C VAL E 43 13.85 -16.57 4.88
N ASP E 44 14.49 -15.82 5.77
CA ASP E 44 14.79 -14.41 5.55
C ASP E 44 15.99 -14.01 6.39
N LEU E 45 16.71 -13.01 5.91
CA LEU E 45 17.89 -12.48 6.59
C LEU E 45 17.52 -11.83 7.92
N CYS E 46 16.38 -11.11 7.91
CA CYS E 46 15.84 -10.41 9.09
C CYS E 46 16.91 -9.52 9.71
N ASP E 47 17.66 -8.84 8.85
CA ASP E 47 18.80 -8.00 9.29
C ASP E 47 19.17 -7.06 8.16
N GLN E 48 19.98 -6.05 8.45
CA GLN E 48 20.31 -5.02 7.46
C GLN E 48 21.60 -5.32 6.71
N ILE E 49 21.65 -4.91 5.44
CA ILE E 49 22.91 -4.85 4.68
C ILE E 49 23.21 -3.38 4.46
N ALA E 50 24.44 -2.97 4.79
CA ALA E 50 24.82 -1.56 4.86
C ALA E 50 24.71 -0.75 3.57
N SER E 51 24.90 -1.41 2.43
CA SER E 51 24.81 -0.78 1.11
C SER E 51 23.37 -0.53 0.66
N VAL E 52 22.39 -1.03 1.41
CA VAL E 52 21.00 -0.98 1.02
C VAL E 52 20.37 0.19 1.79
N PRO E 53 19.95 1.25 1.08
CA PRO E 53 19.53 2.51 1.75
C PRO E 53 18.05 2.54 2.18
N TYR E 54 17.48 1.37 2.37
CA TYR E 54 16.11 1.21 2.88
C TYR E 54 16.14 0.01 3.82
N PRO E 55 15.21 -0.05 4.77
CA PRO E 55 15.30 -1.13 5.72
C PRO E 55 14.90 -2.49 5.14
N LEU E 56 15.72 -3.50 5.42
CA LEU E 56 15.37 -4.86 5.11
C LEU E 56 14.39 -5.39 6.19
N ALA E 57 13.98 -6.64 6.08
CA ALA E 57 12.97 -7.21 6.96
C ALA E 57 13.45 -7.39 8.41
N THR E 58 12.50 -7.36 9.33
CA THR E 58 12.77 -7.65 10.73
C THR E 58 12.33 -9.06 11.09
N PRO E 59 12.84 -9.60 12.23
CA PRO E 59 12.37 -10.87 12.80
C PRO E 59 10.85 -10.87 13.01
N GLU E 60 10.30 -9.73 13.41
CA GLU E 60 8.88 -9.62 13.68
C GLU E 60 8.05 -9.82 12.42
N GLU E 61 8.60 -9.38 11.28
CA GLU E 61 7.92 -9.56 9.99
C GLU E 61 7.90 -11.03 9.57
N LEU E 62 9.01 -11.73 9.78
CA LEU E 62 9.03 -13.18 9.54
C LEU E 62 8.03 -13.89 10.48
N ALA E 63 7.97 -13.48 11.75
CA ALA E 63 6.98 -14.10 12.65
C ALA E 63 5.54 -13.79 12.21
N ALA E 64 5.29 -12.61 11.66
CA ALA E 64 3.99 -12.29 11.08
C ALA E 64 3.63 -13.17 9.89
N THR E 65 4.60 -13.45 9.02
CA THR E 65 4.34 -14.38 7.92
C THR E 65 3.94 -15.76 8.43
N VAL E 66 4.65 -16.23 9.45
CA VAL E 66 4.31 -17.51 10.07
C VAL E 66 2.85 -17.52 10.57
N LYS E 67 2.40 -16.44 11.22
CA LYS E 67 1.03 -16.39 11.73
C LYS E 67 0.02 -16.38 10.59
N LEU E 68 0.33 -15.69 9.50
CA LEU E 68 -0.59 -15.68 8.35
C LEU E 68 -0.75 -17.09 7.80
N VAL E 69 0.36 -17.81 7.65
CA VAL E 69 0.32 -19.15 7.06
C VAL E 69 -0.38 -20.18 7.97
N GLU E 70 -0.11 -20.10 9.27
CA GLU E 70 -0.74 -20.99 10.25
C GLU E 70 -2.25 -20.76 10.31
N ASP E 71 -2.67 -19.50 10.20
CA ASP E 71 -4.10 -19.14 10.18
C ASP E 71 -4.82 -19.68 8.97
N ILE E 72 -4.14 -19.66 7.82
CA ILE E 72 -4.64 -20.27 6.60
C ILE E 72 -4.77 -21.79 6.78
N GLY E 73 -3.99 -22.38 7.69
CA GLY E 73 -4.04 -23.81 8.01
C GLY E 73 -2.86 -24.67 7.61
N SER E 74 -1.81 -24.09 7.02
CA SER E 74 -0.65 -24.90 6.65
C SER E 74 0.40 -24.93 7.75
N ARG E 75 1.28 -25.94 7.70
CA ARG E 75 2.47 -25.98 8.53
C ARG E 75 3.55 -25.12 7.89
N ILE E 76 4.36 -24.47 8.73
CA ILE E 76 5.47 -23.64 8.29
C ILE E 76 6.64 -23.78 9.26
N VAL E 77 7.83 -23.89 8.71
CA VAL E 77 9.06 -23.86 9.44
C VAL E 77 9.77 -22.61 8.94
N ALA E 78 9.97 -21.62 9.80
CA ALA E 78 10.66 -20.38 9.47
C ALA E 78 11.98 -20.28 10.21
N ARG E 79 13.01 -19.85 9.48
CA ARG E 79 14.33 -19.67 10.04
C ARG E 79 14.97 -18.41 9.50
N GLN E 80 15.80 -17.76 10.31
CA GLN E 80 16.65 -16.68 9.83
C GLN E 80 17.81 -17.31 9.10
N ALA E 81 18.07 -16.86 7.88
CA ALA E 81 19.20 -17.37 7.10
C ALA E 81 19.56 -16.35 6.04
N ASP E 82 20.83 -16.39 5.64
CA ASP E 82 21.40 -15.47 4.65
C ASP E 82 21.72 -16.29 3.40
N VAL E 83 21.06 -15.95 2.29
CA VAL E 83 21.29 -16.66 1.01
C VAL E 83 22.73 -16.57 0.53
N ARG E 84 23.51 -15.60 1.02
CA ARG E 84 24.90 -15.49 0.64
C ARG E 84 25.76 -16.57 1.28
N ASP E 85 25.26 -17.21 2.34
CA ASP E 85 26.03 -18.18 3.13
C ASP E 85 25.44 -19.56 2.88
N ARG E 86 26.09 -20.34 2.03
CA ARG E 86 25.52 -21.61 1.62
C ARG E 86 25.26 -22.53 2.82
N GLU E 87 26.20 -22.57 3.76
CA GLU E 87 26.05 -23.42 4.96
C GLU E 87 24.83 -22.98 5.78
N SER E 88 24.69 -21.67 6.02
CA SER E 88 23.49 -21.10 6.71
C SER E 88 22.18 -21.51 6.01
N LEU E 89 22.15 -21.37 4.69
CA LEU E 89 20.94 -21.63 3.94
C LEU E 89 20.61 -23.13 3.95
N SER E 90 21.64 -23.96 3.81
CA SER E 90 21.48 -25.41 3.86
C SER E 90 20.88 -25.88 5.18
N ALA E 91 21.41 -25.31 6.26
CA ALA E 91 20.96 -25.66 7.62
C ALA E 91 19.50 -25.28 7.84
N ALA E 92 19.11 -24.12 7.32
CA ALA E 92 17.73 -23.67 7.43
C ALA E 92 16.77 -24.57 6.63
N LEU E 93 17.14 -24.90 5.39
CA LEU E 93 16.35 -25.84 4.61
C LEU E 93 16.25 -27.20 5.35
N GLN E 94 17.38 -27.67 5.90
CA GLN E 94 17.37 -28.97 6.57
C GLN E 94 16.43 -28.99 7.77
N ALA E 95 16.33 -27.89 8.51
CA ALA E 95 15.36 -27.80 9.60
C ALA E 95 13.93 -27.96 9.08
N GLY E 96 13.66 -27.38 7.91
CA GLY E 96 12.34 -27.55 7.33
C GLY E 96 12.08 -28.98 6.86
N LEU E 97 13.10 -29.62 6.28
CA LEU E 97 12.96 -31.01 5.82
C LEU E 97 12.77 -31.96 7.00
N ASP E 98 13.46 -31.66 8.10
CA ASP E 98 13.35 -32.50 9.30
C ASP E 98 11.91 -32.59 9.78
N GLU E 99 11.19 -31.47 9.72
CA GLU E 99 9.80 -31.43 10.14
C GLU E 99 8.82 -31.87 9.05
N LEU E 100 9.03 -31.43 7.81
CA LEU E 100 8.01 -31.59 6.76
C LEU E 100 8.29 -32.77 5.84
N GLY E 101 9.52 -33.25 5.83
CA GLY E 101 9.89 -34.50 5.17
C GLY E 101 10.00 -34.55 3.66
N ARG E 102 9.80 -33.43 2.97
CA ARG E 102 9.87 -33.40 1.52
C ARG E 102 10.02 -31.95 1.01
N LEU E 103 10.36 -31.84 -0.27
CA LEU E 103 10.44 -30.56 -0.98
C LEU E 103 9.87 -30.72 -2.38
N ASP E 104 9.00 -29.80 -2.80
CA ASP E 104 8.41 -29.82 -4.16
C ASP E 104 8.66 -28.55 -4.98
N ILE E 105 8.72 -27.41 -4.29
CA ILE E 105 8.68 -26.09 -4.92
C ILE E 105 9.76 -25.24 -4.28
N VAL E 106 10.51 -24.52 -5.11
CA VAL E 106 11.52 -23.55 -4.66
C VAL E 106 11.24 -22.18 -5.28
N VAL E 107 11.14 -21.14 -4.46
CA VAL E 107 10.94 -19.76 -4.95
C VAL E 107 12.13 -18.91 -4.48
N ALA E 108 13.06 -18.64 -5.41
CA ALA E 108 14.27 -17.92 -5.08
C ALA E 108 14.00 -16.43 -5.24
N ASN E 109 13.45 -15.86 -4.17
CA ASN E 109 12.85 -14.54 -4.17
C ASN E 109 13.69 -13.44 -3.46
N ALA E 110 14.50 -13.82 -2.48
CA ALA E 110 15.30 -12.84 -1.75
C ALA E 110 16.10 -11.99 -2.70
N GLY E 111 16.10 -10.69 -2.46
CA GLY E 111 16.89 -9.78 -3.27
C GLY E 111 16.99 -8.42 -2.62
N ILE E 112 17.97 -7.65 -3.06
CA ILE E 112 18.23 -6.27 -2.60
C ILE E 112 18.48 -5.34 -3.78
N ALA E 113 18.31 -4.04 -3.54
CA ALA E 113 18.58 -2.99 -4.51
C ALA E 113 19.44 -1.89 -3.90
N PRO E 114 20.72 -2.19 -3.69
CA PRO E 114 21.61 -1.19 -3.08
C PRO E 114 21.89 -0.01 -3.99
N MET E 115 22.18 1.16 -3.40
CA MET E 115 22.45 2.38 -4.13
C MET E 115 23.29 3.27 -3.23
N SER E 116 24.09 4.14 -3.84
CA SER E 116 24.82 5.21 -3.15
C SER E 116 25.87 4.69 -2.15
N ALA E 117 26.35 3.48 -2.38
CA ALA E 117 27.36 2.83 -1.53
C ALA E 117 28.66 2.57 -2.31
N GLY E 118 28.82 3.18 -3.48
CA GLY E 118 30.00 2.91 -4.32
C GLY E 118 30.05 1.44 -4.71
N ASP E 119 31.25 0.91 -4.86
CA ASP E 119 31.41 -0.49 -5.34
C ASP E 119 30.90 -1.52 -4.35
N ASP E 120 30.70 -1.17 -3.07
CA ASP E 120 30.02 -2.11 -2.17
C ASP E 120 28.64 -2.52 -2.69
N GLY E 121 27.95 -1.62 -3.36
CA GLY E 121 26.64 -1.93 -3.92
C GLY E 121 26.77 -2.98 -5.01
N TRP E 122 27.82 -2.89 -5.83
CA TRP E 122 28.06 -3.91 -6.85
C TRP E 122 28.28 -5.28 -6.19
N HIS E 123 29.20 -5.37 -5.23
CA HIS E 123 29.54 -6.65 -4.64
C HIS E 123 28.35 -7.23 -3.92
N ASP E 124 27.61 -6.40 -3.17
CA ASP E 124 26.50 -6.91 -2.39
C ASP E 124 25.32 -7.40 -3.27
N VAL E 125 25.01 -6.65 -4.34
CA VAL E 125 23.89 -7.04 -5.22
C VAL E 125 24.23 -8.32 -5.98
N ILE E 126 25.47 -8.49 -6.43
CA ILE E 126 25.87 -9.75 -7.06
C ILE E 126 25.78 -10.91 -6.04
N ASP E 127 26.23 -10.66 -4.81
CA ASP E 127 26.26 -11.68 -3.77
CA ASP E 127 26.27 -11.68 -3.79
C ASP E 127 24.85 -12.16 -3.42
N VAL E 128 23.91 -11.23 -3.21
CA VAL E 128 22.56 -11.65 -2.81
C VAL E 128 21.74 -12.12 -4.03
N ASN E 129 21.72 -11.28 -5.08
CA ASN E 129 20.79 -11.46 -6.20
C ASN E 129 21.23 -12.48 -7.24
N LEU E 130 22.50 -12.85 -7.26
CA LEU E 130 23.01 -13.85 -8.19
C LEU E 130 23.55 -15.05 -7.43
N THR E 131 24.62 -14.86 -6.67
CA THR E 131 25.15 -15.97 -5.87
C THR E 131 24.10 -16.54 -4.94
N GLY E 132 23.28 -15.70 -4.33
CA GLY E 132 22.24 -16.18 -3.41
C GLY E 132 21.19 -17.01 -4.09
N VAL E 133 20.87 -16.66 -5.33
CA VAL E 133 19.94 -17.46 -6.13
C VAL E 133 20.60 -18.82 -6.45
N TYR E 134 21.85 -18.81 -6.89
CA TYR E 134 22.60 -20.04 -7.12
C TYR E 134 22.60 -20.94 -5.87
N HIS E 135 22.88 -20.36 -4.69
CA HIS E 135 22.85 -21.15 -3.45
C HIS E 135 21.48 -21.76 -3.17
N THR E 136 20.41 -20.97 -3.42
CA THR E 136 19.05 -21.44 -3.22
C THR E 136 18.74 -22.68 -4.05
N ILE E 137 19.16 -22.67 -5.32
CA ILE E 137 18.99 -23.83 -6.20
C ILE E 137 19.82 -25.00 -5.69
N LYS E 138 21.07 -24.73 -5.37
CA LYS E 138 22.04 -25.79 -5.01
C LYS E 138 21.63 -26.57 -3.78
N VAL E 139 21.15 -25.87 -2.77
CA VAL E 139 20.74 -26.55 -1.54
C VAL E 139 19.48 -27.43 -1.71
N ALA E 140 18.66 -27.13 -2.71
CA ALA E 140 17.41 -27.84 -2.99
C ALA E 140 17.53 -29.05 -3.90
N ILE E 141 18.48 -29.04 -4.82
CA ILE E 141 18.58 -30.09 -5.84
C ILE E 141 18.70 -31.51 -5.27
N PRO E 142 19.56 -31.75 -4.25
CA PRO E 142 19.70 -33.14 -3.82
C PRO E 142 18.39 -33.81 -3.38
N THR E 143 17.59 -33.10 -2.59
CA THR E 143 16.27 -33.60 -2.21
C THR E 143 15.36 -33.84 -3.40
N LEU E 144 15.30 -32.90 -4.32
CA LEU E 144 14.43 -33.05 -5.48
C LEU E 144 14.83 -34.27 -6.33
N VAL E 145 16.12 -34.48 -6.48
CA VAL E 145 16.59 -35.54 -7.34
C VAL E 145 16.33 -36.86 -6.64
N LYS E 146 16.67 -36.93 -5.35
CA LYS E 146 16.52 -38.16 -4.56
C LYS E 146 15.08 -38.63 -4.55
N GLN E 147 14.14 -37.70 -4.36
CA GLN E 147 12.71 -38.06 -4.40
C GLN E 147 12.26 -38.70 -5.70
N GLY E 148 12.73 -38.16 -6.82
CA GLY E 148 12.33 -38.65 -8.12
C GLY E 148 10.91 -38.37 -8.53
N THR E 149 10.27 -37.40 -7.89
CA THR E 149 8.89 -37.03 -8.21
C THR E 149 8.73 -35.67 -8.92
N GLY E 150 9.85 -35.11 -9.39
CA GLY E 150 9.81 -33.83 -10.08
C GLY E 150 9.60 -32.68 -9.13
N GLY E 151 9.17 -31.54 -9.66
CA GLY E 151 9.04 -30.35 -8.84
C GLY E 151 9.20 -29.10 -9.68
N SER E 152 9.29 -27.96 -8.99
CA SER E 152 9.33 -26.64 -9.63
C SER E 152 10.34 -25.76 -8.93
N ILE E 153 11.20 -25.14 -9.72
CA ILE E 153 12.12 -24.11 -9.24
C ILE E 153 11.75 -22.83 -9.97
N VAL E 154 11.42 -21.78 -9.21
CA VAL E 154 10.99 -20.48 -9.76
C VAL E 154 11.98 -19.44 -9.30
N LEU E 155 12.66 -18.79 -10.26
CA LEU E 155 13.67 -17.77 -9.95
C LEU E 155 13.09 -16.38 -10.17
N ILE E 156 13.22 -15.46 -9.22
CA ILE E 156 12.65 -14.13 -9.39
C ILE E 156 13.70 -13.20 -9.97
N SER E 157 13.53 -12.84 -11.25
CA SER E 157 14.38 -11.88 -11.89
C SER E 157 13.67 -10.53 -11.84
N SER E 158 13.57 -9.83 -12.96
CA SER E 158 13.08 -8.45 -13.04
C SER E 158 13.02 -8.06 -14.51
N SER E 159 12.34 -6.97 -14.84
CA SER E 159 12.52 -6.37 -16.18
C SER E 159 13.98 -6.15 -16.48
N ALA E 160 14.76 -5.79 -15.44
CA ALA E 160 16.19 -5.53 -15.56
C ALA E 160 17.03 -6.78 -15.81
N GLY E 161 16.39 -7.96 -15.83
CA GLY E 161 17.09 -9.15 -16.29
C GLY E 161 16.98 -9.44 -17.78
N LEU E 162 16.15 -8.64 -18.47
CA LEU E 162 15.97 -8.76 -19.93
C LEU E 162 16.15 -7.46 -20.69
N ALA E 163 16.32 -6.35 -19.97
CA ALA E 163 16.45 -5.03 -20.56
C ALA E 163 17.47 -4.23 -19.75
N GLY E 164 18.09 -3.27 -20.42
CA GLY E 164 19.08 -2.38 -19.81
C GLY E 164 18.48 -1.16 -19.12
N VAL E 165 17.79 -1.44 -18.03
CA VAL E 165 17.09 -0.42 -17.25
CA VAL E 165 17.14 -0.38 -17.29
C VAL E 165 17.82 -0.25 -15.93
N GLY E 166 18.32 0.96 -15.70
CA GLY E 166 19.06 1.23 -14.48
C GLY E 166 19.74 2.56 -14.62
N SER E 167 20.45 2.91 -13.57
CA SER E 167 21.19 4.15 -13.48
C SER E 167 22.67 3.80 -13.37
N ALA E 168 23.55 4.81 -13.35
CA ALA E 168 25.00 4.52 -13.41
C ALA E 168 25.60 4.00 -12.08
N ASP E 169 24.80 3.95 -11.04
CA ASP E 169 25.30 3.54 -9.74
C ASP E 169 25.80 2.10 -9.79
N PRO E 170 26.94 1.78 -9.17
CA PRO E 170 27.39 0.37 -9.17
C PRO E 170 26.34 -0.63 -8.71
N GLY E 171 25.47 -0.26 -7.75
CA GLY E 171 24.43 -1.14 -7.29
C GLY E 171 23.36 -1.35 -8.34
N SER E 172 23.15 -0.35 -9.17
CA SER E 172 22.12 -0.45 -10.22
C SER E 172 22.61 -1.26 -11.42
N VAL E 173 23.79 -0.96 -11.93
CA VAL E 173 24.35 -1.78 -12.97
C VAL E 173 24.57 -3.22 -12.48
N GLY E 174 24.90 -3.39 -11.22
CA GLY E 174 24.96 -4.69 -10.58
C GLY E 174 23.63 -5.42 -10.54
N TYR E 175 22.55 -4.68 -10.30
CA TYR E 175 21.22 -5.28 -10.26
C TYR E 175 20.90 -5.83 -11.67
N VAL E 176 21.14 -5.02 -12.69
CA VAL E 176 20.93 -5.46 -14.10
C VAL E 176 21.77 -6.73 -14.39
N ALA E 177 23.02 -6.69 -14.01
CA ALA E 177 23.92 -7.82 -14.26
C ALA E 177 23.44 -9.06 -13.52
N ALA E 178 23.07 -8.92 -12.25
CA ALA E 178 22.61 -10.03 -11.46
C ALA E 178 21.33 -10.63 -11.99
N LYS E 179 20.37 -9.75 -12.30
CA LYS E 179 19.08 -10.22 -12.79
C LYS E 179 19.18 -10.87 -14.16
N HIS E 180 20.10 -10.41 -14.99
CA HIS E 180 20.46 -11.12 -16.23
C HIS E 180 21.10 -12.49 -15.94
N GLY E 181 21.99 -12.52 -14.96
CA GLY E 181 22.60 -13.76 -14.50
C GLY E 181 21.58 -14.80 -14.04
N VAL E 182 20.50 -14.35 -13.39
CA VAL E 182 19.42 -15.23 -12.93
C VAL E 182 18.76 -15.93 -14.13
N VAL E 183 18.60 -15.22 -15.26
CA VAL E 183 18.07 -15.84 -16.51
C VAL E 183 19.02 -16.99 -16.92
N GLY E 184 20.33 -16.76 -16.84
CA GLY E 184 21.34 -17.81 -17.14
C GLY E 184 21.17 -19.04 -16.26
N LEU E 185 21.02 -18.81 -14.96
CA LEU E 185 20.77 -19.89 -14.04
C LEU E 185 19.50 -20.68 -14.42
N MET E 186 18.45 -19.94 -14.77
CA MET E 186 17.22 -20.59 -15.19
C MET E 186 17.45 -21.49 -16.40
N ARG E 187 18.13 -20.98 -17.40
CA ARG E 187 18.25 -21.69 -18.65
CA ARG E 187 18.24 -21.69 -18.66
C ARG E 187 19.10 -22.94 -18.47
N VAL E 188 20.21 -22.82 -17.74
CA VAL E 188 21.05 -23.99 -17.55
C VAL E 188 20.40 -25.04 -16.66
N TYR E 189 19.77 -24.62 -15.59
CA TYR E 189 19.10 -25.61 -14.74
C TYR E 189 17.85 -26.22 -15.40
N ALA E 190 17.11 -25.45 -16.19
CA ALA E 190 16.02 -26.06 -16.96
C ALA E 190 16.53 -27.21 -17.82
N ASN E 191 17.68 -27.04 -18.44
CA ASN E 191 18.29 -28.13 -19.22
C ASN E 191 18.76 -29.28 -18.33
N LEU E 192 19.50 -28.96 -17.28
CA LEU E 192 20.08 -30.00 -16.42
C LEU E 192 19.03 -30.83 -15.71
N LEU E 193 17.92 -30.23 -15.34
CA LEU E 193 16.94 -30.90 -14.46
C LEU E 193 15.71 -31.43 -15.21
N ALA E 194 15.65 -31.23 -16.53
CA ALA E 194 14.50 -31.69 -17.32
C ALA E 194 14.29 -33.19 -17.22
N GLY E 195 15.37 -33.95 -17.24
CA GLY E 195 15.27 -35.41 -17.19
C GLY E 195 14.76 -35.88 -15.86
N GLN E 196 14.82 -35.02 -14.83
CA GLN E 196 14.27 -35.30 -13.49
C GLN E 196 12.87 -34.74 -13.29
N MET E 197 12.25 -34.24 -14.36
CA MET E 197 10.89 -33.65 -14.31
C MET E 197 10.79 -32.48 -13.37
N ILE E 198 11.87 -31.71 -13.27
CA ILE E 198 11.88 -30.51 -12.47
C ILE E 198 11.80 -29.34 -13.45
N ARG E 199 10.75 -28.55 -13.33
CA ARG E 199 10.57 -27.35 -14.16
C ARG E 199 11.39 -26.20 -13.53
N VAL E 200 11.99 -25.38 -14.38
CA VAL E 200 12.74 -24.21 -13.95
C VAL E 200 12.37 -23.05 -14.86
N ASN E 201 11.87 -21.95 -14.28
CA ASN E 201 11.44 -20.76 -15.00
C ASN E 201 11.85 -19.53 -14.22
N SER E 202 11.87 -18.39 -14.90
CA SER E 202 12.13 -17.12 -14.25
C SER E 202 10.95 -16.17 -14.43
N ILE E 203 10.73 -15.38 -13.40
CA ILE E 203 9.62 -14.42 -13.38
C ILE E 203 10.21 -13.01 -13.46
N HIS E 204 9.61 -12.15 -14.29
CA HIS E 204 10.15 -10.81 -14.52
C HIS E 204 9.13 -9.70 -14.24
N PRO E 205 8.97 -9.35 -12.97
CA PRO E 205 8.10 -8.23 -12.68
C PRO E 205 8.72 -6.89 -13.07
N SER E 206 7.90 -5.87 -13.26
N SER E 206 7.89 -5.94 -13.43
CA SER E 206 8.38 -4.50 -13.49
CA SER E 206 8.30 -4.57 -13.40
C SER E 206 8.55 -3.65 -12.20
C SER E 206 7.91 -4.19 -11.96
N GLY E 207 7.51 -2.98 -11.73
CA GLY E 207 7.45 -2.47 -10.37
C GLY E 207 6.33 -3.17 -9.60
N VAL E 208 6.63 -3.52 -8.35
CA VAL E 208 5.72 -4.20 -7.43
C VAL E 208 5.67 -3.38 -6.14
N GLU E 209 4.47 -3.24 -5.59
CA GLU E 209 4.24 -2.48 -4.36
C GLU E 209 4.79 -3.21 -3.13
N THR E 210 6.06 -3.00 -2.84
CA THR E 210 6.74 -3.58 -1.68
C THR E 210 7.72 -2.58 -1.07
N PRO E 211 8.25 -2.87 0.12
CA PRO E 211 9.22 -1.93 0.69
C PRO E 211 10.57 -1.79 -0.03
N MET E 212 10.80 -2.59 -1.08
CA MET E 212 11.98 -2.36 -1.89
C MET E 212 11.88 -1.02 -2.60
N ILE E 213 10.66 -0.64 -3.00
CA ILE E 213 10.45 0.64 -3.70
C ILE E 213 9.64 1.66 -2.89
N ASN E 214 8.81 1.19 -1.96
CA ASN E 214 8.05 2.09 -1.07
C ASN E 214 8.88 2.40 0.17
N ASN E 215 9.73 3.42 0.05
CA ASN E 215 10.66 3.80 1.11
C ASN E 215 11.19 5.22 0.94
N GLU E 216 11.74 5.80 2.01
CA GLU E 216 12.13 7.23 2.00
C GLU E 216 13.19 7.53 0.94
N PHE E 217 14.19 6.66 0.82
CA PHE E 217 15.23 6.85 -0.18
C PHE E 217 14.66 6.97 -1.58
N THR E 218 13.76 6.05 -1.94
CA THR E 218 13.25 5.99 -3.32
C THR E 218 12.35 7.18 -3.64
N ARG E 219 11.53 7.61 -2.67
CA ARG E 219 10.71 8.82 -2.81
C ARG E 219 11.57 10.07 -3.13
N GLU E 220 12.73 10.19 -2.48
CA GLU E 220 13.69 11.27 -2.78
C GLU E 220 14.35 11.12 -4.16
N TRP E 221 14.78 9.91 -4.52
CA TRP E 221 15.35 9.66 -5.86
C TRP E 221 14.25 9.66 -6.92
N GLY E 236 7.24 3.22 -16.46
CA GLY E 236 6.02 3.34 -17.25
C GLY E 236 5.62 2.03 -17.95
N ASN E 237 4.56 1.39 -17.43
CA ASN E 237 3.97 0.18 -18.04
C ASN E 237 3.14 0.55 -19.29
N ALA E 238 2.77 -0.46 -20.08
CA ALA E 238 1.93 -0.25 -21.28
C ALA E 238 0.47 -0.02 -20.87
N MET E 239 -0.06 -0.97 -20.11
CA MET E 239 -1.39 -0.84 -19.51
C MET E 239 -1.34 0.28 -18.47
N PRO E 240 -2.46 1.02 -18.32
CA PRO E 240 -2.57 2.12 -17.34
C PRO E 240 -2.68 1.59 -15.89
N VAL E 241 -1.58 0.99 -15.44
CA VAL E 241 -1.44 0.33 -14.13
C VAL E 241 -0.19 0.94 -13.53
N GLU E 242 -0.34 1.61 -12.37
CA GLU E 242 0.79 2.33 -11.74
C GLU E 242 1.92 1.40 -11.26
N VAL E 243 1.53 0.33 -10.58
CA VAL E 243 2.48 -0.60 -9.97
C VAL E 243 1.70 -1.90 -9.80
N LEU E 244 2.36 -3.05 -9.85
CA LEU E 244 1.66 -4.31 -9.65
C LEU E 244 1.56 -4.62 -8.15
N ALA E 245 0.61 -5.47 -7.80
CA ALA E 245 0.48 -5.96 -6.45
C ALA E 245 1.39 -7.18 -6.29
N PRO E 246 1.91 -7.42 -5.07
CA PRO E 246 2.68 -8.64 -4.87
C PRO E 246 1.87 -9.87 -5.23
N GLU E 247 0.56 -9.80 -5.01
CA GLU E 247 -0.35 -10.89 -5.38
C GLU E 247 -0.31 -11.21 -6.87
N ASP E 248 -0.06 -10.22 -7.73
CA ASP E 248 -0.01 -10.48 -9.17
C ASP E 248 1.17 -11.45 -9.48
N VAL E 249 2.28 -11.23 -8.81
CA VAL E 249 3.44 -12.11 -8.96
C VAL E 249 3.20 -13.48 -8.33
N ALA E 250 2.61 -13.49 -7.12
CA ALA E 250 2.24 -14.73 -6.49
C ALA E 250 1.26 -15.57 -7.29
N ASN E 251 0.31 -14.92 -7.96
CA ASN E 251 -0.69 -15.63 -8.74
C ASN E 251 -0.03 -16.33 -9.92
N ALA E 252 0.92 -15.63 -10.57
CA ALA E 252 1.67 -16.25 -11.65
C ALA E 252 2.44 -17.47 -11.18
N VAL E 253 3.16 -17.36 -10.07
CA VAL E 253 3.93 -18.47 -9.53
C VAL E 253 3.03 -19.65 -9.09
N ALA E 254 1.90 -19.33 -8.44
CA ALA E 254 0.99 -20.38 -8.05
C ALA E 254 0.47 -21.21 -9.22
N TRP E 255 0.24 -20.54 -10.35
CA TRP E 255 -0.16 -21.24 -11.57
C TRP E 255 1.00 -22.13 -12.09
N LEU E 256 2.18 -21.53 -12.21
CA LEU E 256 3.34 -22.23 -12.78
C LEU E 256 3.65 -23.54 -12.06
N VAL E 257 3.52 -23.51 -10.73
CA VAL E 257 3.91 -24.67 -9.91
C VAL E 257 2.77 -25.71 -9.82
N SER E 258 1.60 -25.40 -10.36
CA SER E 258 0.46 -26.35 -10.39
C SER E 258 0.52 -27.31 -11.55
N ASP E 259 -0.32 -28.35 -11.51
CA ASP E 259 -0.38 -29.31 -12.62
C ASP E 259 -0.90 -28.67 -13.92
N GLN E 260 -1.59 -27.54 -13.83
CA GLN E 260 -2.06 -26.82 -15.00
C GLN E 260 -0.91 -26.31 -15.84
N ALA E 261 0.28 -26.21 -15.24
CA ALA E 261 1.49 -25.74 -15.95
C ALA E 261 2.62 -26.77 -15.91
N ARG E 262 2.25 -28.04 -15.83
CA ARG E 262 3.19 -29.15 -15.63
C ARG E 262 4.30 -29.23 -16.70
N TYR E 263 4.02 -28.74 -17.91
CA TYR E 263 4.99 -28.86 -19.02
C TYR E 263 5.64 -27.52 -19.41
N ILE E 264 5.55 -26.54 -18.53
CA ILE E 264 6.18 -25.24 -18.78
CA ILE E 264 6.16 -25.22 -18.75
C ILE E 264 7.54 -25.20 -18.08
N THR E 265 8.58 -25.13 -18.90
CA THR E 265 9.93 -25.02 -18.35
C THR E 265 10.81 -24.23 -19.33
N GLY E 266 11.85 -23.61 -18.78
CA GLY E 266 12.78 -22.85 -19.60
C GLY E 266 12.29 -21.50 -20.06
N VAL E 267 11.27 -20.97 -19.39
CA VAL E 267 10.57 -19.74 -19.81
C VAL E 267 10.98 -18.55 -18.91
N THR E 268 11.19 -17.41 -19.56
CA THR E 268 11.24 -16.11 -18.91
C THR E 268 9.84 -15.52 -19.01
N LEU E 269 9.14 -15.38 -17.88
CA LEU E 269 7.75 -14.91 -17.87
C LEU E 269 7.66 -13.47 -17.32
N PRO E 270 7.39 -12.48 -18.22
CA PRO E 270 7.15 -11.12 -17.74
C PRO E 270 5.79 -11.03 -17.04
N VAL E 271 5.77 -10.42 -15.87
CA VAL E 271 4.52 -10.08 -15.16
C VAL E 271 4.60 -8.59 -14.94
N ASP E 272 4.14 -7.81 -15.93
CA ASP E 272 4.65 -6.46 -16.06
C ASP E 272 3.78 -5.45 -16.78
N ALA E 273 2.52 -5.79 -17.00
CA ALA E 273 1.59 -4.87 -17.62
C ALA E 273 2.11 -4.32 -18.95
N GLY E 274 2.92 -5.12 -19.64
CA GLY E 274 3.41 -4.79 -20.95
C GLY E 274 4.71 -4.04 -20.97
N PHE E 275 5.37 -3.86 -19.83
CA PHE E 275 6.62 -3.07 -19.79
C PHE E 275 7.68 -3.50 -20.82
N LEU E 276 8.00 -4.80 -20.85
CA LEU E 276 9.08 -5.29 -21.71
C LEU E 276 8.71 -5.20 -23.17
N ASN E 277 7.42 -5.20 -23.50
CA ASN E 277 6.97 -5.06 -24.88
C ASN E 277 6.74 -3.61 -25.37
N LYS E 278 6.73 -2.66 -24.45
CA LYS E 278 6.35 -1.27 -24.74
C LYS E 278 7.38 -0.72 -25.70
N ARG F 5 47.38 6.89 -52.08
CA ARG F 5 46.79 6.80 -50.71
C ARG F 5 47.87 6.60 -49.61
N SER F 6 47.60 7.16 -48.42
CA SER F 6 48.50 7.06 -47.25
C SER F 6 48.49 5.66 -46.61
N SER F 7 49.29 5.49 -45.55
CA SER F 7 49.20 4.28 -44.73
C SER F 7 48.13 4.42 -43.60
N GLU F 8 47.32 5.48 -43.66
CA GLU F 8 46.25 5.70 -42.68
C GLU F 8 45.32 4.50 -42.70
N GLY F 9 44.94 4.02 -41.52
CA GLY F 9 44.03 2.89 -41.39
C GLY F 9 42.74 3.38 -40.74
N PRO F 10 41.71 2.54 -40.69
CA PRO F 10 40.45 2.97 -40.13
C PRO F 10 40.54 3.42 -38.67
N LEU F 11 41.55 2.95 -37.92
CA LEU F 11 41.67 3.26 -36.52
C LEU F 11 42.90 4.10 -36.19
N THR F 12 43.53 4.70 -37.21
CA THR F 12 44.61 5.64 -36.96
C THR F 12 44.21 6.74 -36.00
N GLY F 13 45.07 6.99 -35.02
CA GLY F 13 44.81 8.00 -34.00
C GLY F 13 44.07 7.51 -32.78
N LYS F 14 43.60 6.25 -32.81
CA LYS F 14 42.81 5.69 -31.73
C LYS F 14 43.64 4.79 -30.83
N VAL F 15 43.21 4.71 -29.57
CA VAL F 15 43.82 3.84 -28.58
C VAL F 15 42.80 2.80 -28.10
N ALA F 16 43.19 1.53 -28.17
CA ALA F 16 42.39 0.40 -27.67
C ALA F 16 42.98 -0.25 -26.43
N PHE F 17 42.16 -0.35 -25.37
CA PHE F 17 42.45 -1.02 -24.09
C PHE F 17 41.87 -2.42 -24.17
N ILE F 18 42.74 -3.43 -24.11
CA ILE F 18 42.35 -4.85 -24.30
C ILE F 18 42.76 -5.64 -23.06
N THR F 19 41.83 -6.29 -22.38
CA THR F 19 42.15 -7.16 -21.27
C THR F 19 42.33 -8.59 -21.76
N GLY F 20 43.15 -9.38 -21.08
CA GLY F 20 43.46 -10.70 -21.54
C GLY F 20 44.27 -10.74 -22.83
N ALA F 21 45.12 -9.74 -23.03
CA ALA F 21 45.83 -9.51 -24.30
C ALA F 21 47.08 -10.39 -24.51
N ALA F 22 47.43 -11.25 -23.56
CA ALA F 22 48.68 -12.01 -23.66
C ALA F 22 48.69 -13.10 -24.72
N ARG F 23 47.51 -13.65 -25.04
CA ARG F 23 47.40 -14.79 -25.96
C ARG F 23 45.98 -14.93 -26.47
N GLY F 24 45.71 -15.92 -27.30
CA GLY F 24 44.35 -16.25 -27.69
C GLY F 24 43.63 -15.13 -28.37
N GLN F 25 42.36 -14.95 -28.05
CA GLN F 25 41.59 -13.90 -28.71
C GLN F 25 42.13 -12.48 -28.41
N GLY F 26 42.57 -12.26 -27.16
CA GLY F 26 43.07 -10.92 -26.75
C GLY F 26 44.28 -10.54 -27.58
N ARG F 27 45.20 -11.46 -27.79
CA ARG F 27 46.33 -11.22 -28.69
C ARG F 27 45.85 -10.92 -30.10
N ALA F 28 44.86 -11.70 -30.57
CA ALA F 28 44.32 -11.46 -31.89
C ALA F 28 43.69 -10.06 -32.04
N HIS F 29 43.01 -9.58 -31.01
CA HIS F 29 42.48 -8.23 -31.04
C HIS F 29 43.61 -7.21 -31.07
N ALA F 30 44.65 -7.42 -30.27
CA ALA F 30 45.77 -6.46 -30.24
C ALA F 30 46.39 -6.35 -31.64
N VAL F 31 46.63 -7.47 -32.31
CA VAL F 31 47.29 -7.39 -33.60
CA VAL F 31 47.25 -7.52 -33.63
C VAL F 31 46.35 -6.91 -34.70
N ARG F 32 45.07 -7.25 -34.65
CA ARG F 32 44.11 -6.78 -35.66
C ARG F 32 43.84 -5.29 -35.55
N LEU F 33 43.69 -4.80 -34.32
CA LEU F 33 43.38 -3.38 -34.16
C LEU F 33 44.65 -2.57 -34.48
N ALA F 34 45.82 -3.09 -34.10
CA ALA F 34 47.07 -2.41 -34.45
C ALA F 34 47.26 -2.37 -35.97
N ALA F 35 46.94 -3.46 -36.66
CA ALA F 35 47.02 -3.50 -38.14
C ALA F 35 46.13 -2.43 -38.77
N ASP F 36 45.02 -2.09 -38.13
CA ASP F 36 44.13 -1.04 -38.60
C ASP F 36 44.54 0.38 -38.16
N GLY F 37 45.63 0.48 -37.43
CA GLY F 37 46.25 1.74 -37.06
C GLY F 37 46.17 2.16 -35.59
N ALA F 38 45.49 1.38 -34.75
CA ALA F 38 45.33 1.73 -33.36
C ALA F 38 46.61 1.51 -32.56
N ASP F 39 46.79 2.34 -31.53
CA ASP F 39 47.76 2.06 -30.48
C ASP F 39 47.05 1.30 -29.35
N ILE F 40 47.82 0.56 -28.56
CA ILE F 40 47.23 -0.48 -27.70
C ILE F 40 47.67 -0.32 -26.26
N ILE F 41 46.72 -0.47 -25.33
CA ILE F 41 47.00 -0.64 -23.90
C ILE F 41 46.57 -2.07 -23.60
N ALA F 42 47.56 -2.95 -23.36
CA ALA F 42 47.33 -4.41 -23.27
C ALA F 42 47.57 -4.88 -21.85
N VAL F 43 46.62 -5.55 -21.21
CA VAL F 43 46.85 -6.09 -19.89
C VAL F 43 46.51 -7.55 -19.81
N ASP F 44 47.16 -8.26 -18.90
CA ASP F 44 46.89 -9.69 -18.68
C ASP F 44 47.33 -10.07 -17.27
N LEU F 45 46.65 -11.03 -16.64
CA LEU F 45 47.02 -11.54 -15.32
C LEU F 45 48.41 -12.12 -15.32
N CYS F 46 48.79 -12.82 -16.40
CA CYS F 46 50.15 -13.44 -16.47
C CYS F 46 50.44 -14.26 -15.23
N ASP F 47 49.43 -14.96 -14.73
CA ASP F 47 49.58 -15.83 -13.56
C ASP F 47 48.43 -16.84 -13.57
N GLN F 48 48.43 -17.74 -12.61
CA GLN F 48 47.54 -18.88 -12.61
C GLN F 48 46.45 -18.67 -11.57
N ILE F 49 45.31 -19.36 -11.74
CA ILE F 49 44.20 -19.37 -10.77
C ILE F 49 43.93 -20.85 -10.42
N ALA F 50 43.88 -21.16 -9.12
CA ALA F 50 43.82 -22.55 -8.66
C ALA F 50 42.60 -23.31 -9.17
N SER F 51 41.47 -22.63 -9.34
CA SER F 51 40.26 -23.30 -9.81
C SER F 51 40.24 -23.57 -11.31
N VAL F 52 41.19 -22.97 -12.06
CA VAL F 52 41.28 -23.14 -13.49
C VAL F 52 42.28 -24.25 -13.77
N PRO F 53 41.80 -25.37 -14.34
CA PRO F 53 42.73 -26.52 -14.40
C PRO F 53 43.73 -26.51 -15.53
N TYR F 54 43.58 -25.61 -16.48
CA TYR F 54 44.48 -25.40 -17.60
C TYR F 54 45.33 -24.15 -17.32
N PRO F 55 46.46 -24.00 -18.01
CA PRO F 55 47.32 -22.84 -17.72
C PRO F 55 46.73 -21.55 -18.28
N LEU F 56 46.83 -20.50 -17.49
CA LEU F 56 46.59 -19.13 -17.96
C LEU F 56 47.90 -18.58 -18.56
N ALA F 57 47.93 -17.32 -18.99
CA ALA F 57 49.04 -16.83 -19.77
C ALA F 57 50.26 -16.56 -18.89
N THR F 58 51.41 -16.46 -19.53
CA THR F 58 52.68 -16.12 -18.89
C THR F 58 53.12 -14.69 -19.20
N PRO F 59 53.98 -14.09 -18.34
CA PRO F 59 54.59 -12.82 -18.72
C PRO F 59 55.23 -12.85 -20.11
N GLU F 60 55.86 -13.96 -20.49
CA GLU F 60 56.49 -14.10 -21.81
C GLU F 60 55.48 -13.93 -22.94
N GLU F 61 54.28 -14.47 -22.77
CA GLU F 61 53.28 -14.30 -23.82
C GLU F 61 52.88 -12.86 -23.99
N LEU F 62 52.73 -12.13 -22.89
CA LEU F 62 52.39 -10.70 -22.98
C LEU F 62 53.53 -9.97 -23.70
N ALA F 63 54.77 -10.30 -23.37
CA ALA F 63 55.91 -9.71 -24.10
C ALA F 63 55.91 -10.02 -25.60
N ALA F 64 55.44 -11.21 -25.96
CA ALA F 64 55.34 -11.61 -27.36
C ALA F 64 54.25 -10.84 -28.08
N THR F 65 53.12 -10.58 -27.42
CA THR F 65 52.10 -9.69 -27.99
C THR F 65 52.71 -8.30 -28.25
N VAL F 66 53.47 -7.79 -27.28
CA VAL F 66 54.14 -6.48 -27.45
C VAL F 66 55.00 -6.47 -28.71
N LYS F 67 55.82 -7.49 -28.89
CA LYS F 67 56.66 -7.58 -30.08
C LYS F 67 55.87 -7.61 -31.39
N LEU F 68 54.77 -8.37 -31.40
CA LEU F 68 53.92 -8.45 -32.57
C LEU F 68 53.36 -7.09 -32.94
N VAL F 69 52.87 -6.38 -31.95
CA VAL F 69 52.26 -5.09 -32.18
C VAL F 69 53.34 -4.04 -32.59
N GLU F 70 54.48 -4.04 -31.94
CA GLU F 70 55.57 -3.12 -32.31
C GLU F 70 56.03 -3.41 -33.74
N ASP F 71 56.09 -4.66 -34.14
CA ASP F 71 56.52 -5.02 -35.51
C ASP F 71 55.52 -4.54 -36.56
N ILE F 72 54.23 -4.53 -36.20
CA ILE F 72 53.20 -3.91 -37.04
C ILE F 72 53.36 -2.39 -37.15
N GLY F 73 53.92 -1.80 -36.10
CA GLY F 73 54.28 -0.38 -36.10
C GLY F 73 53.43 0.52 -35.22
N SER F 74 52.61 -0.06 -34.36
CA SER F 74 51.85 0.71 -33.38
C SER F 74 52.59 0.85 -32.08
N ARG F 75 52.20 1.83 -31.28
CA ARG F 75 52.69 1.97 -29.91
C ARG F 75 51.86 1.04 -29.04
N ILE F 76 52.51 0.45 -28.04
CA ILE F 76 51.83 -0.40 -27.08
C ILE F 76 52.39 -0.20 -25.68
N VAL F 77 51.48 -0.10 -24.71
CA VAL F 77 51.82 -0.10 -23.32
C VAL F 77 51.20 -1.37 -22.72
N ALA F 78 52.04 -2.30 -22.28
CA ALA F 78 51.57 -3.57 -21.74
C ALA F 78 51.93 -3.67 -20.28
N ARG F 79 50.98 -4.14 -19.47
CA ARG F 79 51.16 -4.31 -18.03
C ARG F 79 50.47 -5.53 -17.53
N GLN F 80 51.06 -6.18 -16.55
CA GLN F 80 50.35 -7.17 -15.77
C GLN F 80 49.24 -6.50 -14.95
N ALA F 81 48.05 -7.08 -14.98
CA ALA F 81 46.95 -6.63 -14.17
C ALA F 81 45.93 -7.73 -14.02
N ASP F 82 45.22 -7.68 -12.92
CA ASP F 82 44.16 -8.62 -12.59
C ASP F 82 42.84 -7.87 -12.67
N VAL F 83 41.96 -8.23 -13.59
CA VAL F 83 40.66 -7.55 -13.73
C VAL F 83 39.75 -7.68 -12.48
N ARG F 84 40.02 -8.68 -11.63
CA ARG F 84 39.26 -8.80 -10.37
C ARG F 84 39.55 -7.70 -9.35
N ASP F 85 40.70 -7.05 -9.51
CA ASP F 85 41.26 -6.10 -8.51
C ASP F 85 41.17 -4.72 -9.18
N ARG F 86 40.22 -3.91 -8.74
CA ARG F 86 39.98 -2.60 -9.35
C ARG F 86 41.27 -1.76 -9.38
N GLU F 87 42.03 -1.79 -8.29
CA GLU F 87 43.28 -1.00 -8.25
C GLU F 87 44.32 -1.52 -9.22
N SER F 88 44.50 -2.85 -9.28
CA SER F 88 45.46 -3.42 -10.21
C SER F 88 45.15 -2.94 -11.63
N LEU F 89 43.87 -3.02 -11.98
CA LEU F 89 43.45 -2.66 -13.32
C LEU F 89 43.58 -1.17 -13.59
N SER F 90 43.23 -0.37 -12.59
CA SER F 90 43.35 1.09 -12.67
CA SER F 90 43.35 1.08 -12.73
C SER F 90 44.81 1.54 -12.87
N ALA F 91 45.73 0.92 -12.15
CA ALA F 91 47.13 1.28 -12.23
C ALA F 91 47.65 1.00 -13.63
N ALA F 92 47.28 -0.16 -14.17
CA ALA F 92 47.78 -0.50 -15.50
C ALA F 92 47.21 0.42 -16.58
N LEU F 93 45.90 0.66 -16.54
CA LEU F 93 45.30 1.60 -17.50
C LEU F 93 45.95 2.97 -17.38
N GLN F 94 46.21 3.43 -16.13
CA GLN F 94 46.78 4.75 -15.95
C GLN F 94 48.16 4.84 -16.57
N ALA F 95 48.97 3.78 -16.48
CA ALA F 95 50.27 3.79 -17.14
C ALA F 95 50.09 3.97 -18.61
N GLY F 96 49.11 3.28 -19.19
CA GLY F 96 48.82 3.50 -20.59
C GLY F 96 48.31 4.89 -20.97
N LEU F 97 47.39 5.43 -20.19
CA LEU F 97 46.86 6.78 -20.42
C LEU F 97 47.95 7.83 -20.28
N ASP F 98 48.83 7.66 -19.32
CA ASP F 98 49.92 8.63 -19.12
C ASP F 98 50.80 8.72 -20.38
N GLU F 99 51.03 7.58 -21.03
CA GLU F 99 51.92 7.51 -22.20
CA GLU F 99 51.92 7.49 -22.20
C GLU F 99 51.22 7.89 -23.50
N LEU F 100 50.03 7.35 -23.76
CA LEU F 100 49.34 7.55 -25.03
C LEU F 100 48.35 8.72 -25.03
N GLY F 101 47.84 9.09 -23.88
CA GLY F 101 47.11 10.34 -23.75
C GLY F 101 45.63 10.34 -24.07
N ARG F 102 45.10 9.19 -24.45
CA ARG F 102 43.70 9.09 -24.85
C ARG F 102 43.26 7.62 -24.78
N LEU F 103 41.95 7.44 -24.93
CA LEU F 103 41.32 6.12 -24.94
C LEU F 103 40.08 6.21 -25.83
N ASP F 104 39.94 5.26 -26.77
CA ASP F 104 38.78 5.29 -27.69
C ASP F 104 37.97 3.99 -27.69
N ILE F 105 38.65 2.87 -27.45
CA ILE F 105 38.12 1.53 -27.64
C ILE F 105 38.49 0.70 -26.42
N VAL F 106 37.53 -0.07 -25.92
CA VAL F 106 37.69 -0.99 -24.80
C VAL F 106 37.23 -2.37 -25.25
N VAL F 107 38.07 -3.39 -25.10
CA VAL F 107 37.69 -4.80 -25.39
C VAL F 107 37.86 -5.61 -24.11
N ALA F 108 36.72 -5.91 -23.47
CA ALA F 108 36.69 -6.60 -22.21
C ALA F 108 36.69 -8.08 -22.49
N ASN F 109 37.88 -8.63 -22.73
CA ASN F 109 38.09 -9.99 -23.22
C ASN F 109 38.58 -10.99 -22.18
N ALA F 110 39.28 -10.55 -21.12
CA ALA F 110 39.82 -11.50 -20.14
C ALA F 110 38.69 -12.39 -19.62
N GLY F 111 38.98 -13.67 -19.46
CA GLY F 111 37.99 -14.61 -18.96
C GLY F 111 38.61 -15.95 -18.64
N ILE F 112 37.93 -16.71 -17.79
CA ILE F 112 38.36 -18.04 -17.39
C ILE F 112 37.18 -19.02 -17.47
N ALA F 113 37.52 -20.31 -17.50
CA ALA F 113 36.55 -21.41 -17.57
C ALA F 113 36.94 -22.46 -16.50
N PRO F 114 36.69 -22.14 -15.23
CA PRO F 114 37.09 -23.12 -14.16
C PRO F 114 36.21 -24.34 -14.18
N MET F 115 36.75 -25.47 -13.72
CA MET F 115 35.94 -26.67 -13.53
C MET F 115 36.63 -27.60 -12.59
N SER F 116 35.81 -28.46 -11.98
CA SER F 116 36.26 -29.47 -11.02
CA SER F 116 36.33 -29.47 -11.04
C SER F 116 36.99 -28.85 -9.82
N ALA F 117 36.52 -27.68 -9.41
CA ALA F 117 37.05 -26.97 -8.24
C ALA F 117 35.97 -26.70 -7.18
N GLY F 118 34.80 -27.33 -7.31
CA GLY F 118 33.69 -27.03 -6.40
C GLY F 118 33.21 -25.59 -6.53
N ASP F 119 32.69 -25.03 -5.44
CA ASP F 119 32.17 -23.68 -5.49
C ASP F 119 33.27 -22.64 -5.65
N ASP F 120 34.54 -22.99 -5.46
CA ASP F 120 35.59 -22.02 -5.80
C ASP F 120 35.46 -21.64 -7.28
N GLY F 121 35.02 -22.58 -8.11
CA GLY F 121 34.81 -22.32 -9.55
C GLY F 121 33.71 -21.31 -9.78
N TRP F 122 32.63 -21.40 -9.01
CA TRP F 122 31.57 -20.40 -9.11
C TRP F 122 32.12 -19.02 -8.74
N HIS F 123 32.79 -18.91 -7.58
CA HIS F 123 33.22 -17.58 -7.17
CA HIS F 123 33.31 -17.62 -7.09
C HIS F 123 34.26 -17.00 -8.12
N ASP F 124 35.20 -17.80 -8.58
CA ASP F 124 36.24 -17.29 -9.47
C ASP F 124 35.70 -16.87 -10.84
N VAL F 125 34.76 -17.65 -11.40
CA VAL F 125 34.24 -17.29 -12.71
C VAL F 125 33.37 -16.05 -12.66
N ILE F 126 32.61 -15.88 -11.60
CA ILE F 126 31.86 -14.63 -11.43
C ILE F 126 32.86 -13.47 -11.27
N ASP F 127 33.91 -13.67 -10.49
CA ASP F 127 34.85 -12.61 -10.17
CA ASP F 127 34.87 -12.60 -10.18
C ASP F 127 35.57 -12.14 -11.45
N VAL F 128 36.09 -13.07 -12.26
CA VAL F 128 36.78 -12.66 -13.49
C VAL F 128 35.82 -12.22 -14.60
N ASN F 129 34.84 -13.07 -14.87
CA ASN F 129 34.05 -12.94 -16.06
C ASN F 129 32.88 -11.95 -15.96
N LEU F 130 32.50 -11.60 -14.73
CA LEU F 130 31.44 -10.60 -14.54
C LEU F 130 31.98 -9.37 -13.83
N THR F 131 32.45 -9.51 -12.59
CA THR F 131 33.03 -8.38 -11.89
C THR F 131 34.22 -7.79 -12.65
N GLY F 132 35.07 -8.65 -13.23
CA GLY F 132 36.18 -8.16 -14.01
C GLY F 132 35.79 -7.33 -15.21
N VAL F 133 34.65 -7.69 -15.84
CA VAL F 133 34.12 -6.92 -16.98
C VAL F 133 33.58 -5.58 -16.48
N TYR F 134 32.83 -5.60 -15.38
CA TYR F 134 32.38 -4.35 -14.75
C TYR F 134 33.57 -3.41 -14.47
N HIS F 135 34.64 -3.96 -13.90
CA HIS F 135 35.81 -3.13 -13.56
C HIS F 135 36.43 -2.52 -14.83
N THR F 136 36.48 -3.32 -15.89
CA THR F 136 37.07 -2.89 -17.15
C THR F 136 36.28 -1.71 -17.72
N ILE F 137 34.95 -1.78 -17.64
CA ILE F 137 34.09 -0.66 -18.05
C ILE F 137 34.31 0.56 -17.11
N LYS F 138 34.27 0.33 -15.81
CA LYS F 138 34.32 1.40 -14.81
C LYS F 138 35.59 2.21 -14.96
N VAL F 139 36.74 1.56 -15.16
CA VAL F 139 38.00 2.29 -15.20
C VAL F 139 38.16 3.14 -16.49
N ALA F 140 37.46 2.79 -17.56
CA ALA F 140 37.56 3.44 -18.85
C ALA F 140 36.64 4.63 -19.03
N ILE F 141 35.45 4.56 -18.44
CA ILE F 141 34.40 5.57 -18.69
C ILE F 141 34.83 7.01 -18.43
N PRO F 142 35.54 7.30 -17.32
CA PRO F 142 35.84 8.72 -17.10
C PRO F 142 36.60 9.36 -18.26
N THR F 143 37.62 8.67 -18.79
CA THR F 143 38.36 9.20 -19.92
C THR F 143 37.47 9.38 -21.14
N LEU F 144 36.69 8.36 -21.46
CA LEU F 144 35.84 8.43 -22.63
C LEU F 144 34.86 9.58 -22.49
N VAL F 145 34.25 9.75 -21.34
CA VAL F 145 33.26 10.82 -21.18
C VAL F 145 33.95 12.20 -21.17
N LYS F 146 35.09 12.34 -20.50
CA LYS F 146 35.80 13.63 -20.48
C LYS F 146 36.23 14.09 -21.88
N GLN F 147 36.70 13.16 -22.70
CA GLN F 147 37.13 13.48 -24.06
C GLN F 147 36.02 14.05 -24.93
N GLY F 148 34.81 13.51 -24.79
CA GLY F 148 33.68 13.98 -25.55
C GLY F 148 33.70 13.68 -27.02
N THR F 149 34.44 12.64 -27.44
CA THR F 149 34.50 12.28 -28.86
C THR F 149 33.95 10.88 -29.16
N GLY F 150 33.19 10.36 -28.22
CA GLY F 150 32.59 9.05 -28.35
C GLY F 150 33.63 7.95 -28.26
N GLY F 151 33.26 6.76 -28.71
CA GLY F 151 34.12 5.60 -28.56
C GLY F 151 33.31 4.32 -28.58
N SER F 152 34.00 3.22 -28.32
CA SER F 152 33.41 1.88 -28.40
C SER F 152 33.82 1.06 -27.20
N ILE F 153 32.85 0.40 -26.60
CA ILE F 153 33.09 -0.59 -25.57
C ILE F 153 32.54 -1.92 -26.06
N VAL F 154 33.39 -2.95 -26.12
CA VAL F 154 33.03 -4.28 -26.66
C VAL F 154 33.22 -5.28 -25.53
N LEU F 155 32.15 -5.99 -25.16
CA LEU F 155 32.20 -6.95 -24.08
C LEU F 155 32.20 -8.31 -24.69
N ILE F 156 33.09 -9.22 -24.27
CA ILE F 156 33.14 -10.58 -24.83
C ILE F 156 32.33 -11.50 -23.93
N SER F 157 31.19 -11.93 -24.45
CA SER F 157 30.30 -12.87 -23.78
C SER F 157 30.60 -14.24 -24.39
N SER F 158 29.59 -15.01 -24.81
CA SER F 158 29.69 -16.38 -25.27
C SER F 158 28.32 -16.81 -25.71
N SER F 159 28.20 -17.89 -26.45
CA SER F 159 26.90 -18.53 -26.60
C SER F 159 26.19 -18.77 -25.26
N ALA F 160 27.00 -19.06 -24.23
CA ALA F 160 26.50 -19.30 -22.90
C ALA F 160 25.98 -18.04 -22.20
N GLY F 161 26.10 -16.87 -22.84
CA GLY F 161 25.42 -15.66 -22.40
C GLY F 161 24.01 -15.46 -22.86
N LEU F 162 23.58 -16.32 -23.81
CA LEU F 162 22.25 -16.25 -24.43
C LEU F 162 21.51 -17.58 -24.40
N ALA F 163 22.19 -18.65 -23.98
CA ALA F 163 21.60 -19.99 -23.90
C ALA F 163 22.21 -20.73 -22.71
N GLY F 164 21.48 -21.69 -22.14
CA GLY F 164 21.95 -22.43 -20.94
C GLY F 164 22.84 -23.58 -21.26
N VAL F 165 23.93 -23.27 -21.92
CA VAL F 165 24.94 -24.24 -22.38
CA VAL F 165 24.82 -24.34 -22.36
C VAL F 165 25.93 -24.51 -21.28
N GLY F 166 25.57 -25.28 -20.29
CA GLY F 166 26.46 -25.58 -19.18
C GLY F 166 26.17 -26.94 -18.59
N SER F 167 27.15 -27.44 -17.85
CA SER F 167 26.99 -28.63 -17.02
C SER F 167 26.68 -28.26 -15.58
N ALA F 168 26.51 -29.28 -14.73
CA ALA F 168 26.19 -29.03 -13.33
C ALA F 168 27.37 -28.52 -12.49
N ASP F 169 28.58 -28.55 -13.02
CA ASP F 169 29.75 -28.07 -12.28
C ASP F 169 29.54 -26.60 -11.90
N PRO F 170 29.84 -26.19 -10.64
CA PRO F 170 29.66 -24.80 -10.24
C PRO F 170 30.39 -23.79 -11.15
N GLY F 171 31.58 -24.16 -11.68
CA GLY F 171 32.30 -23.30 -12.61
C GLY F 171 31.60 -23.13 -13.96
N SER F 172 30.83 -24.14 -14.36
CA SER F 172 30.11 -24.15 -15.63
C SER F 172 28.78 -23.38 -15.48
N VAL F 173 28.03 -23.67 -14.43
CA VAL F 173 26.84 -22.89 -14.12
C VAL F 173 27.23 -21.40 -13.96
N GLY F 174 28.36 -21.17 -13.29
CA GLY F 174 28.88 -19.81 -13.11
C GLY F 174 29.27 -19.13 -14.41
N TYR F 175 29.83 -19.91 -15.34
CA TYR F 175 30.18 -19.40 -16.66
C TYR F 175 28.91 -18.88 -17.38
N VAL F 176 27.86 -19.70 -17.38
CA VAL F 176 26.59 -19.31 -17.95
C VAL F 176 26.06 -18.04 -17.28
N ALA F 177 26.07 -18.04 -15.92
CA ALA F 177 25.50 -16.90 -15.19
C ALA F 177 26.31 -15.62 -15.48
N ALA F 178 27.64 -15.73 -15.46
CA ALA F 178 28.51 -14.58 -15.70
C ALA F 178 28.35 -14.05 -17.11
N LYS F 179 28.32 -14.96 -18.08
CA LYS F 179 28.21 -14.55 -19.49
C LYS F 179 26.85 -13.91 -19.81
N HIS F 180 25.80 -14.36 -19.09
CA HIS F 180 24.47 -13.70 -19.15
C HIS F 180 24.57 -12.33 -18.50
N GLY F 181 25.24 -12.23 -17.35
CA GLY F 181 25.46 -10.94 -16.69
C GLY F 181 26.15 -9.91 -17.56
N VAL F 182 27.09 -10.39 -18.38
CA VAL F 182 27.80 -9.50 -19.33
C VAL F 182 26.81 -8.84 -20.31
N VAL F 183 25.82 -9.61 -20.80
CA VAL F 183 24.77 -9.04 -21.63
C VAL F 183 24.06 -7.91 -20.88
N GLY F 184 23.76 -8.13 -19.60
CA GLY F 184 23.09 -7.06 -18.84
C GLY F 184 23.96 -5.80 -18.77
N LEU F 185 25.24 -5.97 -18.45
CA LEU F 185 26.20 -4.86 -18.46
C LEU F 185 26.13 -4.12 -19.80
N MET F 186 26.20 -4.88 -20.91
CA MET F 186 26.08 -4.26 -22.22
C MET F 186 24.85 -3.41 -22.35
N ARG F 187 23.70 -3.97 -22.00
CA ARG F 187 22.44 -3.32 -22.31
C ARG F 187 22.28 -2.05 -21.48
N VAL F 188 22.64 -2.09 -20.20
CA VAL F 188 22.46 -0.88 -19.38
C VAL F 188 23.52 0.17 -19.75
N TYR F 189 24.77 -0.23 -19.97
CA TYR F 189 25.78 0.77 -20.38
C TYR F 189 25.54 1.34 -21.77
N ALA F 190 25.01 0.55 -22.71
CA ALA F 190 24.62 1.11 -24.00
C ALA F 190 23.63 2.28 -23.81
N ASN F 191 22.66 2.11 -22.91
CA ASN F 191 21.68 3.16 -22.67
C ASN F 191 22.29 4.32 -21.91
N LEU F 192 23.14 4.05 -20.92
CA LEU F 192 23.71 5.12 -20.07
C LEU F 192 24.67 5.97 -20.87
N LEU F 193 25.36 5.38 -21.85
CA LEU F 193 26.43 6.05 -22.56
C LEU F 193 26.05 6.50 -23.97
N ALA F 194 24.86 6.14 -24.46
CA ALA F 194 24.46 6.52 -25.83
C ALA F 194 24.49 8.02 -26.08
N GLY F 195 24.10 8.79 -25.08
CA GLY F 195 24.11 10.23 -25.22
C GLY F 195 25.47 10.84 -25.44
N GLN F 196 26.52 10.12 -25.04
CA GLN F 196 27.91 10.47 -25.24
C GLN F 196 28.49 9.90 -26.52
N MET F 197 27.65 9.26 -27.34
CA MET F 197 28.10 8.62 -28.58
C MET F 197 29.14 7.51 -28.33
N ILE F 198 29.03 6.87 -27.18
CA ILE F 198 29.83 5.71 -26.87
C ILE F 198 28.99 4.45 -27.10
N ARG F 199 29.41 3.64 -28.06
CA ARG F 199 28.69 2.43 -28.42
C ARG F 199 29.09 1.34 -27.47
N VAL F 200 28.16 0.46 -27.12
CA VAL F 200 28.42 -0.68 -26.23
C VAL F 200 27.68 -1.88 -26.81
N ASN F 201 28.43 -2.94 -27.09
CA ASN F 201 27.87 -4.14 -27.67
C ASN F 201 28.54 -5.38 -27.08
N SER F 202 27.93 -6.55 -27.21
CA SER F 202 28.54 -7.79 -26.74
C SER F 202 28.71 -8.75 -27.92
N ILE F 203 29.77 -9.55 -27.82
CA ILE F 203 30.17 -10.53 -28.84
C ILE F 203 29.98 -11.93 -28.25
N HIS F 204 29.36 -12.83 -29.00
CA HIS F 204 29.02 -14.17 -28.50
C HIS F 204 29.61 -15.27 -29.40
N PRO F 205 30.87 -15.62 -29.18
CA PRO F 205 31.44 -16.72 -29.96
C PRO F 205 30.93 -18.05 -29.41
N SER F 206 31.03 -19.09 -30.24
N SER F 206 30.74 -19.00 -30.31
CA SER F 206 30.67 -20.47 -29.81
CA SER F 206 30.79 -20.39 -29.90
C SER F 206 31.91 -21.22 -29.27
C SER F 206 32.30 -20.66 -29.89
N GLY F 207 32.69 -21.85 -30.13
CA GLY F 207 34.04 -22.30 -29.81
C GLY F 207 35.08 -21.62 -30.69
N VAL F 208 36.20 -21.21 -30.07
CA VAL F 208 37.28 -20.49 -30.72
C VAL F 208 38.56 -21.21 -30.34
N GLU F 209 39.49 -21.34 -31.29
CA GLU F 209 40.67 -22.18 -31.08
CA GLU F 209 40.68 -22.17 -31.10
C GLU F 209 41.71 -21.44 -30.24
N THR F 210 41.61 -21.65 -28.94
CA THR F 210 42.51 -21.11 -27.94
C THR F 210 42.66 -22.15 -26.84
N PRO F 211 43.60 -21.94 -25.89
CA PRO F 211 43.73 -22.93 -24.82
C PRO F 211 42.49 -23.14 -23.95
N MET F 212 41.54 -22.19 -23.95
CA MET F 212 40.32 -22.37 -23.22
C MET F 212 39.51 -23.54 -23.78
N ILE F 213 39.50 -23.76 -25.09
CA ILE F 213 38.69 -24.82 -25.71
C ILE F 213 39.46 -26.14 -25.88
N ASN F 214 40.76 -26.08 -26.05
CA ASN F 214 41.49 -27.30 -26.45
C ASN F 214 42.22 -28.05 -25.34
N ASN F 215 42.20 -27.54 -24.12
CA ASN F 215 42.78 -28.29 -23.00
C ASN F 215 41.92 -29.51 -22.66
N GLU F 216 42.51 -30.51 -21.99
CA GLU F 216 41.82 -31.78 -21.73
C GLU F 216 40.55 -31.62 -20.93
N PHE F 217 40.52 -30.68 -19.98
CA PHE F 217 39.32 -30.50 -19.15
C PHE F 217 38.15 -30.02 -19.97
N THR F 218 38.36 -28.98 -20.76
CA THR F 218 37.29 -28.57 -21.67
C THR F 218 36.90 -29.68 -22.66
N ARG F 219 37.88 -30.41 -23.20
CA ARG F 219 37.55 -31.51 -24.12
C ARG F 219 36.64 -32.54 -23.49
N GLU F 220 36.94 -32.93 -22.24
CA GLU F 220 36.11 -33.89 -21.54
C GLU F 220 34.73 -33.31 -21.22
N TRP F 221 34.69 -32.04 -20.89
CA TRP F 221 33.41 -31.36 -20.66
C TRP F 221 32.57 -31.38 -21.92
N LEU F 222 33.17 -31.08 -23.07
CA LEU F 222 32.45 -31.10 -24.35
C LEU F 222 31.93 -32.49 -24.68
N ALA F 223 32.73 -33.51 -24.42
CA ALA F 223 32.27 -34.88 -24.70
C ALA F 223 31.10 -35.26 -23.80
N LYS F 224 31.14 -34.84 -22.54
CA LYS F 224 30.05 -35.16 -21.59
C LYS F 224 28.78 -34.42 -22.00
N MET F 225 28.90 -33.18 -22.42
CA MET F 225 27.75 -32.43 -22.90
C MET F 225 27.15 -33.06 -24.14
N ALA F 226 28.00 -33.45 -25.10
CA ALA F 226 27.50 -34.12 -26.31
C ALA F 226 26.77 -35.41 -25.99
N ALA F 227 27.27 -36.17 -25.01
CA ALA F 227 26.61 -37.43 -24.61
C ALA F 227 25.31 -37.21 -23.82
N ALA F 228 25.14 -36.04 -23.22
CA ALA F 228 23.95 -35.76 -22.39
C ALA F 228 22.74 -35.41 -23.24
N THR F 229 22.97 -35.08 -24.51
CA THR F 229 21.90 -34.66 -25.42
C THR F 229 21.42 -35.83 -26.26
N ASP F 230 20.11 -35.94 -26.43
CA ASP F 230 19.51 -36.93 -27.34
C ASP F 230 19.72 -36.49 -28.80
N THR F 231 19.59 -35.18 -29.03
CA THR F 231 19.65 -34.60 -30.37
C THR F 231 21.08 -34.65 -30.92
N PRO F 232 21.30 -35.34 -32.06
CA PRO F 232 22.67 -35.53 -32.55
C PRO F 232 23.33 -34.23 -33.05
N GLY F 233 24.61 -34.06 -32.73
CA GLY F 233 25.37 -32.86 -33.10
C GLY F 233 24.86 -31.57 -32.46
N ALA F 234 24.01 -31.65 -31.43
CA ALA F 234 23.43 -30.45 -30.79
C ALA F 234 24.49 -29.50 -30.17
N MET F 235 25.70 -29.99 -29.91
CA MET F 235 26.81 -29.15 -29.46
C MET F 235 27.66 -28.56 -30.60
N GLY F 236 27.30 -28.88 -31.84
CA GLY F 236 28.04 -28.42 -33.00
C GLY F 236 27.46 -27.12 -33.55
N ASN F 237 28.26 -26.43 -34.34
CA ASN F 237 27.77 -25.27 -35.09
C ASN F 237 26.84 -25.73 -36.21
N ALA F 238 26.08 -24.79 -36.79
CA ALA F 238 25.23 -25.12 -37.93
C ALA F 238 26.04 -25.33 -39.23
N MET F 239 26.93 -24.38 -39.53
CA MET F 239 27.86 -24.55 -40.65
C MET F 239 28.87 -25.60 -40.25
N PRO F 240 29.43 -26.32 -41.25
CA PRO F 240 30.41 -27.39 -40.97
C PRO F 240 31.80 -26.83 -40.68
N VAL F 241 31.86 -26.12 -39.57
CA VAL F 241 33.04 -25.42 -39.05
C VAL F 241 33.26 -26.00 -37.65
N GLU F 242 34.37 -26.71 -37.45
CA GLU F 242 34.64 -27.36 -36.17
C GLU F 242 34.84 -26.35 -35.05
N VAL F 243 35.56 -25.29 -35.35
CA VAL F 243 35.93 -24.29 -34.35
C VAL F 243 36.26 -23.02 -35.13
N LEU F 244 35.97 -21.85 -34.55
CA LEU F 244 36.33 -20.60 -35.18
C LEU F 244 37.77 -20.21 -34.84
N ALA F 245 38.38 -19.39 -35.70
CA ALA F 245 39.73 -18.83 -35.46
C ALA F 245 39.58 -17.64 -34.50
N PRO F 246 40.61 -17.38 -33.68
CA PRO F 246 40.57 -16.13 -32.92
C PRO F 246 40.37 -14.92 -33.85
N GLU F 247 40.97 -14.99 -35.05
CA GLU F 247 40.83 -13.94 -36.04
C GLU F 247 39.39 -13.67 -36.44
N ASP F 248 38.53 -14.67 -36.40
CA ASP F 248 37.12 -14.40 -36.71
C ASP F 248 36.50 -13.45 -35.70
N VAL F 249 36.82 -13.63 -34.43
CA VAL F 249 36.28 -12.75 -33.40
C VAL F 249 36.93 -11.38 -33.52
N ALA F 250 38.24 -11.32 -33.76
CA ALA F 250 38.94 -10.05 -33.92
C ALA F 250 38.42 -9.28 -35.12
N ASN F 251 38.06 -9.98 -36.19
CA ASN F 251 37.58 -9.33 -37.39
C ASN F 251 36.23 -8.68 -37.13
N ALA F 252 35.38 -9.36 -36.38
CA ALA F 252 34.09 -8.76 -36.03
C ALA F 252 34.26 -7.50 -35.21
N VAL F 253 35.10 -7.56 -34.20
CA VAL F 253 35.35 -6.42 -33.32
C VAL F 253 35.98 -5.25 -34.08
N ALA F 254 36.90 -5.52 -35.01
CA ALA F 254 37.57 -4.46 -35.75
C ALA F 254 36.54 -3.71 -36.60
N TRP F 255 35.57 -4.42 -37.14
CA TRP F 255 34.60 -3.70 -37.91
CA TRP F 255 34.46 -3.77 -37.89
C TRP F 255 33.67 -2.87 -36.97
N LEU F 256 33.21 -3.43 -35.87
CA LEU F 256 32.29 -2.78 -34.94
C LEU F 256 32.85 -1.48 -34.39
N VAL F 257 34.16 -1.42 -34.14
CA VAL F 257 34.79 -0.23 -33.58
C VAL F 257 35.17 0.84 -34.62
N SER F 258 34.96 0.53 -35.89
CA SER F 258 35.28 1.43 -37.01
C SER F 258 34.09 2.34 -37.29
N ASP F 259 34.33 3.32 -38.14
CA ASP F 259 33.25 4.22 -38.53
C ASP F 259 32.20 3.54 -39.40
N GLN F 260 32.54 2.41 -39.99
CA GLN F 260 31.57 1.62 -40.76
C GLN F 260 30.42 1.06 -39.88
N ALA F 261 30.57 1.10 -38.55
CA ALA F 261 29.59 0.63 -37.58
C ALA F 261 29.30 1.73 -36.57
N ARG F 262 29.39 2.98 -37.02
CA ARG F 262 29.26 4.15 -36.14
C ARG F 262 28.00 4.20 -35.29
N TYR F 263 26.92 3.61 -35.80
CA TYR F 263 25.62 3.69 -35.13
C TYR F 263 25.11 2.36 -34.62
N ILE F 264 26.01 1.39 -34.45
CA ILE F 264 25.63 0.08 -33.89
CA ILE F 264 25.61 0.09 -33.91
C ILE F 264 25.87 0.10 -32.40
N THR F 265 24.80 -0.02 -31.62
CA THR F 265 24.90 -0.07 -30.18
C THR F 265 23.74 -0.85 -29.58
N GLY F 266 23.99 -1.48 -28.44
CA GLY F 266 22.99 -2.27 -27.73
C GLY F 266 22.74 -3.65 -28.30
N VAL F 267 23.69 -4.16 -29.11
CA VAL F 267 23.52 -5.40 -29.83
C VAL F 267 24.30 -6.55 -29.19
N THR F 268 23.65 -7.71 -29.17
CA THR F 268 24.31 -8.99 -28.88
C THR F 268 24.63 -9.61 -30.26
N LEU F 269 25.92 -9.77 -30.58
CA LEU F 269 26.36 -10.24 -31.91
C LEU F 269 26.97 -11.63 -31.79
N PRO F 270 26.20 -12.64 -32.21
CA PRO F 270 26.81 -13.99 -32.32
C PRO F 270 27.84 -14.08 -33.43
N VAL F 271 28.98 -14.70 -33.14
CA VAL F 271 30.06 -14.94 -34.10
C VAL F 271 30.31 -16.45 -33.91
N ASP F 272 29.50 -17.27 -34.59
CA ASP F 272 29.27 -18.64 -34.08
C ASP F 272 28.91 -19.69 -35.08
N ALA F 273 29.08 -19.40 -36.38
CA ALA F 273 28.77 -20.38 -37.42
C ALA F 273 27.38 -20.96 -37.27
N GLY F 274 26.46 -20.15 -36.74
CA GLY F 274 25.06 -20.52 -36.62
C GLY F 274 24.66 -21.26 -35.37
N PHE F 275 25.60 -21.45 -34.43
CA PHE F 275 25.29 -22.20 -33.20
C PHE F 275 24.01 -21.79 -32.45
N LEU F 276 23.85 -20.50 -32.14
CA LEU F 276 22.70 -20.08 -31.37
C LEU F 276 21.40 -20.26 -32.10
N ASN F 277 21.41 -20.19 -33.43
CA ASN F 277 20.18 -20.34 -34.22
C ASN F 277 19.83 -21.78 -34.55
N LYS F 278 20.76 -22.71 -34.32
CA LYS F 278 20.58 -24.11 -34.70
C LYS F 278 19.54 -24.72 -33.77
N GLY G 9 39.31 -4.92 -55.26
CA GLY G 9 38.52 -4.97 -53.99
C GLY G 9 38.24 -6.39 -53.52
N PRO G 10 37.82 -6.56 -52.26
CA PRO G 10 37.60 -7.89 -51.69
C PRO G 10 36.45 -8.68 -52.33
N LEU G 11 35.46 -7.97 -52.87
CA LEU G 11 34.39 -8.67 -53.59
C LEU G 11 34.61 -8.79 -55.07
N THR G 12 35.84 -8.53 -55.54
CA THR G 12 36.13 -8.68 -56.94
C THR G 12 35.86 -10.12 -57.42
N GLY G 13 35.16 -10.26 -58.54
CA GLY G 13 34.78 -11.54 -59.07
C GLY G 13 33.49 -12.13 -58.54
N LYS G 14 32.85 -11.42 -57.62
CA LYS G 14 31.58 -11.82 -57.03
C LYS G 14 30.43 -11.02 -57.62
N VAL G 15 29.23 -11.59 -57.55
CA VAL G 15 28.03 -10.98 -58.08
C VAL G 15 26.98 -10.87 -57.00
N ALA G 16 26.39 -9.68 -56.88
CA ALA G 16 25.33 -9.41 -55.89
C ALA G 16 24.00 -9.09 -56.58
N PHE G 17 22.95 -9.80 -56.18
CA PHE G 17 21.58 -9.58 -56.64
C PHE G 17 20.86 -8.75 -55.57
N ILE G 18 20.35 -7.59 -55.96
CA ILE G 18 19.75 -6.63 -55.03
C ILE G 18 18.36 -6.27 -55.55
N THR G 19 17.33 -6.51 -54.72
CA THR G 19 15.99 -6.08 -55.05
C THR G 19 15.70 -4.71 -54.48
N GLY G 20 14.83 -3.96 -55.15
CA GLY G 20 14.59 -2.58 -54.79
C GLY G 20 15.80 -1.67 -54.99
N ALA G 21 16.58 -1.92 -56.06
CA ALA G 21 17.84 -1.24 -56.31
C ALA G 21 17.75 0.13 -56.98
N ALA G 22 16.54 0.59 -57.34
CA ALA G 22 16.41 1.85 -58.06
C ALA G 22 16.81 3.09 -57.25
N ARG G 23 16.70 3.05 -55.93
CA ARG G 23 16.96 4.22 -55.12
C ARG G 23 17.14 3.80 -53.66
N GLY G 24 17.31 4.75 -52.78
CA GLY G 24 17.28 4.48 -51.36
C GLY G 24 18.33 3.50 -50.90
N GLN G 25 17.95 2.62 -50.00
CA GLN G 25 18.91 1.67 -49.48
C GLN G 25 19.45 0.71 -50.54
N GLY G 26 18.56 0.26 -51.41
CA GLY G 26 18.95 -0.66 -52.48
C GLY G 26 20.03 -0.08 -53.37
N ARG G 27 19.87 1.18 -53.73
CA ARG G 27 20.89 1.87 -54.51
C ARG G 27 22.20 1.96 -53.73
N ALA G 28 22.08 2.25 -52.43
CA ALA G 28 23.24 2.31 -51.58
C ALA G 28 23.99 0.99 -51.50
N HIS G 29 23.25 -0.13 -51.47
CA HIS G 29 23.90 -1.45 -51.50
C HIS G 29 24.64 -1.63 -52.83
N ALA G 30 23.98 -1.28 -53.92
CA ALA G 30 24.59 -1.48 -55.23
C ALA G 30 25.91 -0.70 -55.32
N VAL G 31 25.90 0.55 -54.86
CA VAL G 31 27.08 1.43 -54.88
CA VAL G 31 27.12 1.34 -54.97
C VAL G 31 28.19 0.86 -53.98
N ARG G 32 27.82 0.45 -52.76
CA ARG G 32 28.81 0.04 -51.75
C ARG G 32 29.45 -1.30 -52.12
N LEU G 33 28.65 -2.24 -52.64
CA LEU G 33 29.18 -3.54 -53.02
C LEU G 33 30.01 -3.41 -54.29
N ALA G 34 29.58 -2.56 -55.21
CA ALA G 34 30.38 -2.29 -56.41
C ALA G 34 31.72 -1.63 -56.04
N ALA G 35 31.72 -0.74 -55.06
CA ALA G 35 32.97 -0.11 -54.57
C ALA G 35 33.98 -1.14 -54.03
N ASP G 36 33.48 -2.25 -53.47
CA ASP G 36 34.30 -3.36 -53.03
C ASP G 36 34.62 -4.36 -54.14
N GLY G 37 34.15 -4.12 -55.37
CA GLY G 37 34.55 -4.91 -56.53
C GLY G 37 33.46 -5.81 -57.13
N ALA G 38 32.30 -5.90 -56.49
CA ALA G 38 31.26 -6.82 -56.99
C ALA G 38 30.62 -6.27 -58.28
N ASP G 39 30.16 -7.19 -59.11
CA ASP G 39 29.21 -6.85 -60.17
C ASP G 39 27.81 -7.02 -59.66
N ILE G 40 26.85 -6.32 -60.26
CA ILE G 40 25.50 -6.18 -59.66
C ILE G 40 24.39 -6.67 -60.60
N ILE G 41 23.41 -7.40 -60.06
CA ILE G 41 22.16 -7.65 -60.72
C ILE G 41 21.09 -6.87 -59.93
N ALA G 42 20.58 -5.79 -60.54
CA ALA G 42 19.72 -4.81 -59.87
C ALA G 42 18.31 -4.89 -60.40
N VAL G 43 17.33 -5.08 -59.53
CA VAL G 43 15.95 -5.15 -59.99
C VAL G 43 15.09 -4.23 -59.16
N ASP G 44 14.07 -3.67 -59.78
CA ASP G 44 13.10 -2.82 -59.10
C ASP G 44 11.79 -2.87 -59.88
N LEU G 45 10.70 -2.64 -59.18
CA LEU G 45 9.35 -2.55 -59.78
C LEU G 45 9.22 -1.38 -60.75
N CYS G 46 9.82 -0.24 -60.39
CA CYS G 46 9.75 0.96 -61.23
C CYS G 46 8.32 1.31 -61.62
N ASP G 47 7.40 1.15 -60.69
CA ASP G 47 5.98 1.42 -60.92
C ASP G 47 5.32 1.56 -59.55
N GLN G 48 4.13 2.13 -59.53
CA GLN G 48 3.43 2.41 -58.28
C GLN G 48 2.53 1.27 -57.85
N ILE G 49 2.37 1.13 -56.54
CA ILE G 49 1.38 0.24 -55.92
C ILE G 49 0.39 1.22 -55.27
N ALA G 50 -0.88 1.05 -55.55
CA ALA G 50 -1.88 2.05 -55.22
C ALA G 50 -2.07 2.29 -53.73
N SER G 51 -1.78 1.29 -52.91
CA SER G 51 -1.93 1.44 -51.44
C SER G 51 -0.81 2.21 -50.77
N VAL G 52 0.23 2.55 -51.54
CA VAL G 52 1.40 3.21 -51.00
C VAL G 52 1.28 4.70 -51.26
N PRO G 53 1.30 5.52 -50.17
CA PRO G 53 0.94 6.94 -50.40
C PRO G 53 2.11 7.86 -50.77
N TYR G 54 3.28 7.31 -50.99
CA TYR G 54 4.44 8.06 -51.46
C TYR G 54 4.85 7.37 -52.77
N PRO G 55 5.58 8.08 -53.63
CA PRO G 55 5.90 7.47 -54.92
C PRO G 55 6.94 6.36 -54.77
N LEU G 56 6.72 5.24 -55.46
CA LEU G 56 7.78 4.23 -55.64
C LEU G 56 8.76 4.71 -56.72
N ALA G 57 9.78 3.91 -56.98
CA ALA G 57 10.84 4.34 -57.91
C ALA G 57 10.33 4.41 -59.35
N THR G 58 11.02 5.22 -60.15
CA THR G 58 10.78 5.32 -61.59
C THR G 58 11.82 4.52 -62.36
N PRO G 59 11.54 4.21 -63.65
CA PRO G 59 12.56 3.62 -64.51
C PRO G 59 13.84 4.48 -64.57
N GLU G 60 13.68 5.80 -64.64
CA GLU G 60 14.79 6.73 -64.65
C GLU G 60 15.71 6.60 -63.43
N GLU G 61 15.14 6.33 -62.26
CA GLU G 61 15.93 6.10 -61.08
C GLU G 61 16.78 4.83 -61.19
N LEU G 62 16.20 3.76 -61.73
CA LEU G 62 16.99 2.54 -61.91
C LEU G 62 18.15 2.80 -62.89
N ALA G 63 17.89 3.54 -63.94
CA ALA G 63 18.93 3.91 -64.91
C ALA G 63 20.03 4.74 -64.23
N ALA G 64 19.65 5.57 -63.27
CA ALA G 64 20.61 6.34 -62.49
C ALA G 64 21.48 5.46 -61.59
N THR G 65 20.90 4.43 -60.96
CA THR G 65 21.73 3.43 -60.25
C THR G 65 22.72 2.77 -61.18
N VAL G 66 22.27 2.41 -62.39
CA VAL G 66 23.18 1.82 -63.39
C VAL G 66 24.37 2.76 -63.65
N LYS G 67 24.11 4.05 -63.84
CA LYS G 67 25.21 5.02 -64.07
C LYS G 67 26.20 5.10 -62.91
N LEU G 68 25.68 5.12 -61.69
CA LEU G 68 26.52 5.17 -60.51
C LEU G 68 27.47 3.99 -60.45
N VAL G 69 26.90 2.80 -60.69
CA VAL G 69 27.68 1.57 -60.58
C VAL G 69 28.73 1.48 -61.72
N GLU G 70 28.34 1.84 -62.93
CA GLU G 70 29.27 1.83 -64.07
C GLU G 70 30.41 2.82 -63.83
N ASP G 71 30.07 3.97 -63.27
CA ASP G 71 31.13 4.96 -62.93
C ASP G 71 32.13 4.44 -61.93
N ILE G 72 31.67 3.64 -60.97
CA ILE G 72 32.56 3.03 -59.98
C ILE G 72 33.47 2.01 -60.67
N GLY G 73 33.00 1.42 -61.77
CA GLY G 73 33.83 0.49 -62.57
C GLY G 73 33.37 -0.94 -62.57
N SER G 74 32.21 -1.21 -61.97
CA SER G 74 31.64 -2.56 -62.05
C SER G 74 30.67 -2.71 -63.20
N ARG G 75 30.34 -3.97 -63.54
CA ARG G 75 29.28 -4.27 -64.47
C ARG G 75 27.96 -4.41 -63.71
N ILE G 76 26.87 -4.04 -64.36
CA ILE G 76 25.56 -4.10 -63.74
C ILE G 76 24.52 -4.50 -64.80
N VAL G 77 23.68 -5.46 -64.44
CA VAL G 77 22.51 -5.86 -65.21
C VAL G 77 21.30 -5.37 -64.45
N ALA G 78 20.50 -4.52 -65.06
CA ALA G 78 19.31 -3.97 -64.43
C ALA G 78 18.07 -4.41 -65.17
N ARG G 79 17.04 -4.80 -64.43
CA ARG G 79 15.78 -5.16 -65.01
C ARG G 79 14.65 -4.72 -64.16
N GLN G 80 13.54 -4.38 -64.79
CA GLN G 80 12.31 -4.16 -64.05
CA GLN G 80 12.26 -4.18 -64.10
C GLN G 80 11.75 -5.54 -63.67
N ALA G 81 11.36 -5.70 -62.41
CA ALA G 81 10.78 -6.93 -61.92
C ALA G 81 9.95 -6.62 -60.68
N ASP G 82 8.94 -7.43 -60.45
CA ASP G 82 8.09 -7.34 -59.27
C ASP G 82 8.40 -8.55 -58.37
N VAL G 83 8.85 -8.32 -57.14
CA VAL G 83 9.16 -9.43 -56.25
C VAL G 83 7.92 -10.27 -55.88
N ARG G 84 6.72 -9.70 -56.05
CA ARG G 84 5.49 -10.46 -55.84
C ARG G 84 5.23 -11.58 -56.83
N ASP G 85 5.89 -11.51 -57.99
CA ASP G 85 5.63 -12.39 -59.15
C ASP G 85 6.88 -13.23 -59.32
N ARG G 86 6.83 -14.47 -58.88
CA ARG G 86 8.02 -15.32 -58.87
C ARG G 86 8.58 -15.46 -60.30
N GLU G 87 7.72 -15.64 -61.29
CA GLU G 87 8.18 -15.80 -62.69
C GLU G 87 8.96 -14.54 -63.16
N SER G 88 8.40 -13.37 -62.88
CA SER G 88 9.03 -12.06 -63.18
C SER G 88 10.41 -11.97 -62.54
N LEU G 89 10.47 -12.31 -61.27
CA LEU G 89 11.71 -12.15 -60.50
C LEU G 89 12.75 -13.15 -60.99
N SER G 90 12.33 -14.40 -61.23
CA SER G 90 13.22 -15.42 -61.75
C SER G 90 13.82 -15.01 -63.10
N ALA G 91 12.98 -14.47 -63.97
CA ALA G 91 13.43 -14.03 -65.31
C ALA G 91 14.48 -12.93 -65.22
N ALA G 92 14.25 -11.99 -64.31
CA ALA G 92 15.21 -10.91 -64.11
C ALA G 92 16.55 -11.44 -63.59
N LEU G 93 16.53 -12.28 -62.56
CA LEU G 93 17.75 -12.91 -62.06
C LEU G 93 18.47 -13.67 -63.20
N GLN G 94 17.69 -14.43 -63.98
CA GLN G 94 18.26 -15.23 -65.05
C GLN G 94 18.97 -14.37 -66.06
N ALA G 95 18.39 -13.21 -66.40
CA ALA G 95 19.08 -12.25 -67.28
C ALA G 95 20.43 -11.85 -66.71
N GLY G 96 20.48 -11.59 -65.41
CA GLY G 96 21.75 -11.32 -64.81
C GLY G 96 22.74 -12.44 -64.83
N LEU G 97 22.27 -13.66 -64.59
CA LEU G 97 23.13 -14.83 -64.61
C LEU G 97 23.68 -15.04 -66.03
N ASP G 98 22.85 -14.83 -67.04
CA ASP G 98 23.35 -14.97 -68.41
C ASP G 98 24.52 -14.03 -68.73
N GLU G 99 24.47 -12.83 -68.14
CA GLU G 99 25.40 -11.75 -68.47
C GLU G 99 26.58 -11.65 -67.53
N LEU G 100 26.45 -12.18 -66.31
CA LEU G 100 27.54 -12.10 -65.28
C LEU G 100 28.05 -13.46 -64.80
N GLY G 101 27.33 -14.52 -65.12
CA GLY G 101 27.87 -15.88 -64.99
C GLY G 101 27.80 -16.60 -63.67
N ARG G 102 27.42 -15.91 -62.60
CA ARG G 102 27.44 -16.50 -61.27
C ARG G 102 26.63 -15.63 -60.32
N LEU G 103 26.42 -16.15 -59.11
CA LEU G 103 25.76 -15.41 -58.03
C LEU G 103 26.45 -15.74 -56.72
N ASP G 104 26.72 -14.71 -55.89
CA ASP G 104 27.36 -14.90 -54.59
C ASP G 104 26.57 -14.32 -53.42
N ILE G 105 25.89 -13.22 -53.68
CA ILE G 105 25.28 -12.36 -52.65
C ILE G 105 23.88 -12.02 -53.09
N VAL G 106 22.94 -12.10 -52.14
CA VAL G 106 21.54 -11.73 -52.35
C VAL G 106 21.18 -10.73 -51.25
N VAL G 107 20.64 -9.58 -51.64
CA VAL G 107 20.13 -8.57 -50.70
C VAL G 107 18.66 -8.37 -50.99
N ALA G 108 17.82 -8.93 -50.10
CA ALA G 108 16.38 -8.89 -50.25
C ALA G 108 15.85 -7.63 -49.59
N ASN G 109 15.92 -6.54 -50.36
CA ASN G 109 15.72 -5.16 -49.88
C ASN G 109 14.41 -4.51 -50.30
N ALA G 110 13.81 -4.90 -51.43
CA ALA G 110 12.55 -4.27 -51.87
C ALA G 110 11.56 -4.32 -50.74
N GLY G 111 10.82 -3.23 -50.55
CA GLY G 111 9.78 -3.16 -49.54
C GLY G 111 8.93 -1.94 -49.72
N ILE G 112 7.74 -1.98 -49.13
CA ILE G 112 6.79 -0.87 -49.13
C ILE G 112 6.20 -0.67 -47.75
N ALA G 113 5.66 0.53 -47.54
CA ALA G 113 5.01 0.93 -46.28
C ALA G 113 3.65 1.56 -46.58
N PRO G 114 2.67 0.71 -46.99
CA PRO G 114 1.36 1.28 -47.31
C PRO G 114 0.62 1.79 -46.09
N MET G 115 -0.34 2.70 -46.29
CA MET G 115 -1.07 3.31 -45.21
C MET G 115 -2.32 3.92 -45.78
N SER G 116 -3.38 3.97 -44.98
CA SER G 116 -4.60 4.69 -45.35
C SER G 116 -5.22 4.15 -46.62
N ALA G 117 -5.15 2.84 -46.81
CA ALA G 117 -5.65 2.16 -47.99
C ALA G 117 -6.62 1.04 -47.61
N GLY G 118 -7.00 0.92 -46.34
CA GLY G 118 -7.81 -0.21 -45.90
C GLY G 118 -7.04 -1.51 -45.97
N ASP G 119 -7.76 -2.63 -46.10
CA ASP G 119 -7.10 -3.91 -46.08
C ASP G 119 -6.23 -4.18 -47.31
N ASP G 120 -6.37 -3.41 -48.39
CA ASP G 120 -5.40 -3.52 -49.49
C ASP G 120 -3.97 -3.29 -48.96
N GLY G 121 -3.84 -2.43 -47.96
CA GLY G 121 -2.56 -2.18 -47.34
C GLY G 121 -1.97 -3.40 -46.65
N TRP G 122 -2.82 -4.18 -45.96
CA TRP G 122 -2.41 -5.48 -45.39
C TRP G 122 -1.91 -6.40 -46.49
N HIS G 123 -2.74 -6.61 -47.49
CA HIS G 123 -2.39 -7.56 -48.53
C HIS G 123 -1.15 -7.19 -49.29
N ASP G 124 -1.01 -5.91 -49.61
CA ASP G 124 0.11 -5.48 -50.42
C ASP G 124 1.43 -5.57 -49.58
N VAL G 125 1.40 -5.24 -48.28
CA VAL G 125 2.64 -5.24 -47.49
C VAL G 125 3.06 -6.67 -47.25
N ILE G 126 2.12 -7.57 -46.97
CA ILE G 126 2.48 -9.00 -46.87
C ILE G 126 3.06 -9.51 -48.19
N ASP G 127 2.43 -9.15 -49.29
CA ASP G 127 2.84 -9.64 -50.61
CA ASP G 127 2.83 -9.62 -50.61
C ASP G 127 4.24 -9.17 -50.97
N VAL G 128 4.57 -7.90 -50.75
CA VAL G 128 5.90 -7.40 -51.12
C VAL G 128 6.94 -7.77 -50.07
N ASN G 129 6.62 -7.47 -48.81
CA ASN G 129 7.61 -7.51 -47.74
C ASN G 129 7.85 -8.87 -47.13
N LEU G 130 6.92 -9.82 -47.36
CA LEU G 130 7.10 -11.18 -46.85
C LEU G 130 7.17 -12.17 -48.02
N THR G 131 6.11 -12.32 -48.80
CA THR G 131 6.16 -13.18 -49.98
C THR G 131 7.26 -12.76 -50.94
N GLY G 132 7.49 -11.46 -51.12
CA GLY G 132 8.53 -11.01 -52.07
C GLY G 132 9.93 -11.39 -51.60
N VAL G 133 10.13 -11.37 -50.27
CA VAL G 133 11.42 -11.84 -49.71
C VAL G 133 11.61 -13.34 -49.87
N TYR G 134 10.56 -14.11 -49.59
CA TYR G 134 10.55 -15.57 -49.92
C TYR G 134 10.91 -15.83 -51.39
N HIS G 135 10.30 -15.10 -52.31
CA HIS G 135 10.57 -15.28 -53.74
C HIS G 135 12.02 -14.99 -54.01
N THR G 136 12.56 -13.94 -53.35
CA THR G 136 13.94 -13.55 -53.60
C THR G 136 14.94 -14.63 -53.18
N ILE G 137 14.69 -15.25 -52.02
CA ILE G 137 15.46 -16.39 -51.55
C ILE G 137 15.31 -17.56 -52.54
N LYS G 138 14.09 -17.89 -52.86
CA LYS G 138 13.78 -19.09 -53.65
C LYS G 138 14.43 -19.08 -55.03
N VAL G 139 14.40 -17.95 -55.71
CA VAL G 139 14.99 -17.85 -57.06
C VAL G 139 16.50 -17.98 -57.04
N ALA G 140 17.15 -17.64 -55.94
CA ALA G 140 18.59 -17.67 -55.82
C ALA G 140 19.20 -18.99 -55.39
N ILE G 141 18.47 -19.78 -54.60
CA ILE G 141 19.04 -21.00 -54.00
C ILE G 141 19.65 -21.98 -55.02
N PRO G 142 18.93 -22.29 -56.12
CA PRO G 142 19.50 -23.31 -57.00
C PRO G 142 20.88 -22.95 -57.53
N THR G 143 21.11 -21.72 -57.95
CA THR G 143 22.43 -21.29 -58.40
C THR G 143 23.47 -21.40 -57.30
N LEU G 144 23.12 -20.92 -56.10
CA LEU G 144 24.06 -20.97 -55.01
C LEU G 144 24.46 -22.39 -54.64
N VAL G 145 23.49 -23.29 -54.64
CA VAL G 145 23.78 -24.67 -54.29
C VAL G 145 24.59 -25.36 -55.41
N LYS G 146 24.21 -25.16 -56.67
CA LYS G 146 24.91 -25.78 -57.78
C LYS G 146 26.36 -25.38 -57.83
N GLN G 147 26.66 -24.12 -57.55
CA GLN G 147 28.02 -23.63 -57.59
C GLN G 147 28.94 -24.30 -56.57
N GLY G 148 28.42 -24.52 -55.37
CA GLY G 148 29.19 -25.16 -54.34
C GLY G 148 30.28 -24.32 -53.73
N THR G 149 30.15 -23.00 -53.78
CA THR G 149 31.16 -22.12 -53.22
C THR G 149 30.64 -21.24 -52.08
N GLY G 150 29.49 -21.61 -51.55
CA GLY G 150 28.89 -20.80 -50.47
C GLY G 150 28.33 -19.50 -50.98
N GLY G 151 28.05 -18.60 -50.07
CA GLY G 151 27.45 -17.31 -50.44
C GLY G 151 26.79 -16.65 -49.26
N SER G 152 26.12 -15.54 -49.53
CA SER G 152 25.47 -14.73 -48.49
C SER G 152 24.09 -14.32 -48.93
N ILE G 153 23.11 -14.52 -48.05
CA ILE G 153 21.76 -14.02 -48.26
C ILE G 153 21.48 -13.08 -47.09
N VAL G 154 21.14 -11.85 -47.42
CA VAL G 154 20.87 -10.79 -46.44
C VAL G 154 19.43 -10.34 -46.65
N LEU G 155 18.64 -10.49 -45.57
CA LEU G 155 17.25 -10.08 -45.60
C LEU G 155 17.07 -8.77 -44.86
N ILE G 156 16.38 -7.80 -45.49
CA ILE G 156 16.17 -6.48 -44.83
C ILE G 156 14.85 -6.52 -44.08
N SER G 157 14.94 -6.56 -42.75
CA SER G 157 13.80 -6.46 -41.87
C SER G 157 13.70 -5.00 -41.39
N SER G 158 13.52 -4.75 -40.08
CA SER G 158 13.26 -3.42 -39.52
C SER G 158 13.30 -3.58 -38.02
N SER G 159 13.37 -2.46 -37.29
CA SER G 159 13.01 -2.50 -35.89
C SER G 159 11.65 -3.19 -35.66
N ALA G 160 10.72 -2.95 -36.59
CA ALA G 160 9.38 -3.53 -36.52
C ALA G 160 9.32 -5.02 -36.79
N GLY G 161 10.47 -5.65 -37.06
CA GLY G 161 10.58 -7.09 -37.16
C GLY G 161 10.90 -7.76 -35.83
N LEU G 162 11.27 -6.93 -34.83
CA LEU G 162 11.57 -7.42 -33.47
C LEU G 162 10.82 -6.73 -32.35
N ALA G 163 10.06 -5.71 -32.67
CA ALA G 163 9.28 -4.95 -31.73
C ALA G 163 7.96 -4.56 -32.37
N GLY G 164 6.98 -4.36 -31.50
CA GLY G 164 5.62 -3.99 -31.91
C GLY G 164 5.41 -2.51 -32.11
N VAL G 165 6.13 -1.97 -33.09
CA VAL G 165 6.12 -0.55 -33.39
CA VAL G 165 6.08 -0.55 -33.35
C VAL G 165 5.28 -0.35 -34.63
N GLY G 166 4.11 0.22 -34.44
CA GLY G 166 3.20 0.42 -35.56
C GLY G 166 1.98 1.17 -35.10
N SER G 167 1.14 1.49 -36.05
CA SER G 167 -0.09 2.23 -35.81
C SER G 167 -1.28 1.34 -36.17
N ALA G 168 -2.49 1.88 -35.94
CA ALA G 168 -3.75 1.15 -36.11
C ALA G 168 -4.23 1.28 -37.54
N ASP G 169 -3.47 0.70 -38.45
CA ASP G 169 -3.73 0.70 -39.88
C ASP G 169 -3.35 -0.66 -40.40
N PRO G 170 -4.16 -1.27 -41.28
CA PRO G 170 -3.81 -2.59 -41.82
C PRO G 170 -2.43 -2.66 -42.46
N GLY G 171 -2.00 -1.61 -43.15
CA GLY G 171 -0.66 -1.57 -43.76
C GLY G 171 0.43 -1.50 -42.69
N SER G 172 0.17 -0.92 -41.53
CA SER G 172 1.18 -0.76 -40.50
C SER G 172 1.28 -2.06 -39.67
N VAL G 173 0.15 -2.63 -39.19
CA VAL G 173 0.23 -3.93 -38.53
C VAL G 173 0.76 -5.04 -39.48
N GLY G 174 0.44 -4.94 -40.76
CA GLY G 174 1.04 -5.80 -41.78
C GLY G 174 2.52 -5.62 -41.93
N TYR G 175 3.01 -4.39 -41.79
CA TYR G 175 4.42 -4.13 -41.90
C TYR G 175 5.15 -4.84 -40.73
N VAL G 176 4.60 -4.68 -39.52
CA VAL G 176 5.12 -5.39 -38.35
C VAL G 176 5.11 -6.92 -38.57
N ALA G 177 3.98 -7.45 -39.03
CA ALA G 177 3.83 -8.89 -39.26
C ALA G 177 4.81 -9.36 -40.32
N ALA G 178 4.90 -8.67 -41.43
CA ALA G 178 5.81 -9.03 -42.53
C ALA G 178 7.25 -9.03 -42.05
N LYS G 179 7.64 -7.96 -41.35
CA LYS G 179 9.03 -7.81 -40.94
C LYS G 179 9.44 -8.86 -39.89
N HIS G 180 8.49 -9.24 -39.01
CA HIS G 180 8.65 -10.38 -38.12
C HIS G 180 8.78 -11.68 -38.94
N GLY G 181 7.94 -11.83 -39.96
CA GLY G 181 8.02 -12.99 -40.84
C GLY G 181 9.35 -13.14 -41.54
N VAL G 182 9.99 -12.02 -41.88
CA VAL G 182 11.31 -12.02 -42.48
C VAL G 182 12.35 -12.62 -41.54
N VAL G 183 12.24 -12.32 -40.23
CA VAL G 183 13.14 -12.99 -39.26
C VAL G 183 12.95 -14.51 -39.30
N GLY G 184 11.70 -14.96 -39.42
CA GLY G 184 11.43 -16.39 -39.54
C GLY G 184 12.11 -17.00 -40.76
N LEU G 185 11.94 -16.35 -41.91
CA LEU G 185 12.61 -16.79 -43.11
C LEU G 185 14.11 -16.90 -42.87
N MET G 186 14.68 -15.87 -42.25
CA MET G 186 16.12 -15.89 -41.98
C MET G 186 16.52 -17.11 -41.16
N ARG G 187 15.77 -17.33 -40.09
CA ARG G 187 16.17 -18.37 -39.13
C ARG G 187 16.10 -19.75 -39.75
N VAL G 188 15.02 -20.03 -40.46
CA VAL G 188 14.86 -21.35 -41.10
C VAL G 188 15.85 -21.53 -42.25
N TYR G 189 16.01 -20.54 -43.11
CA TYR G 189 16.97 -20.68 -44.22
C TYR G 189 18.41 -20.73 -43.73
N ALA G 190 18.75 -20.03 -42.64
CA ALA G 190 20.09 -20.16 -42.09
C ALA G 190 20.38 -21.63 -41.74
N ASN G 191 19.39 -22.29 -41.14
CA ASN G 191 19.56 -23.70 -40.78
C ASN G 191 19.53 -24.60 -41.99
N LEU G 192 18.68 -24.36 -42.98
CA LEU G 192 18.59 -25.22 -44.17
C LEU G 192 19.81 -25.12 -45.05
N LEU G 193 20.46 -23.96 -45.07
CA LEU G 193 21.53 -23.66 -46.01
C LEU G 193 22.95 -23.65 -45.39
N ALA G 194 23.03 -23.82 -44.08
CA ALA G 194 24.32 -23.81 -43.38
C ALA G 194 25.30 -24.84 -43.91
N GLY G 195 24.77 -26.03 -44.21
CA GLY G 195 25.61 -27.10 -44.74
C GLY G 195 26.25 -26.79 -46.07
N GLN G 196 25.65 -25.86 -46.81
CA GLN G 196 26.18 -25.39 -48.09
C GLN G 196 27.10 -24.17 -47.92
N MET G 197 27.41 -23.79 -46.69
CA MET G 197 28.21 -22.59 -46.39
C MET G 197 27.56 -21.32 -46.96
N ILE G 198 26.24 -21.27 -46.98
CA ILE G 198 25.51 -20.09 -47.38
C ILE G 198 24.99 -19.45 -46.10
N ARG G 199 25.53 -18.27 -45.79
CA ARG G 199 25.12 -17.50 -44.62
C ARG G 199 23.79 -16.79 -44.90
N VAL G 200 22.93 -16.70 -43.88
CA VAL G 200 21.64 -16.02 -43.99
C VAL G 200 21.45 -15.23 -42.69
N ASN G 201 21.26 -13.92 -42.82
CA ASN G 201 21.14 -13.02 -41.69
C ASN G 201 20.10 -11.97 -42.03
N SER G 202 19.57 -11.32 -41.00
CA SER G 202 18.62 -10.22 -41.19
C SER G 202 19.16 -8.91 -40.59
N ILE G 203 18.87 -7.81 -41.26
CA ILE G 203 19.30 -6.47 -40.85
C ILE G 203 18.07 -5.71 -40.37
N HIS G 204 18.20 -4.99 -39.26
CA HIS G 204 17.08 -4.30 -38.64
C HIS G 204 17.41 -2.81 -38.43
N PRO G 205 17.20 -1.98 -39.46
CA PRO G 205 17.40 -0.54 -39.28
C PRO G 205 16.22 0.08 -38.55
N SER G 206 16.52 1.07 -37.73
N SER G 206 16.42 1.23 -37.89
CA SER G 206 15.54 2.08 -37.38
CA SER G 206 15.26 1.98 -37.32
C SER G 206 15.46 3.00 -38.59
C SER G 206 14.55 2.96 -38.29
N GLY G 207 14.99 4.21 -38.41
CA GLY G 207 14.65 5.05 -39.54
C GLY G 207 15.88 5.35 -40.36
N VAL G 208 15.71 5.35 -41.68
CA VAL G 208 16.76 5.59 -42.65
C VAL G 208 16.23 6.63 -43.61
N GLU G 209 17.08 7.59 -43.97
CA GLU G 209 16.64 8.73 -44.79
CA GLU G 209 16.66 8.73 -44.80
C GLU G 209 16.49 8.32 -46.26
N THR G 210 15.26 7.91 -46.59
CA THR G 210 14.84 7.54 -47.94
C THR G 210 13.39 8.03 -48.16
N PRO G 211 12.90 7.95 -49.40
CA PRO G 211 11.54 8.42 -49.65
C PRO G 211 10.45 7.66 -48.91
N MET G 212 10.74 6.46 -48.43
CA MET G 212 9.78 5.74 -47.63
C MET G 212 9.35 6.48 -46.37
N ILE G 213 10.27 7.23 -45.75
CA ILE G 213 9.94 7.99 -44.54
C ILE G 213 10.06 9.50 -44.68
N ASN G 214 10.73 9.98 -45.74
CA ASN G 214 10.92 11.42 -45.96
C ASN G 214 9.71 11.96 -46.74
N ASN G 215 8.59 12.03 -46.07
CA ASN G 215 7.32 12.45 -46.69
C ASN G 215 6.35 12.90 -45.60
N GLU G 216 5.26 13.56 -46.01
CA GLU G 216 4.40 14.23 -45.04
C GLU G 216 3.63 13.30 -44.19
N PHE G 217 3.13 12.25 -44.81
CA PHE G 217 2.32 11.24 -44.13
C PHE G 217 3.13 10.67 -42.99
N THR G 218 4.40 10.32 -43.23
CA THR G 218 5.18 9.68 -42.18
C THR G 218 5.39 10.59 -40.99
N ARG G 219 5.71 11.86 -41.23
CA ARG G 219 5.91 12.76 -40.11
C ARG G 219 4.59 13.00 -39.32
N GLU G 220 3.43 13.02 -40.01
CA GLU G 220 2.13 13.01 -39.33
C GLU G 220 1.96 11.87 -38.37
N TRP G 221 2.18 10.67 -38.91
CA TRP G 221 1.99 9.47 -38.13
C TRP G 221 3.01 9.41 -37.02
N LEU G 222 4.24 9.85 -37.29
CA LEU G 222 5.21 9.95 -36.18
C LEU G 222 4.77 10.87 -35.07
N ALA G 223 4.19 12.04 -35.42
CA ALA G 223 3.72 12.98 -34.42
C ALA G 223 2.56 12.40 -33.62
N LYS G 224 1.68 11.64 -34.29
CA LYS G 224 0.56 11.01 -33.59
C LYS G 224 1.04 9.86 -32.69
N MET G 225 1.96 9.03 -33.19
CA MET G 225 2.62 7.98 -32.37
C MET G 225 3.24 8.63 -31.11
N ALA G 226 3.99 9.70 -31.31
CA ALA G 226 4.61 10.42 -30.20
C ALA G 226 3.62 10.99 -29.21
N ALA G 227 2.51 11.55 -29.70
CA ALA G 227 1.50 12.10 -28.83
C ALA G 227 0.72 11.01 -28.07
N ALA G 228 0.54 9.86 -28.72
CA ALA G 228 -0.19 8.74 -28.12
C ALA G 228 0.54 8.10 -26.93
N THR G 229 1.87 8.25 -26.87
CA THR G 229 2.71 7.63 -25.84
C THR G 229 2.81 8.48 -24.56
N GLY G 233 10.30 11.06 -26.27
CA GLY G 233 11.34 10.48 -27.14
C GLY G 233 11.18 8.99 -27.40
N ALA G 234 9.96 8.49 -27.19
CA ALA G 234 9.62 7.06 -27.38
C ALA G 234 10.05 6.55 -28.76
N MET G 235 9.86 7.38 -29.79
CA MET G 235 10.14 7.00 -31.16
C MET G 235 11.58 7.28 -31.56
N GLY G 236 12.39 7.83 -30.65
CA GLY G 236 13.74 8.23 -30.97
C GLY G 236 14.76 7.10 -30.74
N ASN G 237 15.89 7.27 -31.39
CA ASN G 237 17.04 6.36 -31.13
C ASN G 237 17.67 6.66 -29.76
N ALA G 238 18.52 5.76 -29.27
CA ALA G 238 19.21 6.00 -28.00
C ALA G 238 20.31 7.03 -28.15
N MET G 239 21.15 6.87 -29.17
CA MET G 239 22.17 7.85 -29.51
C MET G 239 21.48 9.06 -30.12
N PRO G 240 22.07 10.25 -29.99
CA PRO G 240 21.44 11.47 -30.51
C PRO G 240 21.62 11.63 -32.01
N VAL G 241 20.98 10.71 -32.72
CA VAL G 241 21.07 10.57 -34.17
C VAL G 241 19.63 10.60 -34.64
N GLU G 242 19.25 11.61 -35.42
CA GLU G 242 17.88 11.74 -35.87
C GLU G 242 17.42 10.63 -36.81
N VAL G 243 18.29 10.23 -37.74
CA VAL G 243 17.96 9.29 -38.78
C VAL G 243 19.29 8.72 -39.24
N LEU G 244 19.28 7.46 -39.67
CA LEU G 244 20.45 6.83 -40.26
C LEU G 244 20.56 7.16 -41.75
N ALA G 245 21.79 7.13 -42.27
CA ALA G 245 22.02 7.24 -43.70
C ALA G 245 21.82 5.86 -44.35
N PRO G 246 21.36 5.84 -45.62
CA PRO G 246 21.35 4.57 -46.35
C PRO G 246 22.71 3.88 -46.30
N GLU G 247 23.81 4.67 -46.34
CA GLU G 247 25.15 4.14 -46.28
C GLU G 247 25.45 3.39 -44.99
N ASP G 248 24.81 3.75 -43.88
CA ASP G 248 25.00 2.98 -42.62
C ASP G 248 24.53 1.56 -42.80
N VAL G 249 23.43 1.36 -43.49
CA VAL G 249 22.89 0.00 -43.68
C VAL G 249 23.76 -0.75 -44.72
N ALA G 250 24.11 -0.06 -45.80
CA ALA G 250 25.03 -0.63 -46.79
C ALA G 250 26.35 -1.03 -46.19
N ASN G 251 26.89 -0.25 -45.26
CA ASN G 251 28.17 -0.56 -44.67
C ASN G 251 28.08 -1.83 -43.84
N ALA G 252 27.00 -2.03 -43.10
CA ALA G 252 26.78 -3.27 -42.32
C ALA G 252 26.70 -4.48 -43.24
N VAL G 253 25.96 -4.38 -44.33
CA VAL G 253 25.85 -5.47 -45.28
C VAL G 253 27.17 -5.77 -45.98
N ALA G 254 27.96 -4.73 -46.30
CA ALA G 254 29.25 -4.98 -46.97
C ALA G 254 30.17 -5.74 -46.07
N TRP G 255 30.14 -5.48 -44.77
CA TRP G 255 30.90 -6.30 -43.78
CA TRP G 255 30.96 -6.29 -43.91
C TRP G 255 30.43 -7.75 -43.81
N LEU G 256 29.13 -7.93 -43.65
CA LEU G 256 28.51 -9.25 -43.46
C LEU G 256 28.83 -10.20 -44.60
N VAL G 257 28.89 -9.68 -45.85
CA VAL G 257 29.08 -10.51 -47.05
C VAL G 257 30.55 -10.74 -47.36
N SER G 258 31.44 -10.11 -46.59
CA SER G 258 32.87 -10.25 -46.79
C SER G 258 33.44 -11.42 -46.00
N ASP G 259 34.68 -11.77 -46.28
CA ASP G 259 35.37 -12.84 -45.52
C ASP G 259 35.62 -12.48 -44.05
N GLN G 260 35.53 -11.21 -43.72
CA GLN G 260 35.63 -10.74 -42.33
C GLN G 260 34.45 -11.19 -41.47
N ALA G 261 33.42 -11.71 -42.14
CA ALA G 261 32.20 -12.22 -41.48
C ALA G 261 31.84 -13.58 -42.02
N ARG G 262 32.83 -14.38 -42.38
CA ARG G 262 32.65 -15.65 -43.07
C ARG G 262 31.79 -16.67 -42.30
N TYR G 263 31.79 -16.60 -40.97
CA TYR G 263 31.08 -17.57 -40.15
C TYR G 263 29.94 -16.94 -39.35
N ILE G 264 29.44 -15.81 -39.82
CA ILE G 264 28.27 -15.14 -39.22
CA ILE G 264 28.27 -15.16 -39.19
C ILE G 264 27.01 -15.59 -39.94
N THR G 265 26.15 -16.32 -39.24
CA THR G 265 24.88 -16.79 -39.80
C THR G 265 23.83 -16.96 -38.71
N GLY G 266 22.56 -16.80 -39.10
CA GLY G 266 21.46 -16.94 -38.16
C GLY G 266 21.23 -15.76 -37.25
N VAL G 267 21.81 -14.60 -37.59
CA VAL G 267 21.79 -13.39 -36.74
C VAL G 267 20.78 -12.34 -37.17
N THR G 268 20.09 -11.76 -36.19
CA THR G 268 19.32 -10.52 -36.37
C THR G 268 20.24 -9.39 -35.96
N LEU G 269 20.61 -8.53 -36.92
CA LEU G 269 21.57 -7.44 -36.66
C LEU G 269 20.89 -6.07 -36.69
N PRO G 270 20.65 -5.47 -35.48
CA PRO G 270 20.12 -4.10 -35.49
C PRO G 270 21.16 -3.10 -35.96
N VAL G 271 20.77 -2.18 -36.85
CA VAL G 271 21.59 -1.04 -37.25
C VAL G 271 20.71 0.15 -37.00
N ASP G 272 20.78 0.65 -35.77
CA ASP G 272 19.67 1.43 -35.26
C ASP G 272 19.95 2.46 -34.20
N ALA G 273 21.21 2.79 -33.99
CA ALA G 273 21.59 3.82 -33.01
C ALA G 273 20.99 3.55 -31.65
N GLY G 274 20.82 2.25 -31.38
CA GLY G 274 20.35 1.79 -30.07
C GLY G 274 18.84 1.74 -29.87
N PHE G 275 18.05 1.97 -30.91
CA PHE G 275 16.61 1.98 -30.76
C PHE G 275 16.01 0.74 -30.08
N LEU G 276 16.39 -0.46 -30.53
CA LEU G 276 15.78 -1.65 -29.96
C LEU G 276 16.11 -1.86 -28.52
N ASN G 277 17.31 -1.41 -28.12
CA ASN G 277 17.78 -1.60 -26.74
C ASN G 277 17.33 -0.50 -25.78
N LYS G 278 16.78 0.59 -26.32
CA LYS G 278 16.37 1.75 -25.50
C LYS G 278 15.27 1.36 -24.54
N GLY H 9 -18.21 -20.41 -12.39
CA GLY H 9 -16.72 -20.33 -12.42
C GLY H 9 -16.19 -18.93 -12.70
N PRO H 10 -14.86 -18.79 -12.79
CA PRO H 10 -14.14 -17.53 -12.99
C PRO H 10 -14.64 -16.71 -14.19
N LEU H 11 -15.06 -17.39 -15.25
CA LEU H 11 -15.46 -16.74 -16.48
C LEU H 11 -16.96 -16.64 -16.68
N THR H 12 -17.76 -16.86 -15.63
CA THR H 12 -19.21 -16.71 -15.74
C THR H 12 -19.57 -15.31 -16.21
N GLY H 13 -20.46 -15.22 -17.19
CA GLY H 13 -20.86 -13.96 -17.76
C GLY H 13 -20.01 -13.47 -18.92
N LYS H 14 -18.93 -14.18 -19.21
CA LYS H 14 -18.00 -13.80 -20.30
C LYS H 14 -18.27 -14.63 -21.53
N VAL H 15 -17.83 -14.08 -22.67
CA VAL H 15 -17.99 -14.70 -23.96
C VAL H 15 -16.62 -14.85 -24.63
N ALA H 16 -16.33 -16.06 -25.10
CA ALA H 16 -15.08 -16.37 -25.81
C ALA H 16 -15.35 -16.76 -27.27
N PHE H 17 -14.63 -16.09 -28.18
CA PHE H 17 -14.65 -16.30 -29.62
C PHE H 17 -13.42 -17.14 -29.95
N ILE H 18 -13.65 -18.33 -30.48
CA ILE H 18 -12.56 -19.29 -30.78
C ILE H 18 -12.64 -19.75 -32.22
N THR H 19 -11.56 -19.52 -32.97
CA THR H 19 -11.47 -20.03 -34.33
C THR H 19 -10.82 -21.40 -34.36
N GLY H 20 -11.22 -22.21 -35.32
CA GLY H 20 -10.73 -23.58 -35.40
C GLY H 20 -11.26 -24.45 -34.30
N ALA H 21 -12.51 -24.21 -33.90
CA ALA H 21 -13.09 -24.81 -32.68
C ALA H 21 -13.69 -26.22 -32.87
N ALA H 22 -13.66 -26.73 -34.10
CA ALA H 22 -14.34 -28.03 -34.39
C ALA H 22 -13.69 -29.23 -33.73
N ARG H 23 -12.37 -29.18 -33.52
CA ARG H 23 -11.65 -30.31 -32.97
C ARG H 23 -10.32 -29.83 -32.37
N GLY H 24 -9.45 -30.77 -31.96
CA GLY H 24 -8.08 -30.41 -31.63
C GLY H 24 -7.99 -29.39 -30.50
N GLN H 25 -7.01 -28.49 -30.61
CA GLN H 25 -6.84 -27.53 -29.55
C GLN H 25 -8.02 -26.53 -29.44
N GLY H 26 -8.62 -26.16 -30.56
CA GLY H 26 -9.76 -25.27 -30.52
C GLY H 26 -10.91 -25.84 -29.73
N ARG H 27 -11.23 -27.11 -29.94
CA ARG H 27 -12.26 -27.78 -29.12
C ARG H 27 -11.86 -27.79 -27.67
N ALA H 28 -10.58 -28.08 -27.40
CA ALA H 28 -10.09 -28.08 -26.03
C ALA H 28 -10.25 -26.72 -25.34
N HIS H 29 -10.02 -25.62 -26.06
CA HIS H 29 -10.29 -24.28 -25.52
C HIS H 29 -11.78 -24.08 -25.27
N ALA H 30 -12.63 -24.51 -26.19
CA ALA H 30 -14.06 -24.32 -26.03
C ALA H 30 -14.55 -25.01 -24.76
N VAL H 31 -14.13 -26.25 -24.55
CA VAL H 31 -14.61 -27.00 -23.39
C VAL H 31 -13.99 -26.50 -22.10
N ARG H 32 -12.72 -26.12 -22.12
CA ARG H 32 -12.07 -25.59 -20.93
C ARG H 32 -12.69 -24.25 -20.51
N LEU H 33 -12.87 -23.34 -21.46
CA LEU H 33 -13.37 -22.01 -21.10
C LEU H 33 -14.85 -22.12 -20.70
N ALA H 34 -15.61 -22.99 -21.37
CA ALA H 34 -17.00 -23.28 -20.94
C ALA H 34 -17.05 -23.85 -19.53
N ALA H 35 -16.11 -24.74 -19.19
CA ALA H 35 -16.06 -25.32 -17.84
C ALA H 35 -15.83 -24.25 -16.78
N ASP H 36 -15.11 -23.18 -17.15
CA ASP H 36 -14.85 -22.08 -16.24
C ASP H 36 -16.00 -21.06 -16.22
N GLY H 37 -17.03 -21.30 -17.04
CA GLY H 37 -18.26 -20.51 -17.02
C GLY H 37 -18.55 -19.66 -18.23
N ALA H 38 -17.62 -19.58 -19.19
CA ALA H 38 -17.82 -18.77 -20.38
C ALA H 38 -18.80 -19.36 -21.37
N ASP H 39 -19.55 -18.51 -22.05
CA ASP H 39 -20.29 -18.89 -23.25
C ASP H 39 -19.35 -18.74 -24.45
N ILE H 40 -19.68 -19.40 -25.55
CA ILE H 40 -18.74 -19.59 -26.65
C ILE H 40 -19.32 -19.19 -28.01
N ILE H 41 -18.50 -18.50 -28.81
CA ILE H 41 -18.76 -18.27 -30.22
C ILE H 41 -17.67 -19.08 -30.95
N ALA H 42 -18.07 -20.17 -31.60
CA ALA H 42 -17.13 -21.16 -32.16
C ALA H 42 -17.23 -21.14 -33.65
N VAL H 43 -16.12 -20.99 -34.35
CA VAL H 43 -16.11 -21.05 -35.78
C VAL H 43 -15.07 -22.03 -36.30
N ASP H 44 -15.36 -22.65 -37.43
CA ASP H 44 -14.43 -23.54 -38.10
C ASP H 44 -14.77 -23.57 -39.59
N LEU H 45 -13.78 -23.81 -40.43
CA LEU H 45 -13.95 -23.93 -41.87
C LEU H 45 -14.84 -25.14 -42.20
N CYS H 46 -14.66 -26.25 -41.48
CA CYS H 46 -15.42 -27.47 -41.74
C CYS H 46 -15.35 -27.93 -43.20
N ASP H 47 -14.22 -27.75 -43.85
CA ASP H 47 -14.02 -28.08 -45.26
C ASP H 47 -12.52 -28.22 -45.49
N GLN H 48 -12.14 -28.76 -46.64
CA GLN H 48 -10.75 -29.11 -46.96
C GLN H 48 -10.07 -28.00 -47.74
N ILE H 49 -8.77 -27.83 -47.53
CA ILE H 49 -7.94 -26.98 -48.35
C ILE H 49 -6.98 -27.92 -49.08
N ALA H 50 -6.87 -27.75 -50.39
CA ALA H 50 -6.21 -28.75 -51.22
C ALA H 50 -4.73 -28.98 -50.93
N SER H 51 -4.04 -27.94 -50.48
CA SER H 51 -2.59 -28.04 -50.17
C SER H 51 -2.29 -28.74 -48.84
N VAL H 52 -3.33 -29.00 -48.04
CA VAL H 52 -3.17 -29.58 -46.73
C VAL H 52 -3.31 -31.07 -46.83
N PRO H 53 -2.23 -31.82 -46.53
CA PRO H 53 -2.24 -33.27 -46.85
C PRO H 53 -2.80 -34.17 -45.76
N TYR H 54 -3.68 -33.65 -44.93
CA TYR H 54 -4.37 -34.39 -43.90
C TYR H 54 -5.78 -33.76 -43.85
N PRO H 55 -6.77 -34.48 -43.31
CA PRO H 55 -8.11 -33.95 -43.33
C PRO H 55 -8.32 -32.83 -42.31
N LEU H 56 -8.99 -31.77 -42.77
CA LEU H 56 -9.45 -30.73 -41.88
C LEU H 56 -10.75 -31.18 -41.24
N ALA H 57 -11.32 -30.36 -40.35
CA ALA H 57 -12.51 -30.75 -39.61
C ALA H 57 -13.74 -30.90 -40.50
N THR H 58 -14.71 -31.69 -40.02
CA THR H 58 -16.02 -31.78 -40.67
C THR H 58 -17.08 -31.01 -39.93
N PRO H 59 -18.24 -30.76 -40.59
CA PRO H 59 -19.36 -30.15 -39.86
C PRO H 59 -19.80 -30.97 -38.65
N GLU H 60 -19.75 -32.29 -38.75
CA GLU H 60 -20.14 -33.18 -37.65
C GLU H 60 -19.24 -32.96 -36.42
N GLU H 61 -17.95 -32.70 -36.66
CA GLU H 61 -17.03 -32.43 -35.55
C GLU H 61 -17.39 -31.13 -34.84
N LEU H 62 -17.75 -30.08 -35.60
CA LEU H 62 -18.21 -28.85 -34.96
C LEU H 62 -19.48 -29.06 -34.17
N ALA H 63 -20.40 -29.88 -34.70
CA ALA H 63 -21.61 -30.19 -33.95
C ALA H 63 -21.30 -30.94 -32.64
N ALA H 64 -20.28 -31.80 -32.66
CA ALA H 64 -19.87 -32.52 -31.46
C ALA H 64 -19.29 -31.57 -30.41
N THR H 65 -18.48 -30.60 -30.84
CA THR H 65 -18.04 -29.55 -29.93
C THR H 65 -19.22 -28.80 -29.33
N VAL H 66 -20.20 -28.46 -30.13
CA VAL H 66 -21.41 -27.80 -29.63
C VAL H 66 -22.04 -28.62 -28.50
N LYS H 67 -22.25 -29.92 -28.73
CA LYS H 67 -22.83 -30.78 -27.71
C LYS H 67 -22.00 -30.86 -26.43
N LEU H 68 -20.68 -30.98 -26.57
CA LEU H 68 -19.78 -31.01 -25.40
C LEU H 68 -19.95 -29.75 -24.54
N VAL H 69 -20.02 -28.58 -25.20
CA VAL H 69 -20.16 -27.30 -24.51
C VAL H 69 -21.55 -27.14 -23.87
N GLU H 70 -22.58 -27.54 -24.60
CA GLU H 70 -23.96 -27.54 -24.07
C GLU H 70 -24.10 -28.41 -22.83
N ASP H 71 -23.46 -29.56 -22.85
CA ASP H 71 -23.53 -30.47 -21.71
C ASP H 71 -22.77 -29.99 -20.48
N ILE H 72 -21.79 -29.13 -20.68
CA ILE H 72 -21.11 -28.45 -19.59
C ILE H 72 -22.03 -27.38 -19.00
N GLY H 73 -22.97 -26.91 -19.81
CA GLY H 73 -23.97 -25.96 -19.35
C GLY H 73 -23.80 -24.54 -19.84
N SER H 74 -22.87 -24.31 -20.77
CA SER H 74 -22.74 -23.01 -21.38
C SER H 74 -23.57 -22.90 -22.65
N ARG H 75 -23.88 -21.66 -23.03
CA ARG H 75 -24.44 -21.37 -24.34
C ARG H 75 -23.33 -21.27 -25.36
N ILE H 76 -23.64 -21.72 -26.59
CA ILE H 76 -22.68 -21.68 -27.68
C ILE H 76 -23.39 -21.39 -29.00
N VAL H 77 -22.78 -20.51 -29.79
CA VAL H 77 -23.19 -20.21 -31.17
C VAL H 77 -22.04 -20.68 -32.06
N ALA H 78 -22.31 -21.67 -32.91
CA ALA H 78 -21.31 -22.24 -33.78
C ALA H 78 -21.67 -21.94 -35.22
N ARG H 79 -20.68 -21.56 -36.02
CA ARG H 79 -20.88 -21.29 -37.43
C ARG H 79 -19.72 -21.77 -38.25
N GLN H 80 -20.00 -22.20 -39.47
CA GLN H 80 -18.95 -22.46 -40.44
CA GLN H 80 -18.97 -22.44 -40.48
C GLN H 80 -18.44 -21.09 -40.93
N ALA H 81 -17.14 -20.89 -40.90
CA ALA H 81 -16.58 -19.64 -41.39
C ALA H 81 -15.13 -19.91 -41.75
N ASP H 82 -14.63 -19.14 -42.73
CA ASP H 82 -13.24 -19.25 -43.19
C ASP H 82 -12.48 -18.00 -42.71
N VAL H 83 -11.45 -18.18 -41.89
CA VAL H 83 -10.68 -17.02 -41.39
C VAL H 83 -10.02 -16.23 -42.49
N ARG H 84 -9.83 -16.82 -43.66
CA ARG H 84 -9.28 -16.11 -44.78
C ARG H 84 -10.20 -15.04 -45.36
N ASP H 85 -11.51 -15.17 -45.10
CA ASP H 85 -12.56 -14.33 -45.71
C ASP H 85 -13.08 -13.43 -44.59
N ARG H 86 -12.64 -12.18 -44.57
CA ARG H 86 -13.01 -11.29 -43.47
C ARG H 86 -14.53 -11.16 -43.32
N GLU H 87 -15.25 -11.02 -44.44
CA GLU H 87 -16.72 -10.92 -44.39
C GLU H 87 -17.40 -12.17 -43.81
N SER H 88 -16.96 -13.37 -44.21
CA SER H 88 -17.42 -14.65 -43.65
C SER H 88 -17.21 -14.64 -42.16
N LEU H 89 -15.98 -14.27 -41.76
CA LEU H 89 -15.64 -14.30 -40.34
C LEU H 89 -16.44 -13.28 -39.53
N SER H 90 -16.59 -12.07 -40.06
CA SER H 90 -17.35 -11.01 -39.42
C SER H 90 -18.81 -11.43 -39.21
N ALA H 91 -19.40 -12.00 -40.26
CA ALA H 91 -20.79 -12.46 -40.20
C ALA H 91 -20.97 -13.53 -39.14
N ALA H 92 -20.00 -14.43 -39.02
CA ALA H 92 -20.09 -15.53 -38.05
C ALA H 92 -20.01 -15.00 -36.61
N LEU H 93 -19.02 -14.12 -36.37
CA LEU H 93 -18.93 -13.44 -35.08
C LEU H 93 -20.22 -12.69 -34.77
N GLN H 94 -20.76 -11.98 -35.77
CA GLN H 94 -21.97 -11.20 -35.54
C GLN H 94 -23.16 -12.07 -35.12
N ALA H 95 -23.29 -13.24 -35.73
CA ALA H 95 -24.32 -14.21 -35.31
C ALA H 95 -24.17 -14.56 -33.84
N GLY H 96 -22.93 -14.69 -33.38
CA GLY H 96 -22.68 -14.89 -31.98
C GLY H 96 -23.00 -13.71 -31.08
N LEU H 97 -22.63 -12.52 -31.50
CA LEU H 97 -22.90 -11.31 -30.71
C LEU H 97 -24.39 -11.03 -30.62
N ASP H 98 -25.12 -11.34 -31.69
CA ASP H 98 -26.57 -11.13 -31.72
C ASP H 98 -27.31 -12.00 -30.71
N GLU H 99 -26.78 -13.18 -30.40
CA GLU H 99 -27.39 -14.07 -29.41
C GLU H 99 -26.85 -13.87 -27.99
N LEU H 100 -25.55 -13.60 -27.86
CA LEU H 100 -24.90 -13.58 -26.55
C LEU H 100 -24.63 -12.17 -26.01
N GLY H 101 -24.60 -11.17 -26.88
CA GLY H 101 -24.60 -9.76 -26.49
C GLY H 101 -23.30 -9.09 -26.06
N ARG H 102 -22.20 -9.83 -26.07
CA ARG H 102 -20.94 -9.26 -25.64
C ARG H 102 -19.77 -10.16 -26.10
N LEU H 103 -18.56 -9.64 -25.92
CA LEU H 103 -17.34 -10.39 -26.23
C LEU H 103 -16.25 -10.01 -25.24
N ASP H 104 -15.54 -11.00 -24.71
CA ASP H 104 -14.49 -10.75 -23.74
C ASP H 104 -13.13 -11.36 -24.09
N ILE H 105 -13.16 -12.49 -24.79
CA ILE H 105 -11.97 -13.31 -25.02
C ILE H 105 -11.95 -13.73 -26.48
N VAL H 106 -10.76 -13.68 -27.09
CA VAL H 106 -10.55 -14.13 -28.46
C VAL H 106 -9.39 -15.10 -28.46
N VAL H 107 -9.59 -16.27 -29.03
CA VAL H 107 -8.51 -17.28 -29.19
C VAL H 107 -8.36 -17.53 -30.69
N ALA H 108 -7.30 -17.00 -31.28
CA ALA H 108 -7.02 -17.08 -32.71
C ALA H 108 -6.23 -18.35 -32.95
N ASN H 109 -6.95 -19.47 -33.06
CA ASN H 109 -6.39 -20.82 -33.04
C ASN H 109 -6.36 -21.53 -34.40
N ALA H 110 -7.27 -21.19 -35.31
CA ALA H 110 -7.32 -21.88 -36.59
C ALA H 110 -5.98 -21.81 -37.27
N GLY H 111 -5.55 -22.93 -37.83
CA GLY H 111 -4.27 -23.02 -38.52
C GLY H 111 -4.16 -24.30 -39.32
N ILE H 112 -3.26 -24.26 -40.29
CA ILE H 112 -2.96 -25.37 -41.18
C ILE H 112 -1.47 -25.58 -41.30
N ALA H 113 -1.08 -26.79 -41.68
CA ALA H 113 0.29 -27.13 -41.96
C ALA H 113 0.39 -27.81 -43.33
N PRO H 114 0.26 -27.04 -44.42
CA PRO H 114 0.36 -27.63 -45.77
C PRO H 114 1.79 -28.09 -46.12
N MET H 115 1.88 -29.08 -46.98
CA MET H 115 3.15 -29.65 -47.44
C MET H 115 2.93 -30.31 -48.78
N SER H 116 3.99 -30.43 -49.55
CA SER H 116 3.98 -31.20 -50.81
C SER H 116 3.04 -30.62 -51.84
N ALA H 117 2.80 -29.33 -51.76
CA ALA H 117 1.91 -28.60 -52.67
C ALA H 117 2.63 -27.50 -53.43
N GLY H 118 3.95 -27.48 -53.41
CA GLY H 118 4.64 -26.39 -54.07
C GLY H 118 4.32 -25.07 -53.40
N ASP H 119 4.37 -23.99 -54.17
CA ASP H 119 4.12 -22.66 -53.62
C ASP H 119 2.68 -22.46 -53.18
N ASP H 120 1.74 -23.30 -53.63
CA ASP H 120 0.39 -23.21 -53.05
C ASP H 120 0.43 -23.38 -51.54
N GLY H 121 1.38 -24.18 -51.02
CA GLY H 121 1.54 -24.33 -49.58
C GLY H 121 1.99 -23.05 -48.90
N TRP H 122 2.89 -22.33 -49.55
CA TRP H 122 3.30 -21.00 -49.03
C TRP H 122 2.07 -20.07 -48.94
N HIS H 123 1.34 -19.95 -50.03
CA HIS H 123 0.25 -18.99 -50.08
C HIS H 123 -0.84 -19.35 -49.08
N ASP H 124 -1.20 -20.62 -49.02
CA ASP H 124 -2.25 -21.04 -48.13
C ASP H 124 -1.88 -20.87 -46.65
N VAL H 125 -0.64 -21.22 -46.28
CA VAL H 125 -0.27 -21.10 -44.89
C VAL H 125 -0.16 -19.65 -44.46
N ILE H 126 0.31 -18.76 -45.33
CA ILE H 126 0.29 -17.33 -44.98
C ILE H 126 -1.17 -16.85 -44.84
N ASP H 127 -2.02 -17.28 -45.76
CA ASP H 127 -3.39 -16.80 -45.78
CA ASP H 127 -3.41 -16.83 -45.79
C ASP H 127 -4.15 -17.25 -44.52
N VAL H 128 -4.03 -18.51 -44.12
CA VAL H 128 -4.75 -18.97 -42.94
C VAL H 128 -4.04 -18.54 -41.66
N ASN H 129 -2.74 -18.82 -41.56
CA ASN H 129 -2.06 -18.68 -40.28
C ASN H 129 -1.62 -17.28 -39.93
N LEU H 130 -1.52 -16.38 -40.93
CA LEU H 130 -1.14 -15.00 -40.68
C LEU H 130 -2.32 -14.07 -40.97
N THR H 131 -2.76 -14.00 -42.22
CA THR H 131 -3.89 -13.17 -42.57
C THR H 131 -5.12 -13.58 -41.77
N GLY H 132 -5.34 -14.87 -41.58
CA GLY H 132 -6.52 -15.32 -40.83
C GLY H 132 -6.50 -14.89 -39.39
N VAL H 133 -5.29 -14.81 -38.80
CA VAL H 133 -5.14 -14.32 -37.42
C VAL H 133 -5.40 -12.82 -37.39
N TYR H 134 -4.84 -12.06 -38.32
CA TYR H 134 -5.15 -10.63 -38.46
C TYR H 134 -6.67 -10.42 -38.57
N HIS H 135 -7.35 -11.19 -39.42
CA HIS H 135 -8.80 -10.98 -39.54
C HIS H 135 -9.54 -11.26 -38.22
N THR H 136 -9.11 -12.26 -37.49
CA THR H 136 -9.75 -12.65 -36.21
C THR H 136 -9.62 -11.51 -35.20
N ILE H 137 -8.45 -10.90 -35.14
CA ILE H 137 -8.24 -9.72 -34.28
C ILE H 137 -9.11 -8.55 -34.73
N LYS H 138 -9.05 -8.25 -36.01
CA LYS H 138 -9.69 -7.07 -36.57
C LYS H 138 -11.20 -7.10 -36.37
N VAL H 139 -11.84 -8.25 -36.57
CA VAL H 139 -13.31 -8.32 -36.43
C VAL H 139 -13.78 -8.24 -34.97
N ALA H 140 -12.92 -8.57 -34.01
CA ALA H 140 -13.26 -8.57 -32.61
C ALA H 140 -13.05 -7.21 -31.90
N ILE H 141 -12.09 -6.40 -32.36
CA ILE H 141 -11.74 -5.15 -31.71
C ILE H 141 -12.91 -4.17 -31.49
N PRO H 142 -13.78 -3.99 -32.50
CA PRO H 142 -14.80 -2.96 -32.30
C PRO H 142 -15.67 -3.23 -31.07
N THR H 143 -16.08 -4.49 -30.88
CA THR H 143 -16.86 -4.86 -29.72
C THR H 143 -16.10 -4.65 -28.40
N LEU H 144 -14.85 -5.11 -28.33
CA LEU H 144 -14.03 -4.96 -27.13
C LEU H 144 -13.83 -3.49 -26.76
N VAL H 145 -13.60 -2.65 -27.76
CA VAL H 145 -13.34 -1.24 -27.47
C VAL H 145 -14.65 -0.52 -27.05
N LYS H 146 -15.75 -0.79 -27.74
CA LYS H 146 -17.02 -0.12 -27.45
C LYS H 146 -17.49 -0.48 -26.02
N GLN H 147 -17.28 -1.72 -25.61
CA GLN H 147 -17.70 -2.14 -24.26
C GLN H 147 -16.95 -1.42 -23.17
N GLY H 148 -15.66 -1.20 -23.37
CA GLY H 148 -14.83 -0.49 -22.39
C GLY H 148 -14.56 -1.25 -21.09
N THR H 149 -14.60 -2.58 -21.11
CA THR H 149 -14.37 -3.37 -19.89
C THR H 149 -13.12 -4.25 -20.06
N GLY H 150 -12.28 -3.96 -21.04
CA GLY H 150 -11.07 -4.78 -21.24
C GLY H 150 -11.38 -6.11 -21.90
N GLY H 151 -10.37 -7.00 -21.90
CA GLY H 151 -10.54 -8.29 -22.44
C GLY H 151 -9.21 -8.94 -22.71
N SER H 152 -9.28 -10.09 -23.38
CA SER H 152 -8.07 -10.87 -23.70
C SER H 152 -8.11 -11.32 -25.13
N ILE H 153 -6.97 -11.17 -25.80
CA ILE H 153 -6.74 -11.73 -27.12
C ILE H 153 -5.54 -12.65 -27.05
N VAL H 154 -5.75 -13.92 -27.38
CA VAL H 154 -4.72 -14.93 -27.32
C VAL H 154 -4.43 -15.43 -28.73
N LEU H 155 -3.19 -15.30 -29.21
CA LEU H 155 -2.83 -15.71 -30.54
C LEU H 155 -2.02 -17.02 -30.45
N ILE H 156 -2.41 -18.04 -31.19
CA ILE H 156 -1.70 -19.34 -31.19
C ILE H 156 -0.63 -19.34 -32.26
N SER H 157 0.62 -19.24 -31.78
CA SER H 157 1.81 -19.34 -32.64
C SER H 157 2.32 -20.77 -32.58
N SER H 158 3.61 -21.00 -32.34
CA SER H 158 4.28 -22.31 -32.39
C SER H 158 5.70 -22.10 -31.98
N SER H 159 6.43 -23.16 -31.66
CA SER H 159 7.87 -23.07 -31.59
C SER H 159 8.49 -22.41 -32.85
N ALA H 160 7.86 -22.68 -33.99
CA ALA H 160 8.28 -22.14 -35.25
C ALA H 160 8.02 -20.65 -35.44
N GLY H 161 7.37 -20.01 -34.49
CA GLY H 161 7.29 -18.56 -34.46
C GLY H 161 8.40 -17.87 -33.75
N LEU H 162 9.33 -18.64 -33.13
CA LEU H 162 10.49 -18.08 -32.44
C LEU H 162 11.79 -18.78 -32.78
N ALA H 163 11.73 -19.83 -33.56
CA ALA H 163 12.90 -20.59 -33.97
C ALA H 163 12.77 -21.04 -35.41
N GLY H 164 13.91 -21.24 -36.06
CA GLY H 164 13.96 -21.65 -37.44
C GLY H 164 13.87 -23.15 -37.61
N VAL H 165 12.73 -23.71 -37.24
CA VAL H 165 12.49 -25.14 -37.31
CA VAL H 165 12.45 -25.13 -37.27
C VAL H 165 11.53 -25.42 -38.45
N GLY H 166 12.01 -26.24 -39.37
CA GLY H 166 11.19 -26.60 -40.54
C GLY H 166 12.05 -27.25 -41.61
N SER H 167 11.42 -27.63 -42.70
CA SER H 167 12.08 -28.17 -43.86
C SER H 167 12.01 -27.19 -45.01
N ALA H 168 12.59 -27.54 -46.14
CA ALA H 168 12.62 -26.63 -47.27
C ALA H 168 11.28 -26.52 -48.04
N ASP H 169 10.29 -27.32 -47.71
CA ASP H 169 9.00 -27.25 -48.39
C ASP H 169 8.44 -25.82 -48.25
N PRO H 170 7.90 -25.21 -49.33
CA PRO H 170 7.25 -23.89 -49.23
C PRO H 170 6.23 -23.76 -48.11
N GLY H 171 5.47 -24.82 -47.85
CA GLY H 171 4.53 -24.78 -46.76
C GLY H 171 5.17 -24.76 -45.38
N SER H 172 6.35 -25.36 -45.26
CA SER H 172 7.09 -25.38 -44.00
C SER H 172 7.77 -24.05 -43.69
N VAL H 173 8.52 -23.53 -44.64
CA VAL H 173 9.11 -22.19 -44.48
C VAL H 173 7.98 -21.15 -44.31
N GLY H 174 6.85 -21.33 -44.99
CA GLY H 174 5.72 -20.46 -44.78
C GLY H 174 5.11 -20.56 -43.40
N TYR H 175 5.08 -21.77 -42.83
CA TYR H 175 4.62 -21.94 -41.47
C TYR H 175 5.52 -21.15 -40.49
N VAL H 176 6.84 -21.27 -40.64
CA VAL H 176 7.77 -20.49 -39.83
C VAL H 176 7.49 -18.99 -40.01
N ALA H 177 7.37 -18.54 -41.27
CA ALA H 177 7.17 -17.10 -41.54
C ALA H 177 5.85 -16.65 -40.96
N ALA H 178 4.78 -17.40 -41.12
CA ALA H 178 3.47 -17.02 -40.59
C ALA H 178 3.48 -16.99 -39.08
N LYS H 179 4.04 -18.02 -38.44
CA LYS H 179 4.02 -18.08 -36.98
C LYS H 179 4.93 -17.00 -36.36
N HIS H 180 6.02 -16.60 -37.05
CA HIS H 180 6.79 -15.41 -36.63
C HIS H 180 5.93 -14.16 -36.78
N GLY H 181 5.23 -14.05 -37.89
CA GLY H 181 4.34 -12.93 -38.11
C GLY H 181 3.29 -12.79 -37.03
N VAL H 182 2.78 -13.91 -36.56
CA VAL H 182 1.83 -13.90 -35.42
C VAL H 182 2.41 -13.21 -34.19
N VAL H 183 3.68 -13.48 -33.89
CA VAL H 183 4.36 -12.77 -32.78
C VAL H 183 4.35 -11.26 -33.04
N GLY H 184 4.62 -10.84 -34.27
CA GLY H 184 4.52 -9.42 -34.64
C GLY H 184 3.14 -8.84 -34.36
N LEU H 185 2.09 -9.52 -34.82
CA LEU H 185 0.72 -9.12 -34.51
C LEU H 185 0.51 -8.97 -33.03
N MET H 186 0.98 -9.93 -32.25
CA MET H 186 0.83 -9.87 -30.79
C MET H 186 1.48 -8.61 -30.24
N ARG H 187 2.71 -8.32 -30.67
CA ARG H 187 3.47 -7.25 -30.06
C ARG H 187 2.83 -5.90 -30.39
N VAL H 188 2.44 -5.70 -31.64
CA VAL H 188 1.87 -4.41 -32.03
C VAL H 188 0.48 -4.23 -31.43
N TYR H 189 -0.37 -5.26 -31.45
CA TYR H 189 -1.68 -5.16 -30.84
C TYR H 189 -1.64 -5.03 -29.31
N ALA H 190 -0.67 -5.64 -28.64
CA ALA H 190 -0.56 -5.44 -27.20
C ALA H 190 -0.28 -3.97 -26.95
N ASN H 191 0.50 -3.29 -27.78
CA ASN H 191 0.78 -1.86 -27.59
C ASN H 191 -0.44 -1.02 -27.97
N LEU H 192 -1.07 -1.33 -29.10
CA LEU H 192 -2.24 -0.52 -29.56
C LEU H 192 -3.44 -0.61 -28.60
N LEU H 193 -3.60 -1.74 -27.93
CA LEU H 193 -4.79 -2.00 -27.13
C LEU H 193 -4.57 -1.88 -25.63
N ALA H 194 -3.34 -1.62 -25.20
CA ALA H 194 -3.05 -1.62 -23.76
C ALA H 194 -3.90 -0.59 -23.03
N GLY H 195 -4.08 0.56 -23.66
CA GLY H 195 -4.87 1.66 -23.07
C GLY H 195 -6.30 1.29 -22.80
N GLN H 196 -6.84 0.33 -23.58
CA GLN H 196 -8.18 -0.19 -23.39
C GLN H 196 -8.25 -1.37 -22.42
N MET H 197 -7.13 -1.68 -21.75
CA MET H 197 -7.03 -2.83 -20.84
C MET H 197 -7.35 -4.18 -21.53
N ILE H 198 -6.99 -4.27 -22.80
CA ILE H 198 -7.11 -5.51 -23.56
C ILE H 198 -5.71 -6.13 -23.63
N ARG H 199 -5.59 -7.30 -23.03
CA ARG H 199 -4.30 -8.02 -23.03
C ARG H 199 -4.18 -8.78 -24.31
N VAL H 200 -2.96 -8.80 -24.88
CA VAL H 200 -2.64 -9.57 -26.09
C VAL H 200 -1.35 -10.34 -25.86
N ASN H 201 -1.42 -11.65 -26.01
CA ASN H 201 -0.28 -12.54 -25.82
C ASN H 201 -0.30 -13.66 -26.86
N SER H 202 0.85 -14.34 -27.04
CA SER H 202 0.94 -15.47 -27.95
C SER H 202 1.38 -16.70 -27.19
N ILE H 203 0.84 -17.85 -27.61
CA ILE H 203 1.15 -19.15 -27.06
C ILE H 203 1.97 -19.92 -28.07
N HIS H 204 3.01 -20.61 -27.58
CA HIS H 204 3.96 -21.31 -28.47
C HIS H 204 4.08 -22.78 -28.08
N PRO H 205 3.11 -23.61 -28.52
CA PRO H 205 3.28 -25.05 -28.30
C PRO H 205 4.35 -25.61 -29.22
N SER H 206 5.02 -26.64 -28.73
N SER H 206 4.90 -26.78 -28.88
CA SER H 206 5.73 -27.54 -29.58
CA SER H 206 5.88 -27.49 -29.74
C SER H 206 4.59 -28.48 -29.97
C SER H 206 5.23 -28.61 -30.57
N GLY H 207 4.86 -29.74 -29.95
CA GLY H 207 3.98 -30.71 -30.59
C GLY H 207 2.82 -30.98 -29.68
N VAL H 208 1.63 -31.10 -30.28
CA VAL H 208 0.38 -31.35 -29.53
C VAL H 208 -0.38 -32.46 -30.26
N GLU H 209 -0.95 -33.40 -29.49
CA GLU H 209 -1.63 -34.55 -30.08
C GLU H 209 -2.98 -34.12 -30.66
N THR H 210 -2.94 -33.82 -31.95
CA THR H 210 -4.13 -33.48 -32.75
C THR H 210 -3.95 -34.00 -34.18
N PRO H 211 -5.02 -33.94 -35.00
CA PRO H 211 -4.89 -34.43 -36.36
C PRO H 211 -3.97 -33.59 -37.26
N MET H 212 -3.44 -32.46 -36.77
CA MET H 212 -2.43 -31.76 -37.56
C MET H 212 -1.14 -32.57 -37.66
N ILE H 213 -0.84 -33.36 -36.62
CA ILE H 213 0.34 -34.24 -36.64
C ILE H 213 0.04 -35.74 -36.63
N ASN H 214 -1.12 -36.14 -36.12
CA ASN H 214 -1.52 -37.56 -36.09
C ASN H 214 -2.34 -37.84 -37.36
N ASN H 215 -1.63 -38.13 -38.44
CA ASN H 215 -2.24 -38.34 -39.74
C ASN H 215 -1.31 -39.18 -40.62
N GLU H 216 -1.84 -39.65 -41.74
CA GLU H 216 -1.10 -40.59 -42.57
C GLU H 216 0.09 -39.96 -43.26
N PHE H 217 -0.04 -38.71 -43.66
CA PHE H 217 1.10 -38.00 -44.25
C PHE H 217 2.28 -38.03 -43.30
N THR H 218 2.03 -37.69 -42.04
CA THR H 218 3.08 -37.68 -41.02
C THR H 218 3.61 -39.09 -40.76
N ARG H 219 2.72 -40.09 -40.68
CA ARG H 219 3.15 -41.49 -40.53
C ARG H 219 3.97 -42.02 -41.70
N GLU H 220 3.64 -41.55 -42.91
CA GLU H 220 4.31 -42.03 -44.12
C GLU H 220 5.79 -41.65 -44.10
N TRP H 221 6.10 -40.44 -43.63
CA TRP H 221 7.47 -40.05 -43.30
C TRP H 221 7.94 -40.79 -42.03
N GLU H 242 5.85 -38.11 -26.24
CA GLU H 242 6.71 -37.15 -26.93
C GLU H 242 5.99 -35.86 -27.30
N VAL H 243 4.70 -35.74 -27.00
CA VAL H 243 3.94 -34.54 -27.34
C VAL H 243 2.93 -34.21 -26.25
N LEU H 244 2.48 -32.96 -26.26
CA LEU H 244 1.57 -32.47 -25.25
C LEU H 244 0.13 -32.81 -25.61
N ALA H 245 -0.74 -32.74 -24.61
CA ALA H 245 -2.19 -32.88 -24.83
C ALA H 245 -2.77 -31.53 -25.17
N PRO H 246 -3.83 -31.51 -26.00
CA PRO H 246 -4.53 -30.24 -26.21
C PRO H 246 -4.90 -29.53 -24.90
N GLU H 247 -5.27 -30.31 -23.88
CA GLU H 247 -5.62 -29.74 -22.58
C GLU H 247 -4.48 -28.94 -21.98
N ASP H 248 -3.22 -29.31 -22.25
CA ASP H 248 -2.11 -28.56 -21.68
C ASP H 248 -2.08 -27.13 -22.25
N VAL H 249 -2.37 -26.97 -23.53
CA VAL H 249 -2.44 -25.67 -24.16
C VAL H 249 -3.66 -24.88 -23.66
N ALA H 250 -4.82 -25.56 -23.58
CA ALA H 250 -6.02 -24.96 -23.06
C ALA H 250 -5.85 -24.49 -21.61
N ASN H 251 -5.08 -25.23 -20.82
CA ASN H 251 -4.83 -24.83 -19.44
C ASN H 251 -4.08 -23.50 -19.39
N ALA H 252 -3.09 -23.34 -20.26
CA ALA H 252 -2.38 -22.06 -20.30
C ALA H 252 -3.27 -20.89 -20.69
N VAL H 253 -4.07 -21.07 -21.72
CA VAL H 253 -4.98 -20.02 -22.16
C VAL H 253 -6.02 -19.70 -21.06
N ALA H 254 -6.56 -20.72 -20.41
CA ALA H 254 -7.53 -20.49 -19.34
C ALA H 254 -6.94 -19.63 -18.23
N TRP H 255 -5.65 -19.82 -17.93
CA TRP H 255 -4.97 -18.99 -16.94
CA TRP H 255 -5.04 -19.00 -16.93
C TRP H 255 -4.86 -17.56 -17.44
N LEU H 256 -4.33 -17.40 -18.64
CA LEU H 256 -4.07 -16.07 -19.20
C LEU H 256 -5.30 -15.17 -19.24
N VAL H 257 -6.47 -15.76 -19.54
CA VAL H 257 -7.69 -14.94 -19.71
C VAL H 257 -8.41 -14.71 -18.39
N SER H 258 -7.90 -15.31 -17.31
CA SER H 258 -8.48 -15.13 -15.97
C SER H 258 -7.91 -13.90 -15.25
N ASP H 259 -8.54 -13.51 -14.14
CA ASP H 259 -8.05 -12.36 -13.38
C ASP H 259 -6.72 -12.65 -12.69
N GLN H 260 -6.34 -13.93 -12.60
CA GLN H 260 -5.05 -14.35 -12.06
C GLN H 260 -3.88 -13.90 -12.98
N ALA H 261 -4.23 -13.51 -14.21
CA ALA H 261 -3.23 -13.02 -15.19
C ALA H 261 -3.66 -11.67 -15.73
N ARG H 262 -4.33 -10.87 -14.92
CA ARG H 262 -4.92 -9.61 -15.36
C ARG H 262 -3.94 -8.58 -15.96
N TYR H 263 -2.66 -8.63 -15.54
CA TYR H 263 -1.64 -7.68 -16.01
C TYR H 263 -0.56 -8.32 -16.85
N ILE H 264 -0.88 -9.47 -17.44
CA ILE H 264 0.05 -10.15 -18.37
CA ILE H 264 0.07 -10.12 -18.36
C ILE H 264 -0.29 -9.74 -19.79
N THR H 265 0.59 -9.01 -20.45
CA THR H 265 0.38 -8.62 -21.82
C THR H 265 1.74 -8.44 -22.53
N GLY H 266 1.75 -8.65 -23.85
CA GLY H 266 2.96 -8.51 -24.64
C GLY H 266 3.93 -9.68 -24.56
N VAL H 267 3.43 -10.83 -24.07
CA VAL H 267 4.28 -11.99 -23.80
C VAL H 267 4.13 -13.05 -24.85
N THR H 268 5.30 -13.64 -25.19
CA THR H 268 5.35 -14.93 -25.90
C THR H 268 5.54 -16.05 -24.87
N LEU H 269 4.55 -16.94 -24.73
CA LEU H 269 4.55 -17.99 -23.71
C LEU H 269 4.74 -19.36 -24.35
N PRO H 270 5.93 -19.94 -24.23
CA PRO H 270 6.13 -21.31 -24.66
C PRO H 270 5.39 -22.29 -23.75
N VAL H 271 4.70 -23.25 -24.37
CA VAL H 271 4.08 -24.37 -23.66
C VAL H 271 4.63 -25.61 -24.38
N ASP H 272 5.81 -26.05 -23.96
CA ASP H 272 6.68 -26.83 -24.85
C ASP H 272 7.66 -27.79 -24.20
N ALA H 273 7.50 -27.99 -22.90
CA ALA H 273 8.37 -28.90 -22.16
C ALA H 273 9.84 -28.61 -22.37
N GLY H 274 10.17 -27.34 -22.58
CA GLY H 274 11.55 -26.86 -22.70
C GLY H 274 12.13 -26.78 -24.09
N PHE H 275 11.31 -27.04 -25.12
CA PHE H 275 11.80 -27.08 -26.48
C PHE H 275 12.60 -25.83 -26.89
N LEU H 276 12.03 -24.65 -26.65
CA LEU H 276 12.67 -23.41 -27.07
C LEU H 276 13.90 -23.06 -26.22
N ASN H 277 14.08 -23.71 -25.07
CA ASN H 277 15.29 -23.49 -24.27
C ASN H 277 16.45 -24.40 -24.76
#